data_6WSQ
# 
_entry.id   6WSQ 
# 
_audit_conform.dict_name       mmcif_pdbx.dic 
_audit_conform.dict_version    5.380 
_audit_conform.dict_location   http://mmcif.pdb.org/dictionaries/ascii/mmcif_pdbx.dic 
# 
loop_
_database_2.database_id 
_database_2.database_code 
_database_2.pdbx_database_accession 
_database_2.pdbx_DOI 
PDB   6WSQ         pdb_00006wsq 10.2210/pdb6wsq/pdb 
WWPDB D_1000248898 ?            ?                   
# 
_pdbx_database_status.status_code                     REL 
_pdbx_database_status.status_code_sf                  REL 
_pdbx_database_status.status_code_mr                  ? 
_pdbx_database_status.entry_id                        6WSQ 
_pdbx_database_status.recvd_initial_deposition_date   2020-05-01 
_pdbx_database_status.SG_entry                        N 
_pdbx_database_status.deposit_site                    RCSB 
_pdbx_database_status.process_site                    RCSB 
_pdbx_database_status.status_code_cs                  ? 
_pdbx_database_status.status_code_nmr_data            ? 
_pdbx_database_status.methods_development_category    ? 
_pdbx_database_status.pdb_format_compatible           Y 
# 
loop_
_audit_author.name 
_audit_author.pdbx_ordinal 
_audit_author.identifier_ORCID 
'Simmons, C.R.'      1 0000-0002-2290-6132 
'MacCulloch, T.'     2 0000-0001-5875-3361 
'Stephanopoulos, N.' 3 0000-0001-7859-410X 
'Yan, H.'            4 0000-0001-7397-9852 
# 
_citation.abstract                  ? 
_citation.abstract_id_CAS           ? 
_citation.book_id_ISBN              ? 
_citation.book_publisher            ? 
_citation.book_publisher_city       ? 
_citation.book_title                ? 
_citation.coordinate_linkage        ? 
_citation.country                   UK 
_citation.database_id_Medline       ? 
_citation.details                   ? 
_citation.id                        primary 
_citation.journal_abbrev            'Nat Commun' 
_citation.journal_id_ASTM           ? 
_citation.journal_id_CSD            ? 
_citation.journal_id_ISSN           2041-1723 
_citation.journal_full              ? 
_citation.journal_issue             ? 
_citation.journal_volume            13 
_citation.language                  ? 
_citation.page_first                3112 
_citation.page_last                 3112 
_citation.title                     'The influence of Holliday junction sequence and dynamics on DNA crystal self-assembly.' 
_citation.year                      2022 
_citation.database_id_CSD           ? 
_citation.pdbx_database_id_DOI      10.1038/s41467-022-30779-6 
_citation.pdbx_database_id_PubMed   35662248 
_citation.unpublished_flag          ? 
# 
loop_
_citation_author.citation_id 
_citation_author.name 
_citation_author.ordinal 
_citation_author.identifier_ORCID 
primary 'Simmons, C.R.'      1  ?                   
primary 'MacCulloch, T.'     2  ?                   
primary 'Krepl, M.'          3  0000-0002-9833-4281 
primary 'Matthies, M.'       4  ?                   
primary 'Buchberger, A.'     5  ?                   
primary 'Crawford, I.'       6  ?                   
primary 'Sponer, J.'         7  0000-0001-6558-6186 
primary 'Sulc, P.'           8  0000-0003-1565-6769 
primary 'Stephanopoulos, N.' 9  0000-0001-7859-410X 
primary 'Yan, H.'            10 0000-0001-7397-9852 
# 
_cell.angle_alpha                  90.000 
_cell.angle_alpha_esd              ? 
_cell.angle_beta                   90.000 
_cell.angle_beta_esd               ? 
_cell.angle_gamma                  120.000 
_cell.angle_gamma_esd              ? 
_cell.entry_id                     6WSQ 
_cell.details                      ? 
_cell.formula_units_Z              ? 
_cell.length_a                     68.820 
_cell.length_a_esd                 ? 
_cell.length_b                     68.820 
_cell.length_b_esd                 ? 
_cell.length_c                     62.024 
_cell.length_c_esd                 ? 
_cell.volume                       ? 
_cell.volume_esd                   ? 
_cell.Z_PDB                        6 
_cell.reciprocal_angle_alpha       ? 
_cell.reciprocal_angle_beta        ? 
_cell.reciprocal_angle_gamma       ? 
_cell.reciprocal_angle_alpha_esd   ? 
_cell.reciprocal_angle_beta_esd    ? 
_cell.reciprocal_angle_gamma_esd   ? 
_cell.reciprocal_length_a          ? 
_cell.reciprocal_length_b          ? 
_cell.reciprocal_length_c          ? 
_cell.reciprocal_length_a_esd      ? 
_cell.reciprocal_length_b_esd      ? 
_cell.reciprocal_length_c_esd      ? 
_cell.pdbx_unique_axis             ? 
# 
_symmetry.entry_id                         6WSQ 
_symmetry.cell_setting                     ? 
_symmetry.Int_Tables_number                154 
_symmetry.space_group_name_Hall            ? 
_symmetry.space_group_name_H-M             'P 32 2 1' 
_symmetry.pdbx_full_space_group_name_H-M   ? 
# 
loop_
_entity.id 
_entity.type 
_entity.src_method 
_entity.pdbx_description 
_entity.formula_weight 
_entity.pdbx_number_of_molecules 
_entity.pdbx_ec 
_entity.pdbx_mutation 
_entity.pdbx_fragment 
_entity.details 
1 polymer     syn 
;DNA (5'-D(*GP*AP*GP*CP*AP*GP*AP*CP*CP*TP*GP*AP*CP*TP*CP*CP*AP*CP*TP*CP*A)-3')
;
6377.138 1 ? ? ? ? 
2 polymer     syn 
;DNA (5'-D(P*AP*GP*TP*CP*A)-3')
;
1504.037 1 ? ? ? ? 
3 polymer     syn 
;DNA (5'-D(*TP*CP*TP*GP*AP*GP*TP*GP*G)-3')
;
2786.833 1 ? ? ? ? 
4 polymer     syn 
;DNA (5'-D(P*GP*GP*TP*CP*TP*GP*C)-3')
;
2129.409 1 ? ? ? ? 
5 non-polymer syn 'CACODYLATE ION'                                                                136.989  1 ? ? ? ? 
# 
loop_
_entity_poly.entity_id 
_entity_poly.type 
_entity_poly.nstd_linkage 
_entity_poly.nstd_monomer 
_entity_poly.pdbx_seq_one_letter_code 
_entity_poly.pdbx_seq_one_letter_code_can 
_entity_poly.pdbx_strand_id 
_entity_poly.pdbx_target_identifier 
1 polydeoxyribonucleotide no no 
;(DG)(DA)(DG)(DC)(DA)(DG)(DA)(DC)(DC)(DT)(DG)(DA)(DC)(DT)(DC)(DC)(DA)(DC)(DT)(DC)
(DA)
;
GAGCAGACCTGACTCCACTCA A ? 
2 polydeoxyribonucleotide no no '(DA)(DG)(DT)(DC)(DA)'                                                                  AGTCA B ? 
3 polydeoxyribonucleotide no no '(DT)(DC)(DT)(DG)(DA)(DG)(DT)(DG)(DG)'                                                  TCTGAGTGG 
C ? 
4 polydeoxyribonucleotide no no '(DG)(DG)(DT)(DC)(DT)(DG)(DC)'                                                          GGTCTGC D 
? 
# 
loop_
_entity_poly_seq.entity_id 
_entity_poly_seq.num 
_entity_poly_seq.mon_id 
_entity_poly_seq.hetero 
1 1  DG n 
1 2  DA n 
1 3  DG n 
1 4  DC n 
1 5  DA n 
1 6  DG n 
1 7  DA n 
1 8  DC n 
1 9  DC n 
1 10 DT n 
1 11 DG n 
1 12 DA n 
1 13 DC n 
1 14 DT n 
1 15 DC n 
1 16 DC n 
1 17 DA n 
1 18 DC n 
1 19 DT n 
1 20 DC n 
1 21 DA n 
2 1  DA n 
2 2  DG n 
2 3  DT n 
2 4  DC n 
2 5  DA n 
3 1  DT n 
3 2  DC n 
3 3  DT n 
3 4  DG n 
3 5  DA n 
3 6  DG n 
3 7  DT n 
3 8  DG n 
3 9  DG n 
4 1  DG n 
4 2  DG n 
4 3  DT n 
4 4  DC n 
4 5  DT n 
4 6  DG n 
4 7  DC n 
# 
loop_
_pdbx_entity_src_syn.entity_id 
_pdbx_entity_src_syn.pdbx_src_id 
_pdbx_entity_src_syn.pdbx_alt_source_flag 
_pdbx_entity_src_syn.pdbx_beg_seq_num 
_pdbx_entity_src_syn.pdbx_end_seq_num 
_pdbx_entity_src_syn.organism_scientific 
_pdbx_entity_src_syn.organism_common_name 
_pdbx_entity_src_syn.ncbi_taxonomy_id 
_pdbx_entity_src_syn.details 
1 1 sample 1 21 'synthetic construct' ? 32630 ? 
2 1 sample 1 5  'synthetic construct' ? 32630 ? 
3 1 sample 1 9  'synthetic construct' ? 32630 ? 
4 1 sample 1 7  'synthetic construct' ? 32630 ? 
# 
loop_
_struct_ref.id 
_struct_ref.db_name 
_struct_ref.db_code 
_struct_ref.pdbx_db_accession 
_struct_ref.pdbx_db_isoform 
_struct_ref.entity_id 
_struct_ref.pdbx_seq_one_letter_code 
_struct_ref.pdbx_align_begin 
1 PDB 6WSQ 6WSQ ? 1 ? 1 
2 PDB 6WSQ 6WSQ ? 2 ? 1 
3 PDB 6WSQ 6WSQ ? 3 ? 1 
4 PDB 6WSQ 6WSQ ? 4 ? 1 
# 
loop_
_struct_ref_seq.align_id 
_struct_ref_seq.ref_id 
_struct_ref_seq.pdbx_PDB_id_code 
_struct_ref_seq.pdbx_strand_id 
_struct_ref_seq.seq_align_beg 
_struct_ref_seq.pdbx_seq_align_beg_ins_code 
_struct_ref_seq.seq_align_end 
_struct_ref_seq.pdbx_seq_align_end_ins_code 
_struct_ref_seq.pdbx_db_accession 
_struct_ref_seq.db_align_beg 
_struct_ref_seq.pdbx_db_align_beg_ins_code 
_struct_ref_seq.db_align_end 
_struct_ref_seq.pdbx_db_align_end_ins_code 
_struct_ref_seq.pdbx_auth_seq_align_beg 
_struct_ref_seq.pdbx_auth_seq_align_end 
1 1 6WSQ A 1 ? 21 ? 6WSQ 1  ? 21 ? 1  21 
2 2 6WSQ B 1 ? 5  ? 6WSQ 1  ? 5  ? 1  5  
3 3 6WSQ C 1 ? 9  ? 6WSQ 1  ? 9  ? 1  9  
4 4 6WSQ D 1 ? 7  ? 6WSQ 10 ? 16 ? 10 16 
# 
loop_
_chem_comp.id 
_chem_comp.type 
_chem_comp.mon_nstd_flag 
_chem_comp.name 
_chem_comp.pdbx_synonyms 
_chem_comp.formula 
_chem_comp.formula_weight 
CAC non-polymer   . 'CACODYLATE ION'                     dimethylarsinate 'C2 H6 As O2 -1'  136.989 
DA  'DNA linking' y "2'-DEOXYADENOSINE-5'-MONOPHOSPHATE" ?                'C10 H14 N5 O6 P' 331.222 
DC  'DNA linking' y "2'-DEOXYCYTIDINE-5'-MONOPHOSPHATE"  ?                'C9 H14 N3 O7 P'  307.197 
DG  'DNA linking' y "2'-DEOXYGUANOSINE-5'-MONOPHOSPHATE" ?                'C10 H14 N5 O7 P' 347.221 
DT  'DNA linking' y "THYMIDINE-5'-MONOPHOSPHATE"         ?                'C10 H15 N2 O8 P' 322.208 
# 
_exptl.absorpt_coefficient_mu     ? 
_exptl.absorpt_correction_T_max   ? 
_exptl.absorpt_correction_T_min   ? 
_exptl.absorpt_correction_type    ? 
_exptl.absorpt_process_details    ? 
_exptl.entry_id                   6WSQ 
_exptl.crystals_number            1 
_exptl.details                    ? 
_exptl.method                     'X-RAY DIFFRACTION' 
_exptl.method_details             ? 
# 
_exptl_crystal.colour                      ? 
_exptl_crystal.density_diffrn              ? 
_exptl_crystal.density_Matthews            3.31 
_exptl_crystal.density_method              ? 
_exptl_crystal.density_percent_sol         62.88 
_exptl_crystal.description                 ? 
_exptl_crystal.F_000                       ? 
_exptl_crystal.id                          1 
_exptl_crystal.preparation                 ? 
_exptl_crystal.size_max                    ? 
_exptl_crystal.size_mid                    ? 
_exptl_crystal.size_min                    ? 
_exptl_crystal.size_rad                    ? 
_exptl_crystal.colour_lustre               ? 
_exptl_crystal.colour_modifier             ? 
_exptl_crystal.colour_primary              ? 
_exptl_crystal.density_meas                ? 
_exptl_crystal.density_meas_esd            ? 
_exptl_crystal.density_meas_gt             ? 
_exptl_crystal.density_meas_lt             ? 
_exptl_crystal.density_meas_temp           ? 
_exptl_crystal.density_meas_temp_esd       ? 
_exptl_crystal.density_meas_temp_gt        ? 
_exptl_crystal.density_meas_temp_lt        ? 
_exptl_crystal.pdbx_crystal_image_url      ? 
_exptl_crystal.pdbx_crystal_image_format   ? 
_exptl_crystal.pdbx_mosaicity              ? 
_exptl_crystal.pdbx_mosaicity_esd          ? 
# 
_exptl_crystal_grow.apparatus       ? 
_exptl_crystal_grow.atmosphere      ? 
_exptl_crystal_grow.crystal_id      1 
_exptl_crystal_grow.details         ? 
_exptl_crystal_grow.method          'VAPOR DIFFUSION, SITTING DROP' 
_exptl_crystal_grow.method_ref      ? 
_exptl_crystal_grow.pH              ? 
_exptl_crystal_grow.pressure        ? 
_exptl_crystal_grow.pressure_esd    ? 
_exptl_crystal_grow.seeding         ? 
_exptl_crystal_grow.seeding_ref     ? 
_exptl_crystal_grow.temp            298 
_exptl_crystal_grow.temp_details    'temperature gradient generated from 60 to 25 C at 0.3 degrees per hour' 
_exptl_crystal_grow.temp_esd        ? 
_exptl_crystal_grow.time            ? 
_exptl_crystal_grow.pdbx_details    
;0.5 mL of 0.05 M Cacodylate pH 7.0, 30 mM MgCl2, 2.5 mM spermine, and 5% PEG 400 was added to the reservoir with 2 uL added to the drop containing 4 uL of DNA stock
;
_exptl_crystal_grow.pdbx_pH_range   ? 
# 
_diffrn.ambient_environment              ? 
_diffrn.ambient_temp                     100 
_diffrn.ambient_temp_details             ? 
_diffrn.ambient_temp_esd                 ? 
_diffrn.crystal_id                       1 
_diffrn.crystal_support                  ? 
_diffrn.crystal_treatment                ? 
_diffrn.details                          ? 
_diffrn.id                               1 
_diffrn.ambient_pressure                 ? 
_diffrn.ambient_pressure_esd             ? 
_diffrn.ambient_pressure_gt              ? 
_diffrn.ambient_pressure_lt              ? 
_diffrn.ambient_temp_gt                  ? 
_diffrn.ambient_temp_lt                  ? 
_diffrn.pdbx_serial_crystal_experiment   N 
# 
_diffrn_detector.details                      ? 
_diffrn_detector.detector                     PIXEL 
_diffrn_detector.diffrn_id                    1 
_diffrn_detector.type                         'DECTRIS PILATUS3 6M' 
_diffrn_detector.area_resol_mean              ? 
_diffrn_detector.dtime                        ? 
_diffrn_detector.pdbx_frames_total            ? 
_diffrn_detector.pdbx_collection_time_total   ? 
_diffrn_detector.pdbx_collection_date         2017-10-15 
_diffrn_detector.pdbx_frequency               ? 
# 
_diffrn_radiation.collimation                      ? 
_diffrn_radiation.diffrn_id                        1 
_diffrn_radiation.filter_edge                      ? 
_diffrn_radiation.inhomogeneity                    ? 
_diffrn_radiation.monochromator                    ? 
_diffrn_radiation.polarisn_norm                    ? 
_diffrn_radiation.polarisn_ratio                   ? 
_diffrn_radiation.probe                            ? 
_diffrn_radiation.type                             ? 
_diffrn_radiation.xray_symbol                      ? 
_diffrn_radiation.wavelength_id                    1 
_diffrn_radiation.pdbx_monochromatic_or_laue_m_l   M 
_diffrn_radiation.pdbx_wavelength_list             ? 
_diffrn_radiation.pdbx_wavelength                  ? 
_diffrn_radiation.pdbx_diffrn_protocol             'SINGLE WAVELENGTH' 
_diffrn_radiation.pdbx_analyzer                    ? 
_diffrn_radiation.pdbx_scattering_type             x-ray 
# 
_diffrn_radiation_wavelength.id           1 
_diffrn_radiation_wavelength.wavelength   0.98 
_diffrn_radiation_wavelength.wt           1.0 
# 
_diffrn_source.current                     ? 
_diffrn_source.details                     ? 
_diffrn_source.diffrn_id                   1 
_diffrn_source.power                       ? 
_diffrn_source.size                        ? 
_diffrn_source.source                      SYNCHROTRON 
_diffrn_source.target                      ? 
_diffrn_source.type                        'APS BEAMLINE 17-ID' 
_diffrn_source.voltage                     ? 
_diffrn_source.take-off_angle              ? 
_diffrn_source.pdbx_wavelength_list        0.98 
_diffrn_source.pdbx_wavelength             ? 
_diffrn_source.pdbx_synchrotron_beamline   17-ID 
_diffrn_source.pdbx_synchrotron_site       APS 
# 
_reflns.B_iso_Wilson_estimate            105.920 
_reflns.entry_id                         6WSQ 
_reflns.data_reduction_details           ? 
_reflns.data_reduction_method            ? 
_reflns.d_resolution_high                2.8070 
_reflns.d_resolution_low                 50.000 
_reflns.details                          ? 
_reflns.limit_h_max                      ? 
_reflns.limit_h_min                      ? 
_reflns.limit_k_max                      ? 
_reflns.limit_k_min                      ? 
_reflns.limit_l_max                      ? 
_reflns.limit_l_min                      ? 
_reflns.number_all                       ? 
_reflns.number_obs                       4280 
_reflns.observed_criterion               ? 
_reflns.observed_criterion_F_max         ? 
_reflns.observed_criterion_F_min         ? 
_reflns.observed_criterion_I_max         ? 
_reflns.observed_criterion_I_min         ? 
_reflns.observed_criterion_sigma_F       ? 
_reflns.observed_criterion_sigma_I       ? 
_reflns.percent_possible_obs             99.600 
_reflns.R_free_details                   ? 
_reflns.Rmerge_F_all                     ? 
_reflns.Rmerge_F_obs                     ? 
_reflns.Friedel_coverage                 ? 
_reflns.number_gt                        ? 
_reflns.threshold_expression             ? 
_reflns.pdbx_redundancy                  15.300 
_reflns.pdbx_Rmerge_I_obs                0.117 
_reflns.pdbx_Rmerge_I_all                ? 
_reflns.pdbx_Rsym_value                  ? 
_reflns.pdbx_netI_over_av_sigmaI         ? 
_reflns.pdbx_netI_over_sigmaI            10.300 
_reflns.pdbx_res_netI_over_av_sigmaI_2   ? 
_reflns.pdbx_res_netI_over_sigmaI_2      ? 
_reflns.pdbx_chi_squared                 3.927 
_reflns.pdbx_scaling_rejects             ? 
_reflns.pdbx_d_res_high_opt              ? 
_reflns.pdbx_d_res_low_opt               ? 
_reflns.pdbx_d_res_opt_method            ? 
_reflns.phase_calculation_details        ? 
_reflns.pdbx_Rrim_I_all                  0.122 
_reflns.pdbx_Rpim_I_all                  0.033 
_reflns.pdbx_d_opt                       ? 
_reflns.pdbx_number_measured_all         ? 
_reflns.pdbx_diffrn_id                   1 
_reflns.pdbx_ordinal                     1 
_reflns.pdbx_CC_half                     0.921 
_reflns.pdbx_CC_star                     ? 
_reflns.pdbx_R_split                     ? 
# 
loop_
_reflns_shell.d_res_high 
_reflns_shell.d_res_low 
_reflns_shell.meanI_over_sigI_all 
_reflns_shell.meanI_over_sigI_obs 
_reflns_shell.number_measured_all 
_reflns_shell.number_measured_obs 
_reflns_shell.number_possible 
_reflns_shell.number_unique_all 
_reflns_shell.number_unique_obs 
_reflns_shell.percent_possible_all 
_reflns_shell.percent_possible_obs 
_reflns_shell.Rmerge_F_all 
_reflns_shell.Rmerge_F_obs 
_reflns_shell.Rmerge_I_all 
_reflns_shell.Rmerge_I_obs 
_reflns_shell.meanI_over_sigI_gt 
_reflns_shell.meanI_over_uI_all 
_reflns_shell.meanI_over_uI_gt 
_reflns_shell.number_measured_gt 
_reflns_shell.number_unique_gt 
_reflns_shell.percent_possible_gt 
_reflns_shell.Rmerge_F_gt 
_reflns_shell.Rmerge_I_gt 
_reflns_shell.pdbx_redundancy 
_reflns_shell.pdbx_Rsym_value 
_reflns_shell.pdbx_chi_squared 
_reflns_shell.pdbx_netI_over_sigmaI_all 
_reflns_shell.pdbx_netI_over_sigmaI_obs 
_reflns_shell.pdbx_Rrim_I_all 
_reflns_shell.pdbx_Rpim_I_all 
_reflns_shell.pdbx_rejects 
_reflns_shell.pdbx_ordinal 
_reflns_shell.pdbx_diffrn_id 
_reflns_shell.pdbx_CC_half 
_reflns_shell.pdbx_CC_star 
_reflns_shell.pdbx_R_split 
3.050 3.100  ? ? ? ? ? ? 158 100.000 ? ? ? ? 1.389 ? ? ? ? ? ? ? ? 12.400 ? 0.492  ? ? 1.440 0.373 ? 1  1 0.899 ? ? 
3.100 3.160  ? ? ? ? ? ? 165 100.000 ? ? ? ? 0.767 ? ? ? ? ? ? ? ? 12.100 ? 0.631  ? ? 0.797 0.211 ? 2  1 0.959 ? ? 
3.160 3.220  ? ? ? ? ? ? 150 99.300  ? ? ? ? 0.371 ? ? ? ? ? ? ? ? 14.000 ? 1.984  ? ? 0.383 0.096 ? 3  1 0.982 ? ? 
3.220 3.290  ? ? ? ? ? ? 169 99.400  ? ? ? ? 0.386 ? ? ? ? ? ? ? ? 12.900 ? 1.384  ? ? 0.403 0.113 ? 4  1 0.970 ? ? 
3.290 3.360  ? ? ? ? ? ? 152 100.000 ? ? ? ? 0.388 ? ? ? ? ? ? ? ? 16.800 ? 1.318  ? ? 0.399 0.094 ? 5  1 0.985 ? ? 
3.360 3.430  ? ? ? ? ? ? 161 100.000 ? ? ? ? 0.365 ? ? ? ? ? ? ? ? 16.600 ? 1.244  ? ? 0.377 0.091 ? 6  1 0.990 ? ? 
3.430 3.520  ? ? ? ? ? ? 169 100.000 ? ? ? ? 0.316 ? ? ? ? ? ? ? ? 16.900 ? 1.182  ? ? 0.326 0.078 ? 7  1 0.988 ? ? 
3.520 3.620  ? ? ? ? ? ? 165 100.000 ? ? ? ? 0.271 ? ? ? ? ? ? ? ? 16.800 ? 1.137  ? ? 0.279 0.067 ? 8  1 0.995 ? ? 
3.620 3.720  ? ? ? ? ? ? 155 100.000 ? ? ? ? 0.263 ? ? ? ? ? ? ? ? 16.000 ? 0.820  ? ? 0.272 0.067 ? 9  1 0.991 ? ? 
3.720 3.840  ? ? ? ? ? ? 168 100.000 ? ? ? ? 0.212 ? ? ? ? ? ? ? ? 16.000 ? 1.107  ? ? 0.219 0.054 ? 10 1 0.992 ? ? 
3.840 3.980  ? ? ? ? ? ? 167 99.400  ? ? ? ? 0.183 ? ? ? ? ? ? ? ? 15.100 ? 1.366  ? ? 0.189 0.049 ? 11 1 0.993 ? ? 
3.980 4.140  ? ? ? ? ? ? 159 100.000 ? ? ? ? 0.147 ? ? ? ? ? ? ? ? 15.600 ? 2.052  ? ? 0.152 0.038 ? 12 1 0.993 ? ? 
4.140 4.330  ? ? ? ? ? ? 169 100.000 ? ? ? ? 0.132 ? ? ? ? ? ? ? ? 16.800 ? 2.227  ? ? 0.136 0.033 ? 13 1 0.994 ? ? 
4.330 4.560  ? ? ? ? ? ? 166 100.000 ? ? ? ? 0.129 ? ? ? ? ? ? ? ? 16.700 ? 2.554  ? ? 0.133 0.032 ? 14 1 0.994 ? ? 
4.560 4.840  ? ? ? ? ? ? 165 100.000 ? ? ? ? 0.116 ? ? ? ? ? ? ? ? 16.600 ? 3.224  ? ? 0.120 0.029 ? 15 1 0.995 ? ? 
4.840 5.210  ? ? ? ? ? ? 163 100.000 ? ? ? ? 0.105 ? ? ? ? ? ? ? ? 15.000 ? 5.430  ? ? 0.109 0.028 ? 16 1 0.992 ? ? 
5.210 5.740  ? ? ? ? ? ? 178 99.400  ? ? ? ? 0.097 ? ? ? ? ? ? ? ? 15.700 ? 6.941  ? ? 0.101 0.025 ? 17 1 0.992 ? ? 
5.740 6.570  ? ? ? ? ? ? 168 100.000 ? ? ? ? 0.097 ? ? ? ? ? ? ? ? 16.100 ? 8.139  ? ? 0.100 0.025 ? 18 1 0.994 ? ? 
6.570 8.270  ? ? ? ? ? ? 175 99.400  ? ? ? ? 0.086 ? ? ? ? ? ? ? ? 14.400 ? 10.975 ? ? 0.089 0.024 ? 19 1 0.995 ? ? 
8.270 50.000 ? ? ? ? ? ? 185 95.900  ? ? ? ? 0.100 ? ? ? ? ? ? ? ? 13.700 ? 23.059 ? ? 0.105 0.031 ? 20 1 0.947 ? ? 
# 
_refine.aniso_B[1][1]                            ? 
_refine.aniso_B[1][2]                            ? 
_refine.aniso_B[1][3]                            ? 
_refine.aniso_B[2][2]                            ? 
_refine.aniso_B[2][3]                            ? 
_refine.aniso_B[3][3]                            ? 
_refine.B_iso_max                                157.850 
_refine.B_iso_mean                               94.5434 
_refine.B_iso_min                                55.770 
_refine.correlation_coeff_Fo_to_Fc               ? 
_refine.correlation_coeff_Fo_to_Fc_free          ? 
_refine.details                                  ? 
_refine.diff_density_max                         ? 
_refine.diff_density_max_esd                     ? 
_refine.diff_density_min                         ? 
_refine.diff_density_min_esd                     ? 
_refine.diff_density_rms                         ? 
_refine.diff_density_rms_esd                     ? 
_refine.entry_id                                 6WSQ 
_refine.pdbx_refine_id                           'X-RAY DIFFRACTION' 
_refine.ls_abs_structure_details                 ? 
_refine.ls_abs_structure_Flack                   ? 
_refine.ls_abs_structure_Flack_esd               ? 
_refine.ls_abs_structure_Rogers                  ? 
_refine.ls_abs_structure_Rogers_esd              ? 
_refine.ls_d_res_high                            2.8070 
_refine.ls_d_res_low                             34.4100 
_refine.ls_extinction_coef                       ? 
_refine.ls_extinction_coef_esd                   ? 
_refine.ls_extinction_expression                 ? 
_refine.ls_extinction_method                     ? 
_refine.ls_goodness_of_fit_all                   ? 
_refine.ls_goodness_of_fit_all_esd               ? 
_refine.ls_goodness_of_fit_obs                   ? 
_refine.ls_goodness_of_fit_obs_esd               ? 
_refine.ls_hydrogen_treatment                    ? 
_refine.ls_matrix_type                           ? 
_refine.ls_number_constraints                    ? 
_refine.ls_number_parameters                     ? 
_refine.ls_number_reflns_all                     ? 
_refine.ls_number_reflns_obs                     4280 
_refine.ls_number_reflns_R_free                  213 
_refine.ls_number_reflns_R_work                  ? 
_refine.ls_number_restraints                     ? 
_refine.ls_percent_reflns_obs                    97.5400 
_refine.ls_percent_reflns_R_free                 4.9800 
_refine.ls_R_factor_all                          ? 
_refine.ls_R_factor_obs                          0.2452 
_refine.ls_R_factor_R_free                       0.2919 
_refine.ls_R_factor_R_free_error                 ? 
_refine.ls_R_factor_R_free_error_details         ? 
_refine.ls_R_factor_R_work                       0.2430 
_refine.ls_R_Fsqd_factor_obs                     ? 
_refine.ls_R_I_factor_obs                        ? 
_refine.ls_redundancy_reflns_all                 ? 
_refine.ls_redundancy_reflns_obs                 ? 
_refine.ls_restrained_S_all                      ? 
_refine.ls_restrained_S_obs                      ? 
_refine.ls_shift_over_esd_max                    ? 
_refine.ls_shift_over_esd_mean                   ? 
_refine.ls_structure_factor_coef                 ? 
_refine.ls_weighting_details                     ? 
_refine.ls_weighting_scheme                      ? 
_refine.ls_wR_factor_all                         ? 
_refine.ls_wR_factor_obs                         ? 
_refine.ls_wR_factor_R_free                      ? 
_refine.ls_wR_factor_R_work                      ? 
_refine.occupancy_max                            ? 
_refine.occupancy_min                            ? 
_refine.solvent_model_details                    ? 
_refine.solvent_model_param_bsol                 ? 
_refine.solvent_model_param_ksol                 ? 
_refine.pdbx_R_complete                          ? 
_refine.ls_R_factor_gt                           ? 
_refine.ls_goodness_of_fit_gt                    ? 
_refine.ls_goodness_of_fit_ref                   ? 
_refine.ls_shift_over_su_max                     ? 
_refine.ls_shift_over_su_max_lt                  ? 
_refine.ls_shift_over_su_mean                    ? 
_refine.ls_shift_over_su_mean_lt                 ? 
_refine.pdbx_ls_sigma_I                          ? 
_refine.pdbx_ls_sigma_F                          1.380 
_refine.pdbx_ls_sigma_Fsqd                       ? 
_refine.pdbx_data_cutoff_high_absF               ? 
_refine.pdbx_data_cutoff_high_rms_absF           ? 
_refine.pdbx_data_cutoff_low_absF                ? 
_refine.pdbx_isotropic_thermal_model             ? 
_refine.pdbx_ls_cross_valid_method               THROUGHOUT 
_refine.pdbx_method_to_determine_struct          'MOLECULAR REPLACEMENT' 
_refine.pdbx_starting_model                      5KEK 
_refine.pdbx_stereochemistry_target_values       ? 
_refine.pdbx_R_Free_selection_details            ? 
_refine.pdbx_stereochem_target_val_spec_case     ? 
_refine.pdbx_overall_ESU_R                       ? 
_refine.pdbx_overall_ESU_R_Free                  ? 
_refine.pdbx_solvent_vdw_probe_radii             1.1100 
_refine.pdbx_solvent_ion_probe_radii             ? 
_refine.pdbx_solvent_shrinkage_radii             0.9000 
_refine.pdbx_real_space_R                        ? 
_refine.pdbx_density_correlation                 ? 
_refine.pdbx_pd_number_of_powder_patterns        ? 
_refine.pdbx_pd_number_of_points                 ? 
_refine.pdbx_pd_meas_number_of_points            ? 
_refine.pdbx_pd_proc_ls_prof_R_factor            ? 
_refine.pdbx_pd_proc_ls_prof_wR_factor           ? 
_refine.pdbx_pd_Marquardt_correlation_coeff      ? 
_refine.pdbx_pd_Fsqrd_R_factor                   ? 
_refine.pdbx_pd_ls_matrix_band_width             ? 
_refine.pdbx_overall_phase_error                 27.6900 
_refine.pdbx_overall_SU_R_free_Cruickshank_DPI   ? 
_refine.pdbx_overall_SU_R_free_Blow_DPI          ? 
_refine.pdbx_overall_SU_R_Blow_DPI               ? 
_refine.pdbx_TLS_residual_ADP_flag               ? 
_refine.pdbx_diffrn_id                           1 
_refine.overall_SU_B                             ? 
_refine.overall_SU_ML                            0.2800 
_refine.overall_SU_R_Cruickshank_DPI             ? 
_refine.overall_SU_R_free                        ? 
_refine.overall_FOM_free_R_set                   ? 
_refine.overall_FOM_work_R_set                   ? 
_refine.pdbx_average_fsc_overall                 ? 
_refine.pdbx_average_fsc_work                    ? 
_refine.pdbx_average_fsc_free                    ? 
# 
_refine_hist.pdbx_refine_id                   'X-RAY DIFFRACTION' 
_refine_hist.cycle_id                         final 
_refine_hist.details                          ? 
_refine_hist.d_res_high                       2.8070 
_refine_hist.d_res_low                        34.4100 
_refine_hist.number_atoms_solvent             0 
_refine_hist.number_atoms_total               856 
_refine_hist.number_reflns_all                ? 
_refine_hist.number_reflns_obs                ? 
_refine_hist.number_reflns_R_free             ? 
_refine_hist.number_reflns_R_work             ? 
_refine_hist.R_factor_all                     ? 
_refine_hist.R_factor_obs                     ? 
_refine_hist.R_factor_R_free                  ? 
_refine_hist.R_factor_R_work                  ? 
_refine_hist.pdbx_number_residues_total       42 
_refine_hist.pdbx_B_iso_mean_ligand           157.85 
_refine_hist.pdbx_B_iso_mean_solvent          ? 
_refine_hist.pdbx_number_atoms_protein        0 
_refine_hist.pdbx_number_atoms_nucleic_acid   855 
_refine_hist.pdbx_number_atoms_ligand         1 
_refine_hist.pdbx_number_atoms_lipid          ? 
_refine_hist.pdbx_number_atoms_carb           ? 
_refine_hist.pdbx_pseudo_atom_details         ? 
# 
loop_
_refine_ls_restr.pdbx_refine_id 
_refine_ls_restr.criterion 
_refine_ls_restr.dev_ideal 
_refine_ls_restr.dev_ideal_target 
_refine_ls_restr.number 
_refine_ls_restr.rejects 
_refine_ls_restr.type 
_refine_ls_restr.weight 
_refine_ls_restr.pdbx_restraint_function 
'X-RAY DIFFRACTION' ? 0.007  ? 956  ? f_bond_d           ? ? 
'X-RAY DIFFRACTION' ? 0.859  ? 1467 ? f_angle_d          ? ? 
'X-RAY DIFFRACTION' ? 0.042  ? 166  ? f_chiral_restr     ? ? 
'X-RAY DIFFRACTION' ? 0.005  ? 42   ? f_plane_restr      ? ? 
'X-RAY DIFFRACTION' ? 35.915 ? 406  ? f_dihedral_angle_d ? ? 
# 
loop_
_refine_ls_shell.pdbx_refine_id 
_refine_ls_shell.d_res_high 
_refine_ls_shell.d_res_low 
_refine_ls_shell.number_reflns_all 
_refine_ls_shell.number_reflns_obs 
_refine_ls_shell.number_reflns_R_free 
_refine_ls_shell.number_reflns_R_work 
_refine_ls_shell.percent_reflns_obs 
_refine_ls_shell.percent_reflns_R_free 
_refine_ls_shell.R_factor_all 
_refine_ls_shell.R_factor_obs 
_refine_ls_shell.R_factor_R_free 
_refine_ls_shell.R_factor_R_free_error 
_refine_ls_shell.R_factor_R_work 
_refine_ls_shell.redundancy_reflns_all 
_refine_ls_shell.redundancy_reflns_obs 
_refine_ls_shell.wR_factor_all 
_refine_ls_shell.wR_factor_obs 
_refine_ls_shell.wR_factor_R_free 
_refine_ls_shell.wR_factor_R_work 
_refine_ls_shell.pdbx_R_complete 
_refine_ls_shell.pdbx_total_number_of_bins_used 
_refine_ls_shell.pdbx_phase_error 
_refine_ls_shell.pdbx_fsc_work 
_refine_ls_shell.pdbx_fsc_free 
'X-RAY DIFFRACTION' 2.8070 3.5356 . . 105 1991 98.0000 . . . 0.3630 0.0000 0.3421 . . . . . . . . . . . 
'X-RAY DIFFRACTION' 3.5356 34.41  . . 108 2076 97.0000 . . . 0.2744 0.0000 0.2225 . . . . . . . . . . . 
# 
_struct.entry_id                     6WSQ 
_struct.title                        
'Self-assembly of a 3D DNA crystal lattice (4x5 duplex version) containing the J10 immobile Holliday junction' 
_struct.pdbx_model_details           ? 
_struct.pdbx_formula_weight          ? 
_struct.pdbx_formula_weight_method   ? 
_struct.pdbx_model_type_details      ? 
_struct.pdbx_CASP_flag               N 
# 
_struct_keywords.entry_id        6WSQ 
_struct_keywords.text            
'Structural DNA nanotechnology, immobile Holliday junctions, 3D DNA self-assembly, designer DNA crystals, DNA' 
_struct_keywords.pdbx_keywords   DNA 
# 
loop_
_struct_asym.id 
_struct_asym.pdbx_blank_PDB_chainid_flag 
_struct_asym.pdbx_modified 
_struct_asym.entity_id 
_struct_asym.details 
A N N 1 ? 
B N N 2 ? 
C N N 3 ? 
D N N 4 ? 
E N N 5 ? 
# 
loop_
_struct_conn.id 
_struct_conn.conn_type_id 
_struct_conn.pdbx_leaving_atom_flag 
_struct_conn.pdbx_PDB_id 
_struct_conn.ptnr1_label_asym_id 
_struct_conn.ptnr1_label_comp_id 
_struct_conn.ptnr1_label_seq_id 
_struct_conn.ptnr1_label_atom_id 
_struct_conn.pdbx_ptnr1_label_alt_id 
_struct_conn.pdbx_ptnr1_PDB_ins_code 
_struct_conn.pdbx_ptnr1_standard_comp_id 
_struct_conn.ptnr1_symmetry 
_struct_conn.ptnr2_label_asym_id 
_struct_conn.ptnr2_label_comp_id 
_struct_conn.ptnr2_label_seq_id 
_struct_conn.ptnr2_label_atom_id 
_struct_conn.pdbx_ptnr2_label_alt_id 
_struct_conn.pdbx_ptnr2_PDB_ins_code 
_struct_conn.ptnr1_auth_asym_id 
_struct_conn.ptnr1_auth_comp_id 
_struct_conn.ptnr1_auth_seq_id 
_struct_conn.ptnr2_auth_asym_id 
_struct_conn.ptnr2_auth_comp_id 
_struct_conn.ptnr2_auth_seq_id 
_struct_conn.ptnr2_symmetry 
_struct_conn.pdbx_ptnr3_label_atom_id 
_struct_conn.pdbx_ptnr3_label_seq_id 
_struct_conn.pdbx_ptnr3_label_comp_id 
_struct_conn.pdbx_ptnr3_label_asym_id 
_struct_conn.pdbx_ptnr3_label_alt_id 
_struct_conn.pdbx_ptnr3_PDB_ins_code 
_struct_conn.details 
_struct_conn.pdbx_dist_value 
_struct_conn.pdbx_value_order 
_struct_conn.pdbx_role 
hydrog1  hydrog ? ? A DG 3  N1 ? ? ? 1_555 D DC 7 N3 ? ? A DG 3  D DC 16 1_555 ? ? ? ? ? ? WATSON-CRICK ? ? ? 
hydrog2  hydrog ? ? A DG 3  N2 ? ? ? 1_555 D DC 7 O2 ? ? A DG 3  D DC 16 1_555 ? ? ? ? ? ? WATSON-CRICK ? ? ? 
hydrog3  hydrog ? ? A DG 3  O6 ? ? ? 1_555 D DC 7 N4 ? ? A DG 3  D DC 16 1_555 ? ? ? ? ? ? WATSON-CRICK ? ? ? 
hydrog4  hydrog ? ? A DC 4  N3 ? ? ? 1_555 D DG 6 N1 ? ? A DC 4  D DG 15 1_555 ? ? ? ? ? ? WATSON-CRICK ? ? ? 
hydrog5  hydrog ? ? A DC 4  N4 ? ? ? 1_555 D DG 6 O6 ? ? A DC 4  D DG 15 1_555 ? ? ? ? ? ? WATSON-CRICK ? ? ? 
hydrog6  hydrog ? ? A DC 4  O2 ? ? ? 1_555 D DG 6 N2 ? ? A DC 4  D DG 15 1_555 ? ? ? ? ? ? WATSON-CRICK ? ? ? 
hydrog7  hydrog ? ? A DA 5  N1 ? ? ? 1_555 D DT 5 N3 ? ? A DA 5  D DT 14 1_555 ? ? ? ? ? ? WATSON-CRICK ? ? ? 
hydrog8  hydrog ? ? A DA 5  N6 ? ? ? 1_555 D DT 5 O4 ? ? A DA 5  D DT 14 1_555 ? ? ? ? ? ? WATSON-CRICK ? ? ? 
hydrog9  hydrog ? ? A DG 6  N1 ? ? ? 1_555 D DC 4 N3 ? ? A DG 6  D DC 13 1_555 ? ? ? ? ? ? WATSON-CRICK ? ? ? 
hydrog10 hydrog ? ? A DG 6  N2 ? ? ? 1_555 D DC 4 O2 ? ? A DG 6  D DC 13 1_555 ? ? ? ? ? ? WATSON-CRICK ? ? ? 
hydrog11 hydrog ? ? A DG 6  O6 ? ? ? 1_555 D DC 4 N4 ? ? A DG 6  D DC 13 1_555 ? ? ? ? ? ? WATSON-CRICK ? ? ? 
hydrog12 hydrog ? ? A DA 7  N1 ? ? ? 1_555 D DT 3 N3 ? ? A DA 7  D DT 12 1_555 ? ? ? ? ? ? WATSON-CRICK ? ? ? 
hydrog13 hydrog ? ? A DA 7  N6 ? ? ? 1_555 D DT 3 O4 ? ? A DA 7  D DT 12 1_555 ? ? ? ? ? ? WATSON-CRICK ? ? ? 
hydrog14 hydrog ? ? A DC 8  N3 ? ? ? 1_555 D DG 2 N1 ? ? A DC 8  D DG 11 1_555 ? ? ? ? ? ? WATSON-CRICK ? ? ? 
hydrog15 hydrog ? ? A DC 8  N4 ? ? ? 1_555 D DG 2 O6 ? ? A DC 8  D DG 11 1_555 ? ? ? ? ? ? WATSON-CRICK ? ? ? 
hydrog16 hydrog ? ? A DC 8  O2 ? ? ? 1_555 D DG 2 N2 ? ? A DC 8  D DG 11 1_555 ? ? ? ? ? ? WATSON-CRICK ? ? ? 
hydrog17 hydrog ? ? A DC 9  N3 ? ? ? 1_555 D DG 1 N1 ? ? A DC 9  D DG 10 1_555 ? ? ? ? ? ? WATSON-CRICK ? ? ? 
hydrog18 hydrog ? ? A DC 9  N4 ? ? ? 1_555 D DG 1 O6 ? ? A DC 9  D DG 10 1_555 ? ? ? ? ? ? WATSON-CRICK ? ? ? 
hydrog19 hydrog ? ? A DC 9  O2 ? ? ? 1_555 D DG 1 N2 ? ? A DC 9  D DG 10 1_555 ? ? ? ? ? ? WATSON-CRICK ? ? ? 
hydrog20 hydrog ? ? A DT 10 N3 ? ? ? 1_555 B DA 5 N1 ? ? A DT 10 B DA 5  1_555 ? ? ? ? ? ? WATSON-CRICK ? ? ? 
hydrog21 hydrog ? ? A DT 10 O4 ? ? ? 1_555 B DA 5 N6 ? ? A DT 10 B DA 5  1_555 ? ? ? ? ? ? WATSON-CRICK ? ? ? 
hydrog22 hydrog ? ? A DG 11 N1 ? ? ? 1_555 B DC 4 N3 ? ? A DG 11 B DC 4  1_555 ? ? ? ? ? ? WATSON-CRICK ? ? ? 
hydrog23 hydrog ? ? A DG 11 N2 ? ? ? 1_555 B DC 4 O2 ? ? A DG 11 B DC 4  1_555 ? ? ? ? ? ? WATSON-CRICK ? ? ? 
hydrog24 hydrog ? ? A DG 11 O6 ? ? ? 1_555 B DC 4 N4 ? ? A DG 11 B DC 4  1_555 ? ? ? ? ? ? WATSON-CRICK ? ? ? 
hydrog25 hydrog ? ? A DA 12 N1 ? ? ? 1_555 B DT 3 N3 ? ? A DA 12 B DT 3  1_555 ? ? ? ? ? ? WATSON-CRICK ? ? ? 
hydrog26 hydrog ? ? A DA 12 N6 ? ? ? 1_555 B DT 3 O4 ? ? A DA 12 B DT 3  1_555 ? ? ? ? ? ? WATSON-CRICK ? ? ? 
hydrog27 hydrog ? ? A DC 13 N3 ? ? ? 1_555 B DG 2 N1 ? ? A DC 13 B DG 2  1_555 ? ? ? ? ? ? WATSON-CRICK ? ? ? 
hydrog28 hydrog ? ? A DC 13 N4 ? ? ? 1_555 B DG 2 O6 ? ? A DC 13 B DG 2  1_555 ? ? ? ? ? ? WATSON-CRICK ? ? ? 
hydrog29 hydrog ? ? A DC 13 O2 ? ? ? 1_555 B DG 2 N2 ? ? A DC 13 B DG 2  1_555 ? ? ? ? ? ? WATSON-CRICK ? ? ? 
hydrog30 hydrog ? ? A DT 14 N3 ? ? ? 1_555 B DA 1 N1 ? ? A DT 14 B DA 1  1_555 ? ? ? ? ? ? WATSON-CRICK ? ? ? 
hydrog31 hydrog ? ? A DT 14 O4 ? ? ? 1_555 B DA 1 N6 ? ? A DT 14 B DA 1  1_555 ? ? ? ? ? ? WATSON-CRICK ? ? ? 
hydrog32 hydrog ? ? A DC 15 N3 ? ? ? 1_555 C DG 9 N1 ? ? A DC 15 C DG 9  1_555 ? ? ? ? ? ? WATSON-CRICK ? ? ? 
hydrog33 hydrog ? ? A DC 15 N4 ? ? ? 1_555 C DG 9 O6 ? ? A DC 15 C DG 9  1_555 ? ? ? ? ? ? WATSON-CRICK ? ? ? 
hydrog34 hydrog ? ? A DC 15 O2 ? ? ? 1_555 C DG 9 N2 ? ? A DC 15 C DG 9  1_555 ? ? ? ? ? ? WATSON-CRICK ? ? ? 
hydrog35 hydrog ? ? A DC 16 N3 ? ? ? 1_555 C DG 8 N1 ? ? A DC 16 C DG 8  1_555 ? ? ? ? ? ? WATSON-CRICK ? ? ? 
hydrog36 hydrog ? ? A DC 16 N4 ? ? ? 1_555 C DG 8 O6 ? ? A DC 16 C DG 8  1_555 ? ? ? ? ? ? WATSON-CRICK ? ? ? 
hydrog37 hydrog ? ? A DC 16 O2 ? ? ? 1_555 C DG 8 N2 ? ? A DC 16 C DG 8  1_555 ? ? ? ? ? ? WATSON-CRICK ? ? ? 
hydrog38 hydrog ? ? A DA 17 N1 ? ? ? 1_555 C DT 7 N3 ? ? A DA 17 C DT 7  1_555 ? ? ? ? ? ? WATSON-CRICK ? ? ? 
hydrog39 hydrog ? ? A DA 17 N6 ? ? ? 1_555 C DT 7 O4 ? ? A DA 17 C DT 7  1_555 ? ? ? ? ? ? WATSON-CRICK ? ? ? 
hydrog40 hydrog ? ? A DC 18 N3 ? ? ? 1_555 C DG 6 N1 ? ? A DC 18 C DG 6  1_555 ? ? ? ? ? ? WATSON-CRICK ? ? ? 
hydrog41 hydrog ? ? A DC 18 N4 ? ? ? 1_555 C DG 6 O6 ? ? A DC 18 C DG 6  1_555 ? ? ? ? ? ? WATSON-CRICK ? ? ? 
hydrog42 hydrog ? ? A DC 18 O2 ? ? ? 1_555 C DG 6 N2 ? ? A DC 18 C DG 6  1_555 ? ? ? ? ? ? WATSON-CRICK ? ? ? 
hydrog43 hydrog ? ? A DT 19 N3 ? ? ? 1_555 C DA 5 N1 ? ? A DT 19 C DA 5  1_555 ? ? ? ? ? ? WATSON-CRICK ? ? ? 
hydrog44 hydrog ? ? A DT 19 O4 ? ? ? 1_555 C DA 5 N6 ? ? A DT 19 C DA 5  1_555 ? ? ? ? ? ? WATSON-CRICK ? ? ? 
hydrog45 hydrog ? ? A DC 20 N3 ? ? ? 1_555 C DG 4 N1 ? ? A DC 20 C DG 4  1_555 ? ? ? ? ? ? WATSON-CRICK ? ? ? 
hydrog46 hydrog ? ? A DC 20 N4 ? ? ? 1_555 C DG 4 O6 ? ? A DC 20 C DG 4  1_555 ? ? ? ? ? ? WATSON-CRICK ? ? ? 
hydrog47 hydrog ? ? A DC 20 O2 ? ? ? 1_555 C DG 4 N2 ? ? A DC 20 C DG 4  1_555 ? ? ? ? ? ? WATSON-CRICK ? ? ? 
hydrog48 hydrog ? ? A DA 21 N1 ? ? ? 1_555 C DT 3 N3 ? ? A DA 21 C DT 3  1_555 ? ? ? ? ? ? WATSON-CRICK ? ? ? 
hydrog49 hydrog ? ? A DA 21 N6 ? ? ? 1_555 C DT 3 O4 ? ? A DA 21 C DT 3  1_555 ? ? ? ? ? ? WATSON-CRICK ? ? ? 
# 
_struct_conn_type.id          hydrog 
_struct_conn_type.criteria    ? 
_struct_conn_type.reference   ? 
# 
_atom_sites.entry_id                    6WSQ 
_atom_sites.Cartn_transf_matrix[1][1]   ? 
_atom_sites.Cartn_transf_matrix[1][2]   ? 
_atom_sites.Cartn_transf_matrix[1][3]   ? 
_atom_sites.Cartn_transf_matrix[2][1]   ? 
_atom_sites.Cartn_transf_matrix[2][2]   ? 
_atom_sites.Cartn_transf_matrix[2][3]   ? 
_atom_sites.Cartn_transf_matrix[3][1]   ? 
_atom_sites.Cartn_transf_matrix[3][2]   ? 
_atom_sites.Cartn_transf_matrix[3][3]   ? 
_atom_sites.Cartn_transf_vector[1]      ? 
_atom_sites.Cartn_transf_vector[2]      ? 
_atom_sites.Cartn_transf_vector[3]      ? 
_atom_sites.fract_transf_matrix[1][1]   -0.00327546 
_atom_sites.fract_transf_matrix[1][2]   -0.01547314 
_atom_sites.fract_transf_matrix[1][3]   -0.00560165 
_atom_sites.fract_transf_matrix[2][1]   0.00588048 
_atom_sites.fract_transf_matrix[2][2]   -0.00494123 
_atom_sites.fract_transf_matrix[2][3]   -0.01491774 
_atom_sites.fract_transf_matrix[3][1]   0.01343356 
_atom_sites.fract_transf_matrix[3][2]   -0.00540945 
_atom_sites.fract_transf_matrix[3][3]   0.00708720 
_atom_sites.fract_transf_vector[1]      0.632981 
_atom_sites.fract_transf_vector[2]      2.262635 
_atom_sites.fract_transf_vector[3]      2.160266 
_atom_sites.solution_primary            ? 
_atom_sites.solution_secondary          ? 
_atom_sites.solution_hydrogens          ? 
_atom_sites.special_details             ? 
# 
loop_
_atom_type.symbol 
AS 
C  
N  
O  
P  
# 
loop_
_atom_site.group_PDB 
_atom_site.id 
_atom_site.type_symbol 
_atom_site.label_atom_id 
_atom_site.label_alt_id 
_atom_site.label_comp_id 
_atom_site.label_asym_id 
_atom_site.label_entity_id 
_atom_site.label_seq_id 
_atom_site.pdbx_PDB_ins_code 
_atom_site.Cartn_x 
_atom_site.Cartn_y 
_atom_site.Cartn_z 
_atom_site.occupancy 
_atom_site.B_iso_or_equiv 
_atom_site.pdbx_formal_charge 
_atom_site.auth_seq_id 
_atom_site.auth_comp_id 
_atom_site.auth_asym_id 
_atom_site.auth_atom_id 
_atom_site.pdbx_PDB_model_num 
ATOM   1   O  "O5'" . DG  A 1 1  ? -9.149  -35.155 -1.711  1.00 119.07 ? 1   DG  A "O5'" 1 
ATOM   2   C  "C5'" . DG  A 1 1  ? -10.325 -35.435 -2.463  1.00 119.75 ? 1   DG  A "C5'" 1 
ATOM   3   C  "C4'" . DG  A 1 1  ? -11.519 -34.700 -1.887  1.00 113.16 ? 1   DG  A "C4'" 1 
ATOM   4   O  "O4'" . DG  A 1 1  ? -11.657 -35.034 -0.495  1.00 115.13 ? 1   DG  A "O4'" 1 
ATOM   5   C  "C3'" . DG  A 1 1  ? -11.398 -33.186 -1.891  1.00 122.68 ? 1   DG  A "C3'" 1 
ATOM   6   O  "O3'" . DG  A 1 1  ? -11.917 -32.645 -3.111  1.00 130.13 ? 1   DG  A "O3'" 1 
ATOM   7   C  "C2'" . DG  A 1 1  ? -12.246 -32.756 -0.687  1.00 113.81 ? 1   DG  A "C2'" 1 
ATOM   8   C  "C1'" . DG  A 1 1  ? -12.435 -34.035 0.125   1.00 109.47 ? 1   DG  A "C1'" 1 
ATOM   9   N  N9    . DG  A 1 1  ? -12.017 -33.905 1.516   1.00 98.24  ? 1   DG  A N9    1 
ATOM   10  C  C8    . DG  A 1 1  ? -10.790 -34.225 2.039   1.00 99.25  ? 1   DG  A C8    1 
ATOM   11  N  N7    . DG  A 1 1  ? -10.698 -34.012 3.321   1.00 97.68  ? 1   DG  A N7    1 
ATOM   12  C  C5    . DG  A 1 1  ? -11.945 -33.513 3.676   1.00 93.75  ? 1   DG  A C5    1 
ATOM   13  C  C6    . DG  A 1 1  ? -12.434 -33.098 4.941   1.00 94.85  ? 1   DG  A C6    1 
ATOM   14  O  O6    . DG  A 1 1  ? -11.842 -33.096 6.028   1.00 100.31 ? 1   DG  A O6    1 
ATOM   15  N  N1    . DG  A 1 1  ? -13.754 -32.661 4.868   1.00 92.19  ? 1   DG  A N1    1 
ATOM   16  C  C2    . DG  A 1 1  ? -14.506 -32.624 3.719   1.00 97.97  ? 1   DG  A C2    1 
ATOM   17  N  N2    . DG  A 1 1  ? -15.757 -32.165 3.852   1.00 96.17  ? 1   DG  A N2    1 
ATOM   18  N  N3    . DG  A 1 1  ? -14.061 -33.007 2.521   1.00 99.99  ? 1   DG  A N3    1 
ATOM   19  C  C4    . DG  A 1 1  ? -12.771 -33.438 2.576   1.00 98.60  ? 1   DG  A C4    1 
ATOM   20  P  P     . DA  A 1 2  ? -11.704 -31.086 -3.460  1.00 142.41 ? 2   DA  A P     1 
ATOM   21  O  OP1   . DA  A 1 2  ? -11.111 -31.031 -4.818  1.00 133.63 ? 2   DA  A OP1   1 
ATOM   22  O  OP2   . DA  A 1 2  ? -11.004 -30.437 -2.324  1.00 122.52 ? 2   DA  A OP2   1 
ATOM   23  O  "O5'" . DA  A 1 2  ? -13.189 -30.476 -3.500  1.00 132.59 ? 2   DA  A "O5'" 1 
ATOM   24  C  "C5'" . DA  A 1 2  ? -14.290 -31.218 -2.980  1.00 118.41 ? 2   DA  A "C5'" 1 
ATOM   25  C  "C4'" . DA  A 1 2  ? -15.044 -30.421 -1.926  1.00 119.15 ? 2   DA  A "C4'" 1 
ATOM   26  O  "O4'" . DA  A 1 2  ? -14.554 -30.748 -0.596  1.00 116.57 ? 2   DA  A "O4'" 1 
ATOM   27  C  "C3'" . DA  A 1 2  ? -14.951 -28.894 -2.054  1.00 123.74 ? 2   DA  A "C3'" 1 
ATOM   28  O  "O3'" . DA  A 1 2  ? -16.270 -28.339 -2.006  1.00 127.57 ? 2   DA  A "O3'" 1 
ATOM   29  C  "C2'" . DA  A 1 2  ? -14.114 -28.491 -0.833  1.00 116.89 ? 2   DA  A "C2'" 1 
ATOM   30  C  "C1'" . DA  A 1 2  ? -14.500 -29.568 0.166   1.00 115.00 ? 2   DA  A "C1'" 1 
ATOM   31  N  N9    . DA  A 1 2  ? -13.531 -29.741 1.253   1.00 104.62 ? 2   DA  A N9    1 
ATOM   32  C  C8    . DA  A 1 2  ? -12.240 -30.167 1.139   1.00 105.79 ? 2   DA  A C8    1 
ATOM   33  N  N7    . DA  A 1 2  ? -11.594 -30.226 2.277   1.00 99.67  ? 2   DA  A N7    1 
ATOM   34  C  C5    . DA  A 1 2  ? -12.522 -29.799 3.209   1.00 100.53 ? 2   DA  A C5    1 
ATOM   35  C  C6    . DA  A 1 2  ? -12.451 -29.634 4.610   1.00 100.62 ? 2   DA  A C6    1 
ATOM   36  N  N6    . DA  A 1 2  ? -11.353 -29.894 5.323   1.00 94.77  ? 2   DA  A N6    1 
ATOM   37  N  N1    . DA  A 1 2  ? -13.556 -29.186 5.246   1.00 98.48  ? 2   DA  A N1    1 
ATOM   38  C  C2    . DA  A 1 2  ? -14.654 -28.930 4.524   1.00 102.95 ? 2   DA  A C2    1 
ATOM   39  N  N3    . DA  A 1 2  ? -14.840 -29.049 3.202   1.00 111.53 ? 2   DA  A N3    1 
ATOM   40  C  C4    . DA  A 1 2  ? -13.724 -29.494 2.598   1.00 100.64 ? 2   DA  A C4    1 
ATOM   41  P  P     . DG  A 1 3  ? -16.536 -26.767 -2.235  1.00 133.50 ? 3   DG  A P     1 
ATOM   42  O  OP1   . DG  A 1 3  ? -17.414 -26.649 -3.423  1.00 131.73 ? 3   DG  A OP1   1 
ATOM   43  O  OP2   . DG  A 1 3  ? -15.254 -26.023 -2.195  1.00 127.74 ? 3   DG  A OP2   1 
ATOM   44  O  "O5'" . DG  A 1 3  ? -17.381 -26.351 -0.947  1.00 101.95 ? 3   DG  A "O5'" 1 
ATOM   45  C  "C5'" . DG  A 1 3  ? -17.106 -26.978 0.289   1.00 109.47 ? 3   DG  A "C5'" 1 
ATOM   46  C  "C4'" . DG  A 1 3  ? -17.655 -26.164 1.435   1.00 114.36 ? 3   DG  A "C4'" 1 
ATOM   47  O  "O4'" . DG  A 1 3  ? -16.828 -26.370 2.607   1.00 114.05 ? 3   DG  A "O4'" 1 
ATOM   48  C  "C3'" . DG  A 1 3  ? -17.648 -24.667 1.203   1.00 114.30 ? 3   DG  A "C3'" 1 
ATOM   49  O  "O3'" . DG  A 1 3  ? -18.658 -24.055 1.988   1.00 111.18 ? 3   DG  A "O3'" 1 
ATOM   50  C  "C2'" . DG  A 1 3  ? -16.240 -24.267 1.658   1.00 117.19 ? 3   DG  A "C2'" 1 
ATOM   51  C  "C1'" . DG  A 1 3  ? -15.943 -25.275 2.778   1.00 115.13 ? 3   DG  A "C1'" 1 
ATOM   52  N  N9    . DG  A 1 3  ? -14.561 -25.779 2.773   1.00 112.06 ? 3   DG  A N9    1 
ATOM   53  C  C8    . DG  A 1 3  ? -13.855 -26.261 1.694   1.00 111.41 ? 3   DG  A C8    1 
ATOM   54  N  N7    . DG  A 1 3  ? -12.639 -26.637 1.990   1.00 106.03 ? 3   DG  A N7    1 
ATOM   55  C  C5    . DG  A 1 3  ? -12.529 -26.391 3.352   1.00 101.50 ? 3   DG  A C5    1 
ATOM   56  C  C6    . DG  A 1 3  ? -11.438 -26.601 4.232   1.00 103.61 ? 3   DG  A C6    1 
ATOM   57  O  O6    . DG  A 1 3  ? -10.314 -27.061 3.973   1.00 100.48 ? 3   DG  A O6    1 
ATOM   58  N  N1    . DG  A 1 3  ? -11.747 -26.214 5.537   1.00 103.31 ? 3   DG  A N1    1 
ATOM   59  C  C2    . DG  A 1 3  ? -12.957 -25.690 5.936   1.00 103.00 ? 3   DG  A C2    1 
ATOM   60  N  N2    . DG  A 1 3  ? -13.074 -25.370 7.234   1.00 104.79 ? 3   DG  A N2    1 
ATOM   61  N  N3    . DG  A 1 3  ? -13.984 -25.490 5.121   1.00 104.13 ? 3   DG  A N3    1 
ATOM   62  C  C4    . DG  A 1 3  ? -13.701 -25.864 3.851   1.00 104.57 ? 3   DG  A C4    1 
ATOM   63  P  P     . DC  A 1 4  ? -18.850 -22.462 1.957   1.00 116.35 ? 4   DC  A P     1 
ATOM   64  O  OP1   . DC  A 1 4  ? -20.259 -22.140 2.279   1.00 112.87 ? 4   DC  A OP1   1 
ATOM   65  O  OP2   . DC  A 1 4  ? -18.269 -21.998 0.674   1.00 110.46 ? 4   DC  A OP2   1 
ATOM   66  O  "O5'" . DC  A 1 4  ? -17.951 -21.957 3.177   1.00 97.03  ? 4   DC  A "O5'" 1 
ATOM   67  C  "C5'" . DC  A 1 4  ? -17.914 -22.705 4.381   1.00 104.09 ? 4   DC  A "C5'" 1 
ATOM   68  C  "C4'" . DC  A 1 4  ? -17.484 -21.819 5.523   1.00 106.95 ? 4   DC  A "C4'" 1 
ATOM   69  O  "O4'" . DC  A 1 4  ? -16.199 -22.260 6.043   1.00 108.74 ? 4   DC  A "O4'" 1 
ATOM   70  C  "C3'" . DC  A 1 4  ? -17.341 -20.357 5.143   1.00 110.12 ? 4   DC  A "C3'" 1 
ATOM   71  O  "O3'" . DC  A 1 4  ? -18.034 -19.543 6.112   1.00 109.00 ? 4   DC  A "O3'" 1 
ATOM   72  C  "C2'" . DC  A 1 4  ? -15.819 -20.122 5.069   1.00 107.32 ? 4   DC  A "C2'" 1 
ATOM   73  C  "C1'" . DC  A 1 4  ? -15.210 -21.252 5.901   1.00 108.42 ? 4   DC  A "C1'" 1 
ATOM   74  N  N1    . DC  A 1 4  ? -13.987 -21.888 5.266   1.00 102.03 ? 4   DC  A N1    1 
ATOM   75  C  C2    . DC  A 1 4  ? -12.828 -22.143 6.034   1.00 101.38 ? 4   DC  A C2    1 
ATOM   76  O  O2    . DC  A 1 4  ? -12.806 -21.825 7.228   1.00 107.31 ? 4   DC  A O2    1 
ATOM   77  N  N3    . DC  A 1 4  ? -11.757 -22.734 5.432   1.00 97.02  ? 4   DC  A N3    1 
ATOM   78  C  C4    . DC  A 1 4  ? -11.817 -23.064 4.141   1.00 98.50  ? 4   DC  A C4    1 
ATOM   79  N  N4    . DC  A 1 4  ? -10.743 -23.639 3.586   1.00 100.50 ? 4   DC  A N4    1 
ATOM   80  C  C5    . DC  A 1 4  ? -12.980 -22.814 3.353   1.00 102.47 ? 4   DC  A C5    1 
ATOM   81  C  C6    . DC  A 1 4  ? -14.030 -22.239 3.951   1.00 104.43 ? 4   DC  A C6    1 
ATOM   82  P  P     . DA  A 1 5  ? -17.479 -18.115 6.606   1.00 123.24 ? 5   DA  A P     1 
ATOM   83  O  OP1   . DA  A 1 5  ? -18.617 -17.423 7.249   1.00 128.79 ? 5   DA  A OP1   1 
ATOM   84  O  OP2   . DA  A 1 5  ? -16.778 -17.415 5.504   1.00 118.22 ? 5   DA  A OP2   1 
ATOM   85  O  "O5'" . DA  A 1 5  ? -16.450 -18.503 7.764   1.00 104.59 ? 5   DA  A "O5'" 1 
ATOM   86  C  "C5'" . DA  A 1 5  ? -16.564 -17.903 9.046   1.00 105.90 ? 5   DA  A "C5'" 1 
ATOM   87  C  "C4'" . DA  A 1 5  ? -15.297 -17.155 9.385   1.00 114.01 ? 5   DA  A "C4'" 1 
ATOM   88  O  "O4'" . DA  A 1 5  ? -14.169 -17.841 8.765   1.00 113.96 ? 5   DA  A "O4'" 1 
ATOM   89  C  "C3'" . DA  A 1 5  ? -15.232 -15.726 8.844   1.00 112.62 ? 5   DA  A "C3'" 1 
ATOM   90  O  "O3'" . DA  A 1 5  ? -14.301 -14.979 9.594   1.00 117.61 ? 5   DA  A "O3'" 1 
ATOM   91  C  "C2'" . DA  A 1 5  ? -14.665 -15.975 7.465   1.00 107.95 ? 5   DA  A "C2'" 1 
ATOM   92  C  "C1'" . DA  A 1 5  ? -13.567 -16.954 7.848   1.00 107.85 ? 5   DA  A "C1'" 1 
ATOM   93  N  N9    . DA  A 1 5  ? -13.007 -17.690 6.724   1.00 100.46 ? 5   DA  A N9    1 
ATOM   94  C  C8    . DA  A 1 5  ? -13.552 -17.832 5.480   1.00 102.72 ? 5   DA  A C8    1 
ATOM   95  N  N7    . DA  A 1 5  ? -12.808 -18.527 4.652   1.00 96.09  ? 5   DA  A N7    1 
ATOM   96  C  C5    . DA  A 1 5  ? -11.691 -18.844 5.403   1.00 95.25  ? 5   DA  A C5    1 
ATOM   97  C  C6    . DA  A 1 5  ? -10.527 -19.567 5.103   1.00 91.42  ? 5   DA  A C6    1 
ATOM   98  N  N6    . DA  A 1 5  ? -10.301 -20.122 3.913   1.00 87.87  ? 5   DA  A N6    1 
ATOM   99  N  N1    . DA  A 1 5  ? -9.601  -19.700 6.079   1.00 95.43  ? 5   DA  A N1    1 
ATOM   100 C  C2    . DA  A 1 5  ? -9.835  -19.143 7.275   1.00 93.79  ? 5   DA  A C2    1 
ATOM   101 N  N3    . DA  A 1 5  ? -10.894 -18.439 7.675   1.00 97.96  ? 5   DA  A N3    1 
ATOM   102 C  C4    . DA  A 1 5  ? -11.794 -18.327 6.681   1.00 99.42  ? 5   DA  A C4    1 
ATOM   103 P  P     . DG  A 1 6  ? -14.722 -14.180 10.919  1.00 127.51 ? 6   DG  A P     1 
ATOM   104 O  OP1   . DG  A 1 6  ? -15.469 -15.103 11.800  1.00 120.72 ? 6   DG  A OP1   1 
ATOM   105 O  OP2   . DG  A 1 6  ? -15.346 -12.902 10.512  1.00 127.43 ? 6   DG  A OP2   1 
ATOM   106 O  "O5'" . DG  A 1 6  ? -13.303 -13.869 11.591  1.00 117.62 ? 6   DG  A "O5'" 1 
ATOM   107 C  "C5'" . DG  A 1 6  ? -12.480 -14.954 11.998  1.00 115.35 ? 6   DG  A "C5'" 1 
ATOM   108 C  "C4'" . DG  A 1 6  ? -11.066 -14.864 11.420  1.00 118.34 ? 6   DG  A "C4'" 1 
ATOM   109 O  "O4'" . DG  A 1 6  ? -10.991 -15.442 10.087  1.00 112.63 ? 6   DG  A "O4'" 1 
ATOM   110 C  "C3'" . DG  A 1 6  ? -10.453 -13.466 11.303  1.00 109.14 ? 6   DG  A "C3'" 1 
ATOM   111 O  "O3'" . DG  A 1 6  ? -9.161  -13.521 11.871  1.00 114.99 ? 6   DG  A "O3'" 1 
ATOM   112 C  "C2'" . DG  A 1 6  ? -10.375 -13.252 9.783   1.00 107.00 ? 6   DG  A "C2'" 1 
ATOM   113 C  "C1'" . DG  A 1 6  ? -10.080 -14.670 9.341   1.00 104.80 ? 6   DG  A "C1'" 1 
ATOM   114 N  N9    . DG  A 1 6  ? -10.281 -14.953 7.916   1.00 103.84 ? 6   DG  A N9    1 
ATOM   115 C  C8    . DG  A 1 6  ? -11.367 -14.624 7.142   1.00 100.77 ? 6   DG  A C8    1 
ATOM   116 N  N7    . DG  A 1 6  ? -11.278 -15.048 5.909   1.00 95.42  ? 6   DG  A N7    1 
ATOM   117 C  C5    . DG  A 1 6  ? -10.054 -15.705 5.861   1.00 92.14  ? 6   DG  A C5    1 
ATOM   118 C  C6    . DG  A 1 6  ? -9.411  -16.372 4.783   1.00 92.58  ? 6   DG  A C6    1 
ATOM   119 O  O6    . DG  A 1 6  ? -9.802  -16.520 3.616   1.00 92.75  ? 6   DG  A O6    1 
ATOM   120 N  N1    . DG  A 1 6  ? -8.183  -16.898 5.164   1.00 90.31  ? 6   DG  A N1    1 
ATOM   121 C  C2    . DG  A 1 6  ? -7.639  -16.810 6.421   1.00 95.62  ? 6   DG  A C2    1 
ATOM   122 N  N2    . DG  A 1 6  ? -6.439  -17.387 6.590   1.00 97.47  ? 6   DG  A N2    1 
ATOM   123 N  N3    . DG  A 1 6  ? -8.226  -16.189 7.441   1.00 100.66 ? 6   DG  A N3    1 
ATOM   124 C  C4    . DG  A 1 6  ? -9.430  -15.663 7.088   1.00 99.19  ? 6   DG  A C4    1 
ATOM   125 P  P     . DA  A 1 7  ? -8.557  -12.285 12.695  1.00 128.77 ? 7   DA  A P     1 
ATOM   126 O  OP1   . DA  A 1 7  ? -8.188  -12.796 14.038  1.00 124.44 ? 7   DA  A OP1   1 
ATOM   127 O  OP2   . DA  A 1 7  ? -9.494  -11.144 12.562  1.00 122.25 ? 7   DA  A OP2   1 
ATOM   128 O  "O5'" . DA  A 1 7  ? -7.215  -11.955 11.895  1.00 112.24 ? 7   DA  A "O5'" 1 
ATOM   129 C  "C5'" . DA  A 1 7  ? -7.045  -12.493 10.598  1.00 111.10 ? 7   DA  A "C5'" 1 
ATOM   130 C  "C4'" . DA  A 1 7  ? -5.808  -13.363 10.514  1.00 109.68 ? 7   DA  A "C4'" 1 
ATOM   131 O  "O4'" . DA  A 1 7  ? -5.974  -14.303 9.424   1.00 102.98 ? 7   DA  A "O4'" 1 
ATOM   132 C  "C3'" . DA  A 1 7  ? -4.552  -12.593 10.165  1.00 112.21 ? 7   DA  A "C3'" 1 
ATOM   133 O  "O3'" . DA  A 1 7  ? -3.383  -13.296 10.534  1.00 108.19 ? 7   DA  A "O3'" 1 
ATOM   134 C  "C2'" . DA  A 1 7  ? -4.665  -12.483 8.658   1.00 103.53 ? 7   DA  A "C2'" 1 
ATOM   135 C  "C1'" . DA  A 1 7  ? -5.332  -13.803 8.263   1.00 99.60  ? 7   DA  A "C1'" 1 
ATOM   136 N  N9    . DA  A 1 7  ? -6.330  -13.620 7.213   1.00 101.55 ? 7   DA  A N9    1 
ATOM   137 C  C8    . DA  A 1 7  ? -7.509  -12.939 7.319   1.00 104.05 ? 7   DA  A C8    1 
ATOM   138 N  N7    . DA  A 1 7  ? -8.209  -12.910 6.210   1.00 101.02 ? 7   DA  A N7    1 
ATOM   139 C  C5    . DA  A 1 7  ? -7.432  -13.614 5.308   1.00 90.62  ? 7   DA  A C5    1 
ATOM   140 C  C6    . DA  A 1 7  ? -7.621  -13.932 3.954   1.00 88.74  ? 7   DA  A C6    1 
ATOM   141 N  N6    . DA  A 1 7  ? -8.703  -13.569 3.255   1.00 82.63  ? 7   DA  A N6    1 
ATOM   142 N  N1    . DA  A 1 7  ? -6.664  -14.653 3.346   1.00 87.13  ? 7   DA  A N1    1 
ATOM   143 C  C2    . DA  A 1 7  ? -5.580  -15.017 4.046   1.00 88.98  ? 7   DA  A C2    1 
ATOM   144 N  N3    . DA  A 1 7  ? -5.286  -14.768 5.324   1.00 86.65  ? 7   DA  A N3    1 
ATOM   145 C  C4    . DA  A 1 7  ? -6.265  -14.056 5.905   1.00 92.01  ? 7   DA  A C4    1 
ATOM   146 P  P     . DC  A 1 8  ? -1.971  -12.525 10.512  1.00 122.86 ? 8   DC  A P     1 
ATOM   147 O  OP1   . DC  A 1 8  ? -0.959  -13.417 11.119  1.00 117.13 ? 8   DC  A OP1   1 
ATOM   148 O  OP2   . DC  A 1 8  ? -2.218  -11.176 11.080  1.00 115.42 ? 8   DC  A OP2   1 
ATOM   149 O  "O5'" . DC  A 1 8  ? -1.623  -12.364 8.953   1.00 95.58  ? 8   DC  A "O5'" 1 
ATOM   150 C  "C5'" . DC  A 1 8  ? -0.941  -13.401 8.289   1.00 95.03  ? 8   DC  A "C5'" 1 
ATOM   151 C  "C4'" . DC  A 1 8  ? -1.114  -13.308 6.783   1.00 102.04 ? 8   DC  A "C4'" 1 
ATOM   152 O  "O4'" . DC  A 1 8  ? -2.495  -13.089 6.437   1.00 108.91 ? 8   DC  A "O4'" 1 
ATOM   153 C  "C3'" . DC  A 1 8  ? -0.379  -12.161 6.105   1.00 99.88  ? 8   DC  A "C3'" 1 
ATOM   154 O  "O3'" . DC  A 1 8  ? 0.879   -12.598 5.656   1.00 98.40  ? 8   DC  A "O3'" 1 
ATOM   155 C  "C2'" . DC  A 1 8  ? -1.289  -11.786 4.914   1.00 99.80  ? 8   DC  A "C2'" 1 
ATOM   156 C  "C1'" . DC  A 1 8  ? -2.496  -12.710 5.083   1.00 93.32  ? 8   DC  A "C1'" 1 
ATOM   157 N  N1    . DC  A 1 8  ? -3.793  -12.070 4.722   1.00 89.01  ? 8   DC  A N1    1 
ATOM   158 C  C2    . DC  A 1 8  ? -4.232  -12.135 3.405   1.00 86.43  ? 8   DC  A C2    1 
ATOM   159 O  O2    . DC  A 1 8  ? -3.539  -12.736 2.584   1.00 83.54  ? 8   DC  A O2    1 
ATOM   160 N  N3    . DC  A 1 8  ? -5.402  -11.546 3.068   1.00 84.86  ? 8   DC  A N3    1 
ATOM   161 C  C4    . DC  A 1 8  ? -6.120  -10.912 3.994   1.00 91.05  ? 8   DC  A C4    1 
ATOM   162 N  N4    . DC  A 1 8  ? -7.272  -10.349 3.615   1.00 91.50  ? 8   DC  A N4    1 
ATOM   163 C  C5    . DC  A 1 8  ? -5.689  -10.830 5.349   1.00 92.67  ? 8   DC  A C5    1 
ATOM   164 C  C6    . DC  A 1 8  ? -4.523  -11.408 5.661   1.00 97.37  ? 8   DC  A C6    1 
ATOM   165 P  P     . DC  A 1 9  ? 1.899   -11.538 5.014   1.00 104.76 ? 9   DC  A P     1 
ATOM   166 O  OP1   . DC  A 1 9  ? 3.260   -12.117 5.113   1.00 97.64  ? 9   DC  A OP1   1 
ATOM   167 O  OP2   . DC  A 1 9  ? 1.589   -10.219 5.628   1.00 89.99  ? 9   DC  A OP2   1 
ATOM   168 O  "O5'" . DC  A 1 9  ? 1.488   -11.508 3.472   1.00 87.19  ? 9   DC  A "O5'" 1 
ATOM   169 C  "C5'" . DC  A 1 9  ? 1.480   -12.702 2.740   1.00 85.15  ? 9   DC  A "C5'" 1 
ATOM   170 C  "C4'" . DC  A 1 9  ? 1.073   -12.441 1.313   1.00 89.22  ? 9   DC  A "C4'" 1 
ATOM   171 O  "O4'" . DC  A 1 9  ? -0.332  -12.076 1.260   1.00 87.38  ? 9   DC  A "O4'" 1 
ATOM   172 C  "C3'" . DC  A 1 9  ? 1.830   -11.304 0.632   1.00 89.12  ? 9   DC  A "C3'" 1 
ATOM   173 O  "O3'" . DC  A 1 9  ? 2.244   -11.724 -0.652  1.00 88.31  ? 9   DC  A "O3'" 1 
ATOM   174 C  "C2'" . DC  A 1 9  ? 0.786   -10.186 0.553   1.00 90.94  ? 9   DC  A "C2'" 1 
ATOM   175 C  "C1'" . DC  A 1 9  ? -0.488  -10.992 0.384   1.00 88.17  ? 9   DC  A "C1'" 1 
ATOM   176 N  N1    . DC  A 1 9  ? -1.726  -10.260 0.769   1.00 76.63  ? 9   DC  A N1    1 
ATOM   177 C  C2    . DC  A 1 9  ? -2.667  -9.887  -0.211  1.00 76.67  ? 9   DC  A C2    1 
ATOM   178 O  O2    . DC  A 1 9  ? -2.455  -10.166 -1.401  1.00 83.63  ? 9   DC  A O2    1 
ATOM   179 N  N3    . DC  A 1 9  ? -3.782  -9.226  0.178   1.00 68.81  ? 9   DC  A N3    1 
ATOM   180 C  C4    . DC  A 1 9  ? -3.971  -8.942  1.467   1.00 80.71  ? 9   DC  A C4    1 
ATOM   181 N  N4    . DC  A 1 9  ? -5.081  -8.289  1.810   1.00 85.76  ? 9   DC  A N4    1 
ATOM   182 C  C5    . DC  A 1 9  ? -3.030  -9.313  2.467   1.00 79.47  ? 9   DC  A C5    1 
ATOM   183 C  C6    . DC  A 1 9  ? -1.936  -9.966  2.077   1.00 78.50  ? 9   DC  A C6    1 
ATOM   184 P  P     . DT  A 1 10 ? 3.149   -10.758 -1.558  1.00 103.07 ? 10  DT  A P     1 
ATOM   185 O  OP1   . DT  A 1 10 ? 3.828   -11.575 -2.589  1.00 92.07  ? 10  DT  A OP1   1 
ATOM   186 O  OP2   . DT  A 1 10 ? 3.931   -9.902  -0.635  1.00 90.40  ? 10  DT  A OP2   1 
ATOM   187 O  "O5'" . DT  A 1 10 ? 2.079   -9.831  -2.288  1.00 101.21 ? 10  DT  A "O5'" 1 
ATOM   188 C  "C5'" . DT  A 1 10 ? 0.942   -10.415 -2.905  1.00 98.49  ? 10  DT  A "C5'" 1 
ATOM   189 C  "C4'" . DT  A 1 10 ? 0.730   -9.824  -4.281  1.00 97.12  ? 10  DT  A "C4'" 1 
ATOM   190 O  "O4'" . DT  A 1 10 ? -0.532  -9.108  -4.311  1.00 95.89  ? 10  DT  A "O4'" 1 
ATOM   191 C  "C3'" . DT  A 1 10 ? 1.770   -8.805  -4.683  1.00 96.61  ? 10  DT  A "C3'" 1 
ATOM   192 O  "O3'" . DT  A 1 10 ? 1.844   -8.736  -6.087  1.00 97.09  ? 10  DT  A "O3'" 1 
ATOM   193 C  "C2'" . DT  A 1 10 ? 1.208   -7.517  -4.079  1.00 92.05  ? 10  DT  A "C2'" 1 
ATOM   194 C  "C1'" . DT  A 1 10 ? -0.299  -7.713  -4.257  1.00 89.57  ? 10  DT  A "C1'" 1 
ATOM   195 N  N1    . DT  A 1 10 ? -1.126  -7.143  -3.148  1.00 84.47  ? 10  DT  A N1    1 
ATOM   196 C  C2    . DT  A 1 10 ? -2.304  -6.499  -3.456  1.00 78.51  ? 10  DT  A C2    1 
ATOM   197 O  O2    . DT  A 1 10 ? -2.715  -6.364  -4.595  1.00 75.72  ? 10  DT  A O2    1 
ATOM   198 N  N3    . DT  A 1 10 ? -2.990  -6.014  -2.378  1.00 68.38  ? 10  DT  A N3    1 
ATOM   199 C  C4    . DT  A 1 10 ? -2.629  -6.107  -1.050  1.00 70.47  ? 10  DT  A C4    1 
ATOM   200 O  O4    . DT  A 1 10 ? -3.320  -5.645  -0.150  1.00 70.26  ? 10  DT  A O4    1 
ATOM   201 C  C5    . DT  A 1 10 ? -1.388  -6.793  -0.792  1.00 71.29  ? 10  DT  A C5    1 
ATOM   202 C  C7    . DT  A 1 10 ? -0.904  -6.951  0.616   1.00 72.97  ? 10  DT  A C7    1 
ATOM   203 C  C6    . DT  A 1 10 ? -0.703  -7.278  -1.840  1.00 74.09  ? 10  DT  A C6    1 
ATOM   204 P  P     . DG  A 1 11 ? 3.223   -8.327  -6.793  1.00 107.70 ? 11  DG  A P     1 
ATOM   205 O  OP1   . DG  A 1 11 ? 3.807   -9.546  -7.398  1.00 102.15 ? 11  DG  A OP1   1 
ATOM   206 O  OP2   . DG  A 1 11 ? 4.005   -7.545  -5.803  1.00 99.52  ? 11  DG  A OP2   1 
ATOM   207 O  "O5'" . DG  A 1 11 ? 2.758   -7.342  -7.958  1.00 98.38  ? 11  DG  A "O5'" 1 
ATOM   208 C  "C5'" . DG  A 1 11 ? 1.623   -7.672  -8.740  1.00 93.41  ? 11  DG  A "C5'" 1 
ATOM   209 C  "C4'" . DG  A 1 11 ? 0.911   -6.418  -9.213  1.00 91.10  ? 11  DG  A "C4'" 1 
ATOM   210 O  "O4'" . DG  A 1 11 ? 0.072   -5.901  -8.149  1.00 97.61  ? 11  DG  A "O4'" 1 
ATOM   211 C  "C3'" . DG  A 1 11 ? 1.820   -5.266  -9.628  1.00 93.24  ? 11  DG  A "C3'" 1 
ATOM   212 O  "O3'" . DG  A 1 11 ? 1.290   -4.654  -10.787 1.00 102.75 ? 11  DG  A "O3'" 1 
ATOM   213 C  "C2'" . DG  A 1 11 ? 1.765   -4.329  -8.419  1.00 95.61  ? 11  DG  A "C2'" 1 
ATOM   214 C  "C1'" . DG  A 1 11 ? 0.340   -4.531  -7.950  1.00 92.69  ? 11  DG  A "C1'" 1 
ATOM   215 N  N9    . DG  A 1 11 ? 0.137   -4.242  -6.536  1.00 85.75  ? 11  DG  A N9    1 
ATOM   216 C  C8    . DG  A 1 11 ? 0.978   -4.551  -5.504  1.00 86.68  ? 11  DG  A C8    1 
ATOM   217 N  N7    . DG  A 1 11 ? 0.520   -4.191  -4.334  1.00 83.59  ? 11  DG  A N7    1 
ATOM   218 C  C5    . DG  A 1 11 ? -0.701  -3.615  -4.608  1.00 69.91  ? 11  DG  A C5    1 
ATOM   219 C  C6    . DG  A 1 11 ? -1.648  -3.050  -3.732  1.00 77.68  ? 11  DG  A C6    1 
ATOM   220 O  O6    . DG  A 1 11 ? -1.583  -2.944  -2.502  1.00 79.42  ? 11  DG  A O6    1 
ATOM   221 N  N1    . DG  A 1 11 ? -2.764  -2.575  -4.413  1.00 79.28  ? 11  DG  A N1    1 
ATOM   222 C  C2    . DG  A 1 11 ? -2.941  -2.645  -5.774  1.00 83.11  ? 11  DG  A C2    1 
ATOM   223 N  N2    . DG  A 1 11 ? -4.083  -2.135  -6.257  1.00 87.99  ? 11  DG  A N2    1 
ATOM   224 N  N3    . DG  A 1 11 ? -2.053  -3.179  -6.612  1.00 82.72  ? 11  DG  A N3    1 
ATOM   225 C  C4    . DG  A 1 11 ? -0.962  -3.641  -5.958  1.00 81.41  ? 11  DG  A C4    1 
ATOM   226 P  P     . DA  A 1 12 ? 2.147   -3.582  -11.625 1.00 119.71 ? 12  DA  A P     1 
ATOM   227 O  OP1   . DA  A 1 12 ? 2.434   -4.191  -12.942 1.00 113.47 ? 12  DA  A OP1   1 
ATOM   228 O  OP2   . DA  A 1 12 ? 3.266   -3.071  -10.797 1.00 101.90 ? 12  DA  A OP2   1 
ATOM   229 O  "O5'" . DA  A 1 12 ? 1.110   -2.386  -11.832 1.00 102.84 ? 12  DA  A "O5'" 1 
ATOM   230 C  "C5'" . DA  A 1 12 ? -0.279  -2.663  -11.829 1.00 95.64  ? 12  DA  A "C5'" 1 
ATOM   231 C  "C4'" . DA  A 1 12 ? -1.040  -1.562  -11.123 1.00 100.30 ? 12  DA  A "C4'" 1 
ATOM   232 O  "O4'" . DA  A 1 12 ? -0.943  -1.737  -9.686  1.00 101.32 ? 12  DA  A "O4'" 1 
ATOM   233 C  "C3'" . DA  A 1 12 ? -0.532  -0.142  -11.408 1.00 100.96 ? 12  DA  A "C3'" 1 
ATOM   234 O  "O3'" . DA  A 1 12 ? -1.593  0.663   -11.904 1.00 108.82 ? 12  DA  A "O3'" 1 
ATOM   235 C  "C2'" . DA  A 1 12 ? -0.041  0.352   -10.042 1.00 93.14  ? 12  DA  A "C2'" 1 
ATOM   236 C  "C1'" . DA  A 1 12 ? -0.904  -0.462  -9.105  1.00 94.27  ? 12  DA  A "C1'" 1 
ATOM   237 N  N9    . DA  A 1 12 ? -0.365  -0.559  -7.753  1.00 91.50  ? 12  DA  A N9    1 
ATOM   238 C  C8    . DA  A 1 12 ? 0.820   -1.122  -7.375  1.00 88.72  ? 12  DA  A C8    1 
ATOM   239 N  N7    . DA  A 1 12 ? 1.044   -1.056  -6.081  1.00 86.80  ? 12  DA  A N7    1 
ATOM   240 C  C5    . DA  A 1 12 ? -0.070  -0.405  -5.580  1.00 77.17  ? 12  DA  A C5    1 
ATOM   241 C  C6    . DA  A 1 12 ? -0.439  -0.021  -4.278  1.00 76.55  ? 12  DA  A C6    1 
ATOM   242 N  N6    . DA  A 1 12 ? 0.312   -0.258  -3.201  1.00 70.53  ? 12  DA  A N6    1 
ATOM   243 N  N1    . DA  A 1 12 ? -1.616  0.621   -4.124  1.00 81.31  ? 12  DA  A N1    1 
ATOM   244 C  C2    . DA  A 1 12 ? -2.370  0.856   -5.205  1.00 74.96  ? 12  DA  A C2    1 
ATOM   245 N  N3    . DA  A 1 12 ? -2.122  0.548   -6.475  1.00 76.20  ? 12  DA  A N3    1 
ATOM   246 C  C4    . DA  A 1 12 ? -0.950  -0.091  -6.594  1.00 80.53  ? 12  DA  A C4    1 
ATOM   247 P  P     . DC  A 1 13 ? -1.271  2.013   -12.716 1.00 119.83 ? 13  DC  A P     1 
ATOM   248 O  OP1   . DC  A 1 13 ? -2.559  2.652   -13.075 1.00 113.44 ? 13  DC  A OP1   1 
ATOM   249 O  OP2   . DC  A 1 13 ? -0.299  1.665   -13.782 1.00 105.49 ? 13  DC  A OP2   1 
ATOM   250 O  "O5'" . DC  A 1 13 ? -0.542  2.938   -11.630 1.00 113.87 ? 13  DC  A "O5'" 1 
ATOM   251 C  "C5'" . DC  A 1 13 ? -1.101  4.200   -11.276 1.00 109.09 ? 13  DC  A "C5'" 1 
ATOM   252 C  "C4'" . DC  A 1 13 ? -1.920  4.110   -9.999  1.00 96.65  ? 13  DC  A "C4'" 1 
ATOM   253 O  "O4'" . DC  A 1 13 ? -1.319  3.162   -9.096  1.00 96.08  ? 13  DC  A "O4'" 1 
ATOM   254 C  "C3'" . DC  A 1 13 ? -1.983  5.409   -9.215  1.00 98.10  ? 13  DC  A "C3'" 1 
ATOM   255 O  "O3'" . DC  A 1 13 ? -3.105  6.161   -9.620  1.00 104.09 ? 13  DC  A "O3'" 1 
ATOM   256 C  "C2'" . DC  A 1 13 ? -2.117  4.961   -7.756  1.00 83.72  ? 13  DC  A "C2'" 1 
ATOM   257 C  "C1'" . DC  A 1 13 ? -1.687  3.491   -7.770  1.00 89.44  ? 13  DC  A "C1'" 1 
ATOM   258 N  N1    . DC  A 1 13 ? -0.536  3.155   -6.842  1.00 77.50  ? 13  DC  A N1    1 
ATOM   259 C  C2    . DC  A 1 13 ? -0.596  3.492   -5.470  1.00 76.10  ? 13  DC  A C2    1 
ATOM   260 O  O2    . DC  A 1 13 ? -1.591  4.070   -5.021  1.00 81.73  ? 13  DC  A O2    1 
ATOM   261 N  N3    . DC  A 1 13 ? 0.444   3.167   -4.670  1.00 72.00  ? 13  DC  A N3    1 
ATOM   262 C  C4    . DC  A 1 13 ? 1.497   2.528   -5.168  1.00 80.90  ? 13  DC  A C4    1 
ATOM   263 N  N4    . DC  A 1 13 ? 2.495   2.224   -4.325  1.00 75.58  ? 13  DC  A N4    1 
ATOM   264 C  C5    . DC  A 1 13 ? 1.581   2.176   -6.552  1.00 81.68  ? 13  DC  A C5    1 
ATOM   265 C  C6    . DC  A 1 13 ? 0.554   2.510   -7.342  1.00 77.29  ? 13  DC  A C6    1 
ATOM   266 P  P     . DT  A 1 14 ? -3.143  7.747   -9.375  1.00 117.14 ? 14  DT  A P     1 
ATOM   267 O  OP1   . DT  A 1 14 ? -4.452  8.231   -9.878  1.00 117.84 ? 14  DT  A OP1   1 
ATOM   268 O  OP2   . DT  A 1 14 ? -1.876  8.308   -9.899  1.00 103.76 ? 14  DT  A OP2   1 
ATOM   269 O  "O5'" . DT  A 1 14 ? -3.141  7.905   -7.781  1.00 96.41  ? 14  DT  A "O5'" 1 
ATOM   270 C  "C5'" . DT  A 1 14 ? -4.295  7.553   -7.037  1.00 90.76  ? 14  DT  A "C5'" 1 
ATOM   271 C  "C4'" . DT  A 1 14 ? -4.208  8.091   -5.623  1.00 93.37  ? 14  DT  A "C4'" 1 
ATOM   272 O  "O4'" . DT  A 1 14 ? -3.207  7.353   -4.859  1.00 98.68  ? 14  DT  A "O4'" 1 
ATOM   273 C  "C3'" . DT  A 1 14 ? -3.833  9.563   -5.514  1.00 89.05  ? 14  DT  A "C3'" 1 
ATOM   274 O  "O3'" . DT  A 1 14 ? -4.651  10.161  -4.518  1.00 95.35  ? 14  DT  A "O3'" 1 
ATOM   275 C  "C2'" . DT  A 1 14 ? -2.349  9.521   -5.111  1.00 88.40  ? 14  DT  A "C2'" 1 
ATOM   276 C  "C1'" . DT  A 1 14 ? -2.283  8.251   -4.266  1.00 89.18  ? 14  DT  A "C1'" 1 
ATOM   277 N  N1    . DT  A 1 14 ? -0.912  7.576   -4.238  1.00 74.27  ? 14  DT  A N1    1 
ATOM   278 C  C2    . DT  A 1 14 ? -0.262  7.361   -3.027  1.00 71.69  ? 14  DT  A C2    1 
ATOM   279 O  O2    . DT  A 1 14 ? -0.705  7.714   -1.949  1.00 73.81  ? 14  DT  A O2    1 
ATOM   280 N  N3    . DT  A 1 14 ? 0.955   6.734   -3.138  1.00 69.93  ? 14  DT  A N3    1 
ATOM   281 C  C4    . DT  A 1 14 ? 1.562   6.282   -4.299  1.00 80.25  ? 14  DT  A C4    1 
ATOM   282 O  O4    . DT  A 1 14 ? 2.657   5.716   -4.300  1.00 77.36  ? 14  DT  A O4    1 
ATOM   283 C  C5    . DT  A 1 14 ? 0.824   6.525   -5.513  1.00 72.18  ? 14  DT  A C5    1 
ATOM   284 C  C7    . DT  A 1 14 ? 1.387   6.086   -6.827  1.00 73.70  ? 14  DT  A C7    1 
ATOM   285 C  C6    . DT  A 1 14 ? -0.359  7.146   -5.425  1.00 71.94  ? 14  DT  A C6    1 
ATOM   286 P  P     . DC  A 1 15 ? -4.328  11.622  -3.941  1.00 106.25 ? 15  DC  A P     1 
ATOM   287 O  OP1   . DC  A 1 15 ? -5.537  12.075  -3.215  1.00 91.75  ? 15  DC  A OP1   1 
ATOM   288 O  OP2   . DC  A 1 15 ? -3.753  12.423  -5.049  1.00 97.84  ? 15  DC  A OP2   1 
ATOM   289 O  "O5'" . DC  A 1 15 ? -3.193  11.364  -2.842  1.00 94.44  ? 15  DC  A "O5'" 1 
ATOM   290 C  "C5'" . DC  A 1 15 ? -3.471  10.531  -1.735  1.00 89.18  ? 15  DC  A "C5'" 1 
ATOM   291 C  "C4'" . DC  A 1 15 ? -2.754  11.017  -0.492  1.00 88.27  ? 15  DC  A "C4'" 1 
ATOM   292 O  "O4'" . DC  A 1 15 ? -1.477  10.340  -0.363  1.00 81.45  ? 15  DC  A "O4'" 1 
ATOM   293 C  "C3'" . DC  A 1 15 ? -2.435  12.500  -0.454  1.00 94.72  ? 15  DC  A "C3'" 1 
ATOM   294 O  "O3'" . DC  A 1 15 ? -2.449  12.933  0.898   1.00 93.85  ? 15  DC  A "O3'" 1 
ATOM   295 C  "C2'" . DC  A 1 15 ? -1.025  12.546  -1.050  1.00 92.62  ? 15  DC  A "C2'" 1 
ATOM   296 C  "C1'" . DC  A 1 15 ? -0.418  11.274  -0.465  1.00 85.20  ? 15  DC  A "C1'" 1 
ATOM   297 N  N1    . DC  A 1 15 ? 0.670   10.641  -1.295  1.00 74.64  ? 15  DC  A N1    1 
ATOM   298 C  C2    . DC  A 1 15 ? 1.777   10.065  -0.654  1.00 70.94  ? 15  DC  A C2    1 
ATOM   299 O  O2    . DC  A 1 15 ? 1.854   10.119  0.585   1.00 65.91  ? 15  DC  A O2    1 
ATOM   300 N  N3    . DC  A 1 15 ? 2.736   9.475   -1.409  1.00 66.41  ? 15  DC  A N3    1 
ATOM   301 C  C4    . DC  A 1 15 ? 2.616   9.436   -2.736  1.00 70.31  ? 15  DC  A C4    1 
ATOM   302 N  N4    . DC  A 1 15 ? 3.593   8.843   -3.440  1.00 66.32  ? 15  DC  A N4    1 
ATOM   303 C  C5    . DC  A 1 15 ? 1.494   10.010  -3.403  1.00 70.56  ? 15  DC  A C5    1 
ATOM   304 C  C6    . DC  A 1 15 ? 0.552   10.589  -2.649  1.00 71.31  ? 15  DC  A C6    1 
ATOM   305 P  P     . DC  A 1 16 ? -2.692  14.478  1.252   1.00 100.40 ? 16  DC  A P     1 
ATOM   306 O  OP1   . DC  A 1 16 ? -3.695  14.552  2.339   1.00 96.87  ? 16  DC  A OP1   1 
ATOM   307 O  OP2   . DC  A 1 16 ? -2.893  15.180  -0.037  1.00 101.98 ? 16  DC  A OP2   1 
ATOM   308 O  "O5'" . DC  A 1 16 ? -1.301  14.955  1.865   1.00 91.76  ? 16  DC  A "O5'" 1 
ATOM   309 C  "C5'" . DC  A 1 16 ? -0.901  14.489  3.133   1.00 89.08  ? 16  DC  A "C5'" 1 
ATOM   310 C  "C4'" . DC  A 1 16 ? 0.553   14.807  3.370   1.00 83.19  ? 16  DC  A "C4'" 1 
ATOM   311 O  "O4'" . DC  A 1 16 ? 1.385   13.956  2.529   1.00 92.59  ? 16  DC  A "O4'" 1 
ATOM   312 C  "C3'" . DC  A 1 16 ? 0.948   16.241  3.016   1.00 93.38  ? 16  DC  A "C3'" 1 
ATOM   313 O  "O3'" . DC  A 1 16 ? 1.908   16.699  3.937   1.00 94.54  ? 16  DC  A "O3'" 1 
ATOM   314 C  "C2'" . DC  A 1 16 ? 1.570   16.070  1.639   1.00 91.35  ? 16  DC  A "C2'" 1 
ATOM   315 C  "C1'" . DC  A 1 16 ? 2.316   14.777  1.875   1.00 86.83  ? 16  DC  A "C1'" 1 
ATOM   316 N  N1    . DC  A 1 16 ? 2.799   14.122  0.640   1.00 77.98  ? 16  DC  A N1    1 
ATOM   317 C  C2    . DC  A 1 16 ? 3.955   13.336  0.692   1.00 75.61  ? 16  DC  A C2    1 
ATOM   318 O  O2    . DC  A 1 16 ? 4.525   13.182  1.784   1.00 75.87  ? 16  DC  A O2    1 
ATOM   319 N  N3    . DC  A 1 16 ? 4.409   12.761  -0.455  1.00 67.34  ? 16  DC  A N3    1 
ATOM   320 C  C4    . DC  A 1 16 ? 3.748   12.959  -1.606  1.00 79.67  ? 16  DC  A C4    1 
ATOM   321 N  N4    . DC  A 1 16 ? 4.217   12.372  -2.720  1.00 79.36  ? 16  DC  A N4    1 
ATOM   322 C  C5    . DC  A 1 16 ? 2.575   13.771  -1.670  1.00 71.75  ? 16  DC  A C5    1 
ATOM   323 C  C6    . DC  A 1 16 ? 2.145   14.330  -0.534  1.00 74.42  ? 16  DC  A C6    1 
ATOM   324 P  P     . DA  A 1 17 ? 1.447   17.449  5.275   1.00 107.60 ? 17  DA  A P     1 
ATOM   325 O  OP1   . DA  A 1 17 ? 0.524   16.558  6.017   1.00 100.61 ? 17  DA  A OP1   1 
ATOM   326 O  OP2   . DA  A 1 17 ? 0.989   18.797  4.868   1.00 108.54 ? 17  DA  A OP2   1 
ATOM   327 O  "O5'" . DA  A 1 17 ? 2.806   17.579  6.115   1.00 103.64 ? 17  DA  A "O5'" 1 
ATOM   328 C  "C5'" . DA  A 1 17 ? 3.236   16.503  6.940   1.00 91.32  ? 17  DA  A "C5'" 1 
ATOM   329 C  "C4'" . DA  A 1 17 ? 4.672   16.113  6.633   1.00 97.07  ? 17  DA  A "C4'" 1 
ATOM   330 O  "O4'" . DA  A 1 17 ? 4.811   15.746  5.236   1.00 99.76  ? 17  DA  A "O4'" 1 
ATOM   331 C  "C3'" . DA  A 1 17 ? 5.714   17.193  6.884   1.00 103.41 ? 17  DA  A "C3'" 1 
ATOM   332 O  "O3'" . DA  A 1 17 ? 6.832   16.593  7.479   1.00 104.50 ? 17  DA  A "O3'" 1 
ATOM   333 C  "C2'" . DA  A 1 17 ? 6.034   17.713  5.476   1.00 98.26  ? 17  DA  A "C2'" 1 
ATOM   334 C  "C1'" . DA  A 1 17 ? 5.899   16.444  4.661   1.00 89.38  ? 17  DA  A "C1'" 1 
ATOM   335 N  N9    . DA  A 1 17 ? 5.577   16.649  3.253   1.00 86.24  ? 17  DA  A N9    1 
ATOM   336 C  C8    . DA  A 1 17 ? 4.530   17.365  2.743   1.00 87.80  ? 17  DA  A C8    1 
ATOM   337 N  N7    . DA  A 1 17 ? 4.459   17.336  1.429   1.00 85.95  ? 17  DA  A N7    1 
ATOM   338 C  C5    . DA  A 1 17 ? 5.522   16.528  1.056   1.00 78.28  ? 17  DA  A C5    1 
ATOM   339 C  C6    . DA  A 1 17 ? 5.994   16.099  -0.200  1.00 78.92  ? 17  DA  A C6    1 
ATOM   340 N  N6    . DA  A 1 17 ? 5.423   16.447  -1.358  1.00 80.59  ? 17  DA  A N6    1 
ATOM   341 N  N1    . DA  A 1 17 ? 7.077   15.296  -0.222  1.00 79.44  ? 17  DA  A N1    1 
ATOM   342 C  C2    . DA  A 1 17 ? 7.647   14.951  0.938   1.00 77.92  ? 17  DA  A C2    1 
ATOM   343 N  N3    . DA  A 1 17 ? 7.295   15.291  2.176   1.00 81.15  ? 17  DA  A N3    1 
ATOM   344 C  C4    . DA  A 1 17 ? 6.215   16.089  2.167   1.00 80.85  ? 17  DA  A C4    1 
ATOM   345 P  P     . DC  A 1 18 ? 7.780   17.447  8.442   1.00 115.80 ? 18  DC  A P     1 
ATOM   346 O  OP1   . DC  A 1 18 ? 8.045   16.633  9.650   1.00 112.22 ? 18  DC  A OP1   1 
ATOM   347 O  OP2   . DC  A 1 18 ? 7.167   18.787  8.579   1.00 115.06 ? 18  DC  A OP2   1 
ATOM   348 O  "O5'" . DC  A 1 18 ? 9.125   17.574  7.590   1.00 117.54 ? 18  DC  A "O5'" 1 
ATOM   349 C  "C5'" . DC  A 1 18 ? 9.768   16.396  7.145   1.00 107.24 ? 18  DC  A "C5'" 1 
ATOM   350 C  "C4'" . DC  A 1 18 ? 10.501  16.619  5.836   1.00 98.48  ? 18  DC  A "C4'" 1 
ATOM   351 O  "O4'" . DC  A 1 18 ? 9.572   16.861  4.768   1.00 96.18  ? 18  DC  A "O4'" 1 
ATOM   352 C  "C3'" . DC  A 1 18 ? 11.457  17.813  5.797   1.00 97.00  ? 18  DC  A "C3'" 1 
ATOM   353 O  "O3'" . DC  A 1 18 ? 12.794  17.350  5.957   1.00 98.86  ? 18  DC  A "O3'" 1 
ATOM   354 C  "C2'" . DC  A 1 18 ? 11.221  18.431  4.397   1.00 98.50  ? 18  DC  A "C2'" 1 
ATOM   355 C  "C1'" . DC  A 1 18 ? 10.335  17.393  3.721   1.00 96.22  ? 18  DC  A "C1'" 1 
ATOM   356 N  N1    . DC  A 1 18 ? 9.424   17.928  2.650   1.00 86.46  ? 18  DC  A N1    1 
ATOM   357 C  C2    . DC  A 1 18 ? 9.658   17.598  1.304   1.00 88.03  ? 18  DC  A C2    1 
ATOM   358 O  O2    . DC  A 1 18 ? 10.623  16.876  1.016   1.00 92.47  ? 18  DC  A O2    1 
ATOM   359 N  N3    . DC  A 1 18 ? 8.818   18.084  0.351   1.00 84.32  ? 18  DC  A N3    1 
ATOM   360 C  C4    . DC  A 1 18 ? 7.788   18.850  0.702   1.00 82.76  ? 18  DC  A C4    1 
ATOM   361 N  N4    . DC  A 1 18 ? 6.985   19.306  -0.266  1.00 77.13  ? 18  DC  A N4    1 
ATOM   362 C  C5    . DC  A 1 18 ? 7.532   19.190  2.064   1.00 85.17  ? 18  DC  A C5    1 
ATOM   363 C  C6    . DC  A 1 18 ? 8.365   18.711  2.994   1.00 90.35  ? 18  DC  A C6    1 
ATOM   364 P  P     . DT  A 1 19 ? 14.044  18.336  5.719   1.00 122.20 ? 19  DT  A P     1 
ATOM   365 O  OP1   . DT  A 1 19 ? 15.195  17.775  6.459   1.00 117.95 ? 19  DT  A OP1   1 
ATOM   366 O  OP2   . DT  A 1 19 ? 13.619  19.737  5.954   1.00 119.15 ? 19  DT  A OP2   1 
ATOM   367 O  "O5'" . DT  A 1 19 ? 14.363  18.166  4.170   1.00 102.68 ? 19  DT  A "O5'" 1 
ATOM   368 C  "C5'" . DT  A 1 19 ? 14.501  16.874  3.637   1.00 106.48 ? 19  DT  A "C5'" 1 
ATOM   369 C  "C4'" . DT  A 1 19 ? 15.023  16.929  2.220   1.00 105.76 ? 19  DT  A "C4'" 1 
ATOM   370 O  "O4'" . DT  A 1 19 ? 13.972  17.367  1.322   1.00 107.54 ? 19  DT  A "O4'" 1 
ATOM   371 C  "C3'" . DT  A 1 19 ? 16.186  17.882  1.995   1.00 111.98 ? 19  DT  A "C3'" 1 
ATOM   372 O  "O3'" . DT  A 1 19 ? 17.048  17.306  1.025   1.00 118.01 ? 19  DT  A "O3'" 1 
ATOM   373 C  "C2'" . DT  A 1 19 ? 15.487  19.147  1.471   1.00 109.37 ? 19  DT  A "C2'" 1 
ATOM   374 C  "C1'" . DT  A 1 19 ? 14.387  18.527  0.622   1.00 107.47 ? 19  DT  A "C1'" 1 
ATOM   375 N  N1    . DT  A 1 19 ? 13.159  19.390  0.381   1.00 95.17  ? 19  DT  A N1    1 
ATOM   376 C  C2    . DT  A 1 19 ? 12.663  19.483  -0.899  1.00 97.25  ? 19  DT  A C2    1 
ATOM   377 O  O2    . DT  A 1 19 ? 13.188  18.940  -1.860  1.00 101.63 ? 19  DT  A O2    1 
ATOM   378 N  N3    . DT  A 1 19 ? 11.533  20.246  -1.027  1.00 93.28  ? 19  DT  A N3    1 
ATOM   379 C  C4    . DT  A 1 19 ? 10.851  20.905  -0.024  1.00 93.91  ? 19  DT  A C4    1 
ATOM   380 O  O4    . DT  A 1 19 ? 9.839   21.566  -0.245  1.00 96.54  ? 19  DT  A O4    1 
ATOM   381 C  C5    . DT  A 1 19 ? 11.406  20.761  1.298   1.00 90.32  ? 19  DT  A C5    1 
ATOM   382 C  C7    . DT  A 1 19 ? 10.739  21.435  2.462   1.00 92.94  ? 19  DT  A C7    1 
ATOM   383 C  C6    . DT  A 1 19 ? 12.519  20.011  1.441   1.00 89.02  ? 19  DT  A C6    1 
ATOM   384 P  P     . DC  A 1 20 ? 18.553  17.830  0.840   1.00 115.84 ? 20  DC  A P     1 
ATOM   385 O  OP1   . DC  A 1 20 ? 19.396  16.667  0.480   1.00 114.57 ? 20  DC  A OP1   1 
ATOM   386 O  OP2   . DC  A 1 20 ? 18.887  18.667  2.017   1.00 111.39 ? 20  DC  A OP2   1 
ATOM   387 O  "O5'" . DC  A 1 20 ? 18.447  18.742  -0.457  1.00 104.01 ? 20  DC  A "O5'" 1 
ATOM   388 C  "C5'" . DC  A 1 20 ? 17.483  18.423  -1.438  1.00 110.67 ? 20  DC  A "C5'" 1 
ATOM   389 C  "C4'" . DC  A 1 20 ? 17.810  19.096  -2.750  1.00 115.90 ? 20  DC  A "C4'" 1 
ATOM   390 O  "O4'" . DC  A 1 20 ? 16.686  19.918  -3.156  1.00 110.44 ? 20  DC  A "O4'" 1 
ATOM   391 C  "C3'" . DC  A 1 20 ? 18.983  20.053  -2.692  1.00 116.22 ? 20  DC  A "C3'" 1 
ATOM   392 O  "O3'" . DC  A 1 20 ? 19.475  20.256  -4.004  1.00 122.85 ? 20  DC  A "O3'" 1 
ATOM   393 C  "C2'" . DC  A 1 20 ? 18.312  21.308  -2.153  1.00 111.79 ? 20  DC  A "C2'" 1 
ATOM   394 C  "C1'" . DC  A 1 20 ? 17.004  21.282  -2.942  1.00 109.27 ? 20  DC  A "C1'" 1 
ATOM   395 N  N1    . DC  A 1 20 ? 15.867  21.933  -2.254  1.00 97.57  ? 20  DC  A N1    1 
ATOM   396 C  C2    . DC  A 1 20 ? 14.757  22.310  -3.007  1.00 99.78  ? 20  DC  A C2    1 
ATOM   397 O  O2    . DC  A 1 20 ? 14.764  22.078  -4.227  1.00 101.89 ? 20  DC  A O2    1 
ATOM   398 N  N3    . DC  A 1 20 ? 13.712  22.913  -2.381  1.00 98.80  ? 20  DC  A N3    1 
ATOM   399 C  C4    . DC  A 1 20 ? 13.765  23.136  -1.060  1.00 99.20  ? 20  DC  A C4    1 
ATOM   400 N  N4    . DC  A 1 20 ? 12.713  23.730  -0.483  1.00 99.69  ? 20  DC  A N4    1 
ATOM   401 C  C5    . DC  A 1 20 ? 14.897  22.759  -0.276  1.00 92.00  ? 20  DC  A C5    1 
ATOM   402 C  C6    . DC  A 1 20 ? 15.915  22.166  -0.908  1.00 97.55  ? 20  DC  A C6    1 
ATOM   403 P  P     . DA  A 1 21 ? 20.989  20.732  -4.251  1.00 136.12 ? 21  DA  A P     1 
ATOM   404 O  OP1   . DA  A 1 21 ? 21.812  19.512  -4.430  1.00 138.23 ? 21  DA  A OP1   1 
ATOM   405 O  OP2   . DA  A 1 21 ? 21.333  21.709  -3.187  1.00 123.85 ? 21  DA  A OP2   1 
ATOM   406 O  "O5'" . DA  A 1 21 ? 20.911  21.491  -5.661  1.00 126.42 ? 21  DA  A "O5'" 1 
ATOM   407 C  "C5'" . DA  A 1 21 ? 20.440  20.796  -6.818  1.00 125.25 ? 21  DA  A "C5'" 1 
ATOM   408 C  "C4'" . DA  A 1 21 ? 19.533  21.678  -7.667  1.00 121.88 ? 21  DA  A "C4'" 1 
ATOM   409 O  "O4'" . DA  A 1 21 ? 18.442  22.191  -6.855  1.00 120.67 ? 21  DA  A "O4'" 1 
ATOM   410 C  "C3'" . DA  A 1 21 ? 20.200  22.903  -8.277  1.00 121.89 ? 21  DA  A "C3'" 1 
ATOM   411 O  "O3'" . DA  A 1 21 ? 19.624  23.174  -9.550  1.00 131.39 ? 21  DA  A "O3'" 1 
ATOM   412 C  "C2'" . DA  A 1 21 ? 19.868  23.999  -7.268  1.00 112.13 ? 21  DA  A "C2'" 1 
ATOM   413 C  "C1'" . DA  A 1 21 ? 18.459  23.606  -6.866  1.00 105.46 ? 21  DA  A "C1'" 1 
ATOM   414 N  N9    . DA  A 1 21 ? 18.072  24.069  -5.539  1.00 105.39 ? 21  DA  A N9    1 
ATOM   415 C  C8    . DA  A 1 21 ? 18.789  23.953  -4.377  1.00 106.56 ? 21  DA  A C8    1 
ATOM   416 N  N7    . DA  A 1 21 ? 18.176  24.449  -3.324  1.00 104.18 ? 21  DA  A N7    1 
ATOM   417 C  C5    . DA  A 1 21 ? 16.972  24.917  -3.829  1.00 97.45  ? 21  DA  A C5    1 
ATOM   418 C  C6    . DA  A 1 21 ? 15.867  25.555  -3.223  1.00 98.34  ? 21  DA  A C6    1 
ATOM   419 N  N6    . DA  A 1 21 ? 15.808  25.844  -1.915  1.00 96.72  ? 21  DA  A N6    1 
ATOM   420 N  N1    . DA  A 1 21 ? 14.824  25.891  -4.019  1.00 97.83  ? 21  DA  A N1    1 
ATOM   421 C  C2    . DA  A 1 21 ? 14.888  25.597  -5.327  1.00 103.74 ? 21  DA  A C2    1 
ATOM   422 N  N3    . DA  A 1 21 ? 15.871  25.005  -6.010  1.00 104.31 ? 21  DA  A N3    1 
ATOM   423 C  C4    . DA  A 1 21 ? 16.891  24.686  -5.195  1.00 102.54 ? 21  DA  A C4    1 
ATOM   424 P  P     . DA  B 2 1  ? 6.131   0.833   5.493   1.00 80.00  ? 1   DA  B P     1 
ATOM   425 O  OP1   . DA  B 2 1  ? 6.852   0.579   6.758   1.00 70.72  ? 1   DA  B OP1   1 
ATOM   426 O  OP2   . DA  B 2 1  ? 6.659   0.293   4.228   1.00 70.28  ? 1   DA  B OP2   1 
ATOM   427 O  "O5'" . DA  B 2 1  ? 6.031   2.414   5.280   1.00 82.88  ? 1   DA  B "O5'" 1 
ATOM   428 C  "C5'" . DA  B 2 1  ? 5.722   3.266   6.383   1.00 77.09  ? 1   DA  B "C5'" 1 
ATOM   429 C  "C4'" . DA  B 2 1  ? 4.781   4.378   5.960   1.00 68.83  ? 1   DA  B "C4'" 1 
ATOM   430 O  "O4'" . DA  B 2 1  ? 5.257   4.968   4.737   1.00 69.89  ? 1   DA  B "O4'" 1 
ATOM   431 C  "C3'" . DA  B 2 1  ? 3.380   3.920   5.630   1.00 71.51  ? 1   DA  B "C3'" 1 
ATOM   432 O  "O3'" . DA  B 2 1  ? 2.618   3.876   6.796   1.00 70.26  ? 1   DA  B "O3'" 1 
ATOM   433 C  "C2'" . DA  B 2 1  ? 2.878   5.002   4.681   1.00 64.88  ? 1   DA  B "C2'" 1 
ATOM   434 C  "C1'" . DA  B 2 1  ? 4.162   5.504   4.019   1.00 65.05  ? 1   DA  B "C1'" 1 
ATOM   435 N  N9    . DA  B 2 1  ? 4.307   5.126   2.621   1.00 57.72  ? 1   DA  B N9    1 
ATOM   436 C  C8    . DA  B 2 1  ? 5.303   4.372   2.081   1.00 68.05  ? 1   DA  B C8    1 
ATOM   437 N  N7    . DA  B 2 1  ? 5.205   4.209   0.780   1.00 65.98  ? 1   DA  B N7    1 
ATOM   438 C  C5    . DA  B 2 1  ? 4.065   4.908   0.449   1.00 60.76  ? 1   DA  B C5    1 
ATOM   439 C  C6    . DA  B 2 1  ? 3.415   5.115   -0.778  1.00 62.91  ? 1   DA  B C6    1 
ATOM   440 N  N6    . DA  B 2 1  ? 3.854   4.611   -1.936  1.00 57.06  ? 1   DA  B N6    1 
ATOM   441 N  N1    . DA  B 2 1  ? 2.296   5.861   -0.769  1.00 67.27  ? 1   DA  B N1    1 
ATOM   442 C  C2    . DA  B 2 1  ? 1.863   6.362   0.404   1.00 71.47  ? 1   DA  B C2    1 
ATOM   443 N  N3    . DA  B 2 1  ? 2.389   6.228   1.621   1.00 59.38  ? 1   DA  B N3    1 
ATOM   444 C  C4    . DA  B 2 1  ? 3.498   5.483   1.573   1.00 58.47  ? 1   DA  B C4    1 
ATOM   445 P  P     . DG  B 2 2  ? 1.542   2.703   6.994   1.00 91.06  ? 2   DG  B P     1 
ATOM   446 O  OP1   . DG  B 2 2  ? 1.177   2.667   8.427   1.00 82.23  ? 2   DG  B OP1   1 
ATOM   447 O  OP2   . DG  B 2 2  ? 2.060   1.478   6.336   1.00 85.63  ? 2   DG  B OP2   1 
ATOM   448 O  "O5'" . DG  B 2 2  ? 0.296   3.203   6.135   1.00 90.51  ? 2   DG  B "O5'" 1 
ATOM   449 C  "C5'" . DG  B 2 2  ? -0.289  4.467   6.395   1.00 73.64  ? 2   DG  B "C5'" 1 
ATOM   450 C  "C4'" . DG  B 2 2  ? -1.064  4.921   5.182   1.00 74.36  ? 2   DG  B "C4'" 1 
ATOM   451 O  "O4'" . DG  B 2 2  ? -0.179  4.919   4.056   1.00 79.44  ? 2   DG  B "O4'" 1 
ATOM   452 C  "C3'" . DG  B 2 2  ? -2.206  3.999   4.795   1.00 82.43  ? 2   DG  B "C3'" 1 
ATOM   453 O  "O3'" . DG  B 2 2  ? -3.428  4.529   5.282   1.00 102.58 ? 2   DG  B "O3'" 1 
ATOM   454 C  "C2'" . DG  B 2 2  ? -2.181  3.977   3.260   1.00 83.29  ? 2   DG  B "C2'" 1 
ATOM   455 C  "C1'" . DG  B 2 2  ? -0.900  4.700   2.877   1.00 69.72  ? 2   DG  B "C1'" 1 
ATOM   456 N  N9    . DG  B 2 2  ? -0.062  3.919   1.991   1.00 67.89  ? 2   DG  B N9    1 
ATOM   457 C  C8    . DG  B 2 2  ? 1.012   3.142   2.348   1.00 73.51  ? 2   DG  B C8    1 
ATOM   458 N  N7    . DG  B 2 2  ? 1.582   2.548   1.333   1.00 70.26  ? 2   DG  B N7    1 
ATOM   459 C  C5    . DG  B 2 2  ? 0.831   2.952   0.246   1.00 60.14  ? 2   DG  B C5    1 
ATOM   460 C  C6    . DG  B 2 2  ? 0.971   2.621   -1.105  1.00 68.95  ? 2   DG  B C6    1 
ATOM   461 O  O6    . DG  B 2 2  ? 1.816   1.890   -1.628  1.00 75.04  ? 2   DG  B O6    1 
ATOM   462 N  N1    . DG  B 2 2  ? 0.001   3.238   -1.888  1.00 65.41  ? 2   DG  B N1    1 
ATOM   463 C  C2    . DG  B 2 2  ? -0.975  4.073   -1.412  1.00 69.59  ? 2   DG  B C2    1 
ATOM   464 N  N2    . DG  B 2 2  ? -1.825  4.581   -2.319  1.00 73.03  ? 2   DG  B N2    1 
ATOM   465 N  N3    . DG  B 2 2  ? -1.118  4.387   -0.130  1.00 64.94  ? 2   DG  B N3    1 
ATOM   466 C  C4    . DG  B 2 2  ? -0.185  3.790   0.635   1.00 59.36  ? 2   DG  B C4    1 
ATOM   467 P  P     . DT  B 2 3  ? -4.796  3.689   5.164   1.00 122.99 ? 3   DT  B P     1 
ATOM   468 O  OP1   . DT  B 2 3  ? -5.816  4.473   5.903   1.00 113.60 ? 3   DT  B OP1   1 
ATOM   469 O  OP2   . DT  B 2 3  ? -4.508  2.273   5.525   1.00 100.35 ? 3   DT  B OP2   1 
ATOM   470 O  "O5'" . DT  B 2 3  ? -5.174  3.748   3.604   1.00 90.53  ? 3   DT  B "O5'" 1 
ATOM   471 C  "C5'" . DT  B 2 3  ? -5.419  4.999   2.978   1.00 77.82  ? 3   DT  B "C5'" 1 
ATOM   472 C  "C4'" . DT  B 2 3  ? -5.899  4.803   1.550   1.00 90.09  ? 3   DT  B "C4'" 1 
ATOM   473 O  "O4'" . DT  B 2 3  ? -4.823  4.279   0.729   1.00 87.90  ? 3   DT  B "O4'" 1 
ATOM   474 C  "C3'" . DT  B 2 3  ? -7.076  3.840   1.377   1.00 86.16  ? 3   DT  B "C3'" 1 
ATOM   475 O  "O3'" . DT  B 2 3  ? -8.006  4.403   0.466   1.00 87.95  ? 3   DT  B "O3'" 1 
ATOM   476 C  "C2'" . DT  B 2 3  ? -6.420  2.575   0.815   1.00 78.28  ? 3   DT  B "C2'" 1 
ATOM   477 C  "C1'" . DT  B 2 3  ? -5.286  3.165   -0.004  1.00 77.00  ? 3   DT  B "C1'" 1 
ATOM   478 N  N1    . DT  B 2 3  ? -4.130  2.251   -0.213  1.00 72.50  ? 3   DT  B N1    1 
ATOM   479 C  C2    . DT  B 2 3  ? -3.826  1.839   -1.486  1.00 68.58  ? 3   DT  B C2    1 
ATOM   480 O  O2    . DT  B 2 3  ? -4.475  2.163   -2.455  1.00 76.18  ? 3   DT  B O2    1 
ATOM   481 N  N3    . DT  B 2 3  ? -2.733  1.020   -1.579  1.00 64.53  ? 3   DT  B N3    1 
ATOM   482 C  C4    . DT  B 2 3  ? -1.920  0.591   -0.545  1.00 70.03  ? 3   DT  B C4    1 
ATOM   483 O  O4    . DT  B 2 3  ? -0.953  -0.142  -0.723  1.00 68.80  ? 3   DT  B O4    1 
ATOM   484 C  C5    . DT  B 2 3  ? -2.287  1.063   0.761   1.00 67.39  ? 3   DT  B C5    1 
ATOM   485 C  C7    . DT  B 2 3  ? -1.477  0.651   1.953   1.00 63.43  ? 3   DT  B C7    1 
ATOM   486 C  C6    . DT  B 2 3  ? -3.363  1.865   0.867   1.00 69.99  ? 3   DT  B C6    1 
ATOM   487 P  P     . DC  B 2 4  ? -9.473  3.780   0.295   1.00 90.38  ? 4   DC  B P     1 
ATOM   488 O  OP1   . DC  B 2 4  ? -10.397 4.880   -0.069  1.00 86.46  ? 4   DC  B OP1   1 
ATOM   489 O  OP2   . DC  B 2 4  ? -9.744  2.945   1.490   1.00 91.22  ? 4   DC  B OP2   1 
ATOM   490 O  "O5'" . DC  B 2 4  ? -9.321  2.870   -1.004  1.00 73.60  ? 4   DC  B "O5'" 1 
ATOM   491 C  "C5'" . DC  B 2 4  ? -8.768  3.441   -2.162  1.00 75.96  ? 4   DC  B "C5'" 1 
ATOM   492 C  "C4'" . DC  B 2 4  ? -8.904  2.512   -3.347  1.00 84.31  ? 4   DC  B "C4'" 1 
ATOM   493 O  "O4'" . DC  B 2 4  ? -7.708  1.700   -3.490  1.00 83.65  ? 4   DC  B "O4'" 1 
ATOM   494 C  "C3'" . DC  B 2 4  ? -10.069 1.538   -3.284  1.00 78.32  ? 4   DC  B "C3'" 1 
ATOM   495 O  "O3'" . DC  B 2 4  ? -10.556 1.366   -4.589  1.00 76.06  ? 4   DC  B "O3'" 1 
ATOM   496 C  "C2'" . DC  B 2 4  ? -9.406  0.262   -2.753  1.00 72.99  ? 4   DC  B "C2'" 1 
ATOM   497 C  "C1'" . DC  B 2 4  ? -8.049  0.328   -3.443  1.00 76.41  ? 4   DC  B "C1'" 1 
ATOM   498 N  N1    . DC  B 2 4  ? -6.946  -0.356  -2.725  1.00 73.22  ? 4   DC  B N1    1 
ATOM   499 C  C2    . DC  B 2 4  ? -5.951  -1.003  -3.464  1.00 71.70  ? 4   DC  B C2    1 
ATOM   500 O  O2    . DC  B 2 4  ? -6.045  -1.026  -4.698  1.00 74.61  ? 4   DC  B O2    1 
ATOM   501 N  N3    . DC  B 2 4  ? -4.925  -1.595  -2.809  1.00 69.31  ? 4   DC  B N3    1 
ATOM   502 C  C4    . DC  B 2 4  ? -4.870  -1.539  -1.475  1.00 74.19  ? 4   DC  B C4    1 
ATOM   503 N  N4    . DC  B 2 4  ? -3.842  -2.138  -0.867  1.00 77.99  ? 4   DC  B N4    1 
ATOM   504 C  C5    . DC  B 2 4  ? -5.869  -0.873  -0.705  1.00 66.96  ? 4   DC  B C5    1 
ATOM   505 C  C6    . DC  B 2 4  ? -6.876  -0.294  -1.365  1.00 71.59  ? 4   DC  B C6    1 
ATOM   506 P  P     . DA  B 2 5  ? -12.074 0.931   -4.858  1.00 79.33  ? 5   DA  B P     1 
ATOM   507 O  OP1   . DA  B 2 5  ? -12.738 2.046   -5.571  1.00 80.58  ? 5   DA  B OP1   1 
ATOM   508 O  OP2   . DA  B 2 5  ? -12.653 0.433   -3.584  1.00 69.79  ? 5   DA  B OP2   1 
ATOM   509 O  "O5'" . DA  B 2 5  ? -11.893 -0.279  -5.895  1.00 72.98  ? 5   DA  B "O5'" 1 
ATOM   510 C  "C5'" . DA  B 2 5  ? -10.630 -0.469  -6.525  1.00 68.46  ? 5   DA  B "C5'" 1 
ATOM   511 C  "C4'" . DA  B 2 5  ? -10.390 -1.935  -6.814  1.00 72.07  ? 5   DA  B "C4'" 1 
ATOM   512 O  "O4'" . DA  B 2 5  ? -9.305  -2.460  -5.984  1.00 77.13  ? 5   DA  B "O4'" 1 
ATOM   513 C  "C3'" . DA  B 2 5  ? -11.574 -2.836  -6.521  1.00 75.66  ? 5   DA  B "C3'" 1 
ATOM   514 O  "O3'" . DA  B 2 5  ? -11.531 -3.911  -7.394  1.00 71.27  ? 5   DA  B "O3'" 1 
ATOM   515 C  "C2'" . DA  B 2 5  ? -11.261 -3.310  -5.121  1.00 73.71  ? 5   DA  B "C2'" 1 
ATOM   516 C  "C1'" . DA  B 2 5  ? -9.789  -3.595  -5.297  1.00 66.37  ? 5   DA  B "C1'" 1 
ATOM   517 N  N9    . DA  B 2 5  ? -9.095  -3.732  -4.043  1.00 61.22  ? 5   DA  B N9    1 
ATOM   518 C  C8    . DA  B 2 5  ? -9.580  -3.423  -2.806  1.00 67.07  ? 5   DA  B C8    1 
ATOM   519 N  N7    . DA  B 2 5  ? -8.740  -3.651  -1.837  1.00 64.04  ? 5   DA  B N7    1 
ATOM   520 C  C5    . DA  B 2 5  ? -7.627  -4.153  -2.483  1.00 69.33  ? 5   DA  B C5    1 
ATOM   521 C  C6    . DA  B 2 5  ? -6.379  -4.586  -2.010  1.00 66.52  ? 5   DA  B C6    1 
ATOM   522 N  N6    . DA  B 2 5  ? -6.043  -4.585  -0.719  1.00 58.70  ? 5   DA  B N6    1 
ATOM   523 N  N1    . DA  B 2 5  ? -5.489  -5.025  -2.923  1.00 72.31  ? 5   DA  B N1    1 
ATOM   524 C  C2    . DA  B 2 5  ? -5.834  -5.028  -4.218  1.00 72.14  ? 5   DA  B C2    1 
ATOM   525 N  N3    . DA  B 2 5  ? -6.976  -4.641  -4.780  1.00 70.22  ? 5   DA  B N3    1 
ATOM   526 C  C4    . DA  B 2 5  ? -7.837  -4.212  -3.848  1.00 70.34  ? 5   DA  B C4    1 
ATOM   527 O  "O5'" . DT  C 3 1  ? 16.501  36.389  4.964   1.00 123.13 ? 1   DT  C "O5'" 1 
ATOM   528 C  "C5'" . DT  C 3 1  ? 15.696  35.219  4.942   1.00 118.92 ? 1   DT  C "C5'" 1 
ATOM   529 C  "C4'" . DT  C 3 1  ? 14.766  35.234  3.745   1.00 122.09 ? 1   DT  C "C4'" 1 
ATOM   530 O  "O4'" . DT  C 3 1  ? 15.507  34.914  2.537   1.00 121.51 ? 1   DT  C "O4'" 1 
ATOM   531 C  "C3'" . DT  C 3 1  ? 13.613  34.232  3.806   1.00 119.83 ? 1   DT  C "C3'" 1 
ATOM   532 O  "O3'" . DT  C 3 1  ? 12.435  34.849  3.324   1.00 129.04 ? 1   DT  C "O3'" 1 
ATOM   533 C  "C2'" . DT  C 3 1  ? 14.075  33.119  2.868   1.00 110.68 ? 1   DT  C "C2'" 1 
ATOM   534 C  "C1'" . DT  C 3 1  ? 14.803  33.930  1.814   1.00 109.66 ? 1   DT  C "C1'" 1 
ATOM   535 N  N1    . DT  C 3 1  ? 15.775  33.144  1.023   1.00 104.68 ? 1   DT  C N1    1 
ATOM   536 C  C2    . DT  C 3 1  ? 15.629  33.070  -0.344  1.00 103.17 ? 1   DT  C C2    1 
ATOM   537 O  O2    . DT  C 3 1  ? 14.727  33.619  -0.952  1.00 103.41 ? 1   DT  C O2    1 
ATOM   538 N  N3    . DT  C 3 1  ? 16.585  32.325  -0.980  1.00 100.82 ? 1   DT  C N3    1 
ATOM   539 C  C4    . DT  C 3 1  ? 17.653  31.660  -0.397  1.00 107.26 ? 1   DT  C C4    1 
ATOM   540 O  O4    . DT  C 3 1  ? 18.462  31.012  -1.054  1.00 109.15 ? 1   DT  C O4    1 
ATOM   541 C  C5    . DT  C 3 1  ? 17.748  31.782  1.040   1.00 109.43 ? 1   DT  C C5    1 
ATOM   542 C  C7    . DT  C 3 1  ? 18.863  31.103  1.782   1.00 109.37 ? 1   DT  C C7    1 
ATOM   543 C  C6    . DT  C 3 1  ? 16.815  32.510  1.673   1.00 106.71 ? 1   DT  C C6    1 
ATOM   544 P  P     . DC  C 3 2  ? 10.998  34.379  3.860   1.00 133.30 ? 2   DC  C P     1 
ATOM   545 O  OP1   . DC  C 3 2  ? 10.137  35.587  3.918   1.00 113.85 ? 2   DC  C OP1   1 
ATOM   546 O  OP2   . DC  C 3 2  ? 11.223  33.559  5.073   1.00 130.48 ? 2   DC  C OP2   1 
ATOM   547 O  "O5'" . DC  C 3 2  ? 10.468  33.404  2.707   1.00 123.05 ? 2   DC  C "O5'" 1 
ATOM   548 C  "C5'" . DC  C 3 2  ? 9.443   33.841  1.841   1.00 116.70 ? 2   DC  C "C5'" 1 
ATOM   549 C  "C4'" . DC  C 3 2  ? 9.764   33.486  0.407   1.00 104.78 ? 2   DC  C "C4'" 1 
ATOM   550 O  "O4'" . DC  C 3 2  ? 11.104  32.954  0.312   1.00 104.21 ? 2   DC  C "O4'" 1 
ATOM   551 C  "C3'" . DC  C 3 2  ? 8.855   32.419  -0.212  1.00 110.72 ? 2   DC  C "C3'" 1 
ATOM   552 O  "O3'" . DC  C 3 2  ? 8.102   32.986  -1.274  1.00 115.26 ? 2   DC  C "O3'" 1 
ATOM   553 C  "C2'" . DC  C 3 2  ? 9.833   31.351  -0.726  1.00 113.53 ? 2   DC  C "C2'" 1 
ATOM   554 C  "C1'" . DC  C 3 2  ? 11.127  32.128  -0.817  1.00 105.76 ? 2   DC  C "C1'" 1 
ATOM   555 N  N1    . DC  C 3 2  ? 12.358  31.270  -0.806  1.00 98.26  ? 2   DC  C N1    1 
ATOM   556 C  C2    . DC  C 3 2  ? 12.890  30.805  -2.021  1.00 97.66  ? 2   DC  C C2    1 
ATOM   557 O  O2    . DC  C 3 2  ? 12.336  31.117  -3.083  1.00 97.98  ? 2   DC  C O2    1 
ATOM   558 N  N3    . DC  C 3 2  ? 13.999  30.029  -2.000  1.00 97.54  ? 2   DC  C N3    1 
ATOM   559 C  C4    . DC  C 3 2  ? 14.570  29.718  -0.834  1.00 100.32 ? 2   DC  C C4    1 
ATOM   560 N  N4    . DC  C 3 2  ? 15.665  28.949  -0.862  1.00 102.64 ? 2   DC  C N4    1 
ATOM   561 C  C5    . DC  C 3 2  ? 14.045  30.179  0.411   1.00 97.23  ? 2   DC  C C5    1 
ATOM   562 C  C6    . DC  C 3 2  ? 12.948  30.944  0.377   1.00 98.32  ? 2   DC  C C6    1 
ATOM   563 P  P     . DT  C 3 3  ? 6.915   32.155  -1.971  1.00 120.49 ? 3   DT  C P     1 
ATOM   564 O  OP1   . DT  C 3 3  ? 5.665   32.916  -1.750  1.00 126.97 ? 3   DT  C OP1   1 
ATOM   565 O  OP2   . DT  C 3 3  ? 6.999   30.741  -1.544  1.00 119.60 ? 3   DT  C OP2   1 
ATOM   566 O  "O5'" . DT  C 3 3  ? 7.280   32.194  -3.525  1.00 112.74 ? 3   DT  C "O5'" 1 
ATOM   567 C  "C5'" . DT  C 3 3  ? 8.594   31.877  -3.943  1.00 116.40 ? 3   DT  C "C5'" 1 
ATOM   568 C  "C4'" . DT  C 3 3  ? 8.572   30.828  -5.033  1.00 115.84 ? 3   DT  C "C4'" 1 
ATOM   569 O  "O4'" . DT  C 3 3  ? 9.769   30.004  -4.942  1.00 112.28 ? 3   DT  C "O4'" 1 
ATOM   570 C  "C3'" . DT  C 3 3  ? 7.408   29.858  -4.960  1.00 117.94 ? 3   DT  C "C3'" 1 
ATOM   571 O  "O3'" . DT  C 3 3  ? 7.096   29.410  -6.274  1.00 129.01 ? 3   DT  C "O3'" 1 
ATOM   572 C  "C2'" . DT  C 3 3  ? 7.988   28.735  -4.104  1.00 120.47 ? 3   DT  C "C2'" 1 
ATOM   573 C  "C1'" . DT  C 3 3  ? 9.413   28.672  -4.636  1.00 109.50 ? 3   DT  C "C1'" 1 
ATOM   574 N  N1    . DT  C 3 3  ? 10.415  28.122  -3.658  1.00 106.50 ? 3   DT  C N1    1 
ATOM   575 C  C2    . DT  C 3 3  ? 11.515  27.442  -4.139  1.00 106.21 ? 3   DT  C C2    1 
ATOM   576 O  O2    . DT  C 3 3  ? 11.723  27.258  -5.332  1.00 104.84 ? 3   DT  C O2    1 
ATOM   577 N  N3    . DT  C 3 3  ? 12.374  26.987  -3.167  1.00 102.44 ? 3   DT  C N3    1 
ATOM   578 C  C4    . DT  C 3 3  ? 12.252  27.137  -1.797  1.00 101.12 ? 3   DT  C C4    1 
ATOM   579 O  O4    . DT  C 3 3  ? 13.084  26.689  -1.007  1.00 99.52  ? 3   DT  C O4    1 
ATOM   580 C  C5    . DT  C 3 3  ? 11.076  27.858  -1.357  1.00 97.75  ? 3   DT  C C5    1 
ATOM   581 C  C7    . DT  C 3 3  ? 10.835  28.078  0.109   1.00 85.74  ? 3   DT  C C7    1 
ATOM   582 C  C6    . DT  C 3 3  ? 10.223  28.310  -2.298  1.00 102.73 ? 3   DT  C C6    1 
ATOM   583 P  P     . DG  C 3 4  ? 5.677   28.725  -6.588  1.00 136.06 ? 4   DG  C P     1 
ATOM   584 O  OP1   . DG  C 3 4  ? 4.906   29.667  -7.438  1.00 125.79 ? 4   DG  C OP1   1 
ATOM   585 O  OP2   . DG  C 3 4  ? 5.118   28.247  -5.298  1.00 116.16 ? 4   DG  C OP2   1 
ATOM   586 O  "O5'" . DG  C 3 4  ? 6.063   27.450  -7.482  1.00 125.96 ? 4   DG  C "O5'" 1 
ATOM   587 C  "C5'" . DG  C 3 4  ? 6.572   27.637  -8.802  1.00 126.28 ? 4   DG  C "C5'" 1 
ATOM   588 C  "C4'" . DG  C 3 4  ? 7.337   26.410  -9.277  1.00 122.19 ? 4   DG  C "C4'" 1 
ATOM   589 O  "O4'" . DG  C 3 4  ? 8.369   26.070  -8.313  1.00 121.48 ? 4   DG  C "O4'" 1 
ATOM   590 C  "C3'" . DG  C 3 4  ? 6.502   25.149  -9.472  1.00 115.11 ? 4   DG  C "C3'" 1 
ATOM   591 O  "O3'" . DG  C 3 4  ? 6.971   24.443  -10.627 1.00 119.58 ? 4   DG  C "O3'" 1 
ATOM   592 C  "C2'" . DG  C 3 4  ? 6.735   24.373  -8.171  1.00 116.02 ? 4   DG  C "C2'" 1 
ATOM   593 C  "C1'" . DG  C 3 4  ? 8.165   24.762  -7.810  1.00 118.99 ? 4   DG  C "C1'" 1 
ATOM   594 N  N9    . DG  C 3 4  ? 8.433   24.775  -6.366  1.00 115.22 ? 4   DG  C N9    1 
ATOM   595 C  C8    . DG  C 3 4  ? 7.642   25.320  -5.382  1.00 113.05 ? 4   DG  C C8    1 
ATOM   596 N  N7    . DG  C 3 4  ? 8.140   25.193  -4.180  1.00 111.38 ? 4   DG  C N7    1 
ATOM   597 C  C5    . DG  C 3 4  ? 9.341   24.522  -4.376  1.00 108.40 ? 4   DG  C C5    1 
ATOM   598 C  C6    . DG  C 3 4  ? 10.317  24.108  -3.436  1.00 104.58 ? 4   DG  C C6    1 
ATOM   599 O  O6    . DG  C 3 4  ? 10.310  24.257  -2.201  1.00 97.57  ? 4   DG  C O6    1 
ATOM   600 N  N1    . DG  C 3 4  ? 11.387  23.458  -4.057  1.00 100.81 ? 4   DG  C N1    1 
ATOM   601 C  C2    . DG  C 3 4  ? 11.498  23.241  -5.416  1.00 103.45 ? 4   DG  C C2    1 
ATOM   602 N  N2    . DG  C 3 4  ? 12.600  22.599  -5.837  1.00 97.69  ? 4   DG  C N2    1 
ATOM   603 N  N3    . DG  C 3 4  ? 10.588  23.625  -6.305  1.00 108.73 ? 4   DG  C N3    1 
ATOM   604 C  C4    . DG  C 3 4  ? 9.539   24.258  -5.716  1.00 110.71 ? 4   DG  C C4    1 
ATOM   605 P  P     . DA  C 3 5  ? 6.596   22.896  -10.875 1.00 138.06 ? 5   DA  C P     1 
ATOM   606 O  OP1   . DA  C 3 5  ? 6.786   22.630  -12.322 1.00 113.59 ? 5   DA  C OP1   1 
ATOM   607 O  OP2   . DA  C 3 5  ? 5.295   22.598  -10.227 1.00 125.31 ? 5   DA  C OP2   1 
ATOM   608 O  "O5'" . DA  C 3 5  ? 7.739   22.101  -10.091 1.00 119.75 ? 5   DA  C "O5'" 1 
ATOM   609 C  "C5'" . DA  C 3 5  ? 9.095   22.380  -10.377 1.00 114.54 ? 5   DA  C "C5'" 1 
ATOM   610 C  "C4'" . DA  C 3 5  ? 9.908   21.107  -10.509 1.00 110.39 ? 5   DA  C "C4'" 1 
ATOM   611 O  "O4'" . DA  C 3 5  ? 10.479  20.764  -9.231  1.00 110.56 ? 5   DA  C "O4'" 1 
ATOM   612 C  "C3'" . DA  C 3 5  ? 9.145   19.875  -10.955 1.00 117.35 ? 5   DA  C "C3'" 1 
ATOM   613 O  "O3'" . DA  C 3 5  ? 10.027  19.008  -11.671 1.00 118.51 ? 5   DA  C "O3'" 1 
ATOM   614 C  "C2'" . DA  C 3 5  ? 8.673   19.261  -9.629  1.00 117.42 ? 5   DA  C "C2'" 1 
ATOM   615 C  "C1'" . DA  C 3 5  ? 9.733   19.726  -8.626  1.00 113.33 ? 5   DA  C "C1'" 1 
ATOM   616 N  N9    . DA  C 3 5  ? 9.174   20.237  -7.373  1.00 110.28 ? 5   DA  C N9    1 
ATOM   617 C  C8    . DA  C 3 5  ? 8.011   20.937  -7.209  1.00 112.81 ? 5   DA  C C8    1 
ATOM   618 N  N7    . DA  C 3 5  ? 7.770   21.278  -5.961  1.00 109.29 ? 5   DA  C N7    1 
ATOM   619 C  C5    . DA  C 3 5  ? 8.853   20.770  -5.262  1.00 99.09  ? 5   DA  C C5    1 
ATOM   620 C  C6    . DA  C 3 5  ? 9.198   20.792  -3.893  1.00 96.90  ? 5   DA  C C6    1 
ATOM   621 N  N6    . DA  C 3 5  ? 8.448   21.373  -2.949  1.00 97.25  ? 5   DA  C N6    1 
ATOM   622 N  N1    . DA  C 3 5  ? 10.349  20.190  -3.532  1.00 93.42  ? 5   DA  C N1    1 
ATOM   623 C  C2    . DA  C 3 5  ? 11.097  19.610  -4.480  1.00 101.82 ? 5   DA  C C2    1 
ATOM   624 N  N3    . DA  C 3 5  ? 10.876  19.524  -5.792  1.00 98.85  ? 5   DA  C N3    1 
ATOM   625 C  C4    . DA  C 3 5  ? 9.727   20.128  -6.120  1.00 100.16 ? 5   DA  C C4    1 
ATOM   626 P  P     . DG  C 3 6  ? 9.642   17.470  -11.948 1.00 126.25 ? 6   DG  C P     1 
ATOM   627 O  OP1   . DG  C 3 6  ? 10.443  17.019  -13.111 1.00 120.62 ? 6   DG  C OP1   1 
ATOM   628 O  OP2   . DG  C 3 6  ? 8.165   17.361  -11.998 1.00 124.75 ? 6   DG  C OP2   1 
ATOM   629 O  "O5'" . DG  C 3 6  ? 10.189  16.711  -10.649 1.00 111.09 ? 6   DG  C "O5'" 1 
ATOM   630 C  "C5'" . DG  C 3 6  ? 11.491  17.008  -10.173 1.00 110.08 ? 6   DG  C "C5'" 1 
ATOM   631 C  "C4'" . DG  C 3 6  ? 11.876  16.117  -9.002  1.00 111.76 ? 6   DG  C "C4'" 1 
ATOM   632 O  "O4'" . DG  C 3 6  ? 11.383  16.675  -7.758  1.00 110.71 ? 6   DG  C "O4'" 1 
ATOM   633 C  "C3'" . DG  C 3 6  ? 11.365  14.682  -9.063  1.00 105.44 ? 6   DG  C "C3'" 1 
ATOM   634 O  "O3'" . DG  C 3 6  ? 12.431  13.811  -8.704  1.00 108.66 ? 6   DG  C "O3'" 1 
ATOM   635 C  "C2'" . DG  C 3 6  ? 10.228  14.671  -8.029  1.00 94.75  ? 6   DG  C "C2'" 1 
ATOM   636 C  "C1'" . DG  C 3 6  ? 10.736  15.672  -7.006  1.00 96.49  ? 6   DG  C "C1'" 1 
ATOM   637 N  N9    . DG  C 3 6  ? 9.688   16.331  -6.230  1.00 95.09  ? 6   DG  C N9    1 
ATOM   638 C  C8    . DG  C 3 6  ? 8.562   16.944  -6.724  1.00 96.37  ? 6   DG  C C8    1 
ATOM   639 N  N7    . DG  C 3 6  ? 7.818   17.486  -5.799  1.00 93.82  ? 6   DG  C N7    1 
ATOM   640 C  C5    . DG  C 3 6  ? 8.499   17.230  -4.616  1.00 84.36  ? 6   DG  C C5    1 
ATOM   641 C  C6    . DG  C 3 6  ? 8.170   17.581  -3.283  1.00 89.00  ? 6   DG  C C6    1 
ATOM   642 O  O6    . DG  C 3 6  ? 7.181   18.205  -2.881  1.00 93.70  ? 6   DG  C O6    1 
ATOM   643 N  N1    . DG  C 3 6  ? 9.125   17.132  -2.372  1.00 86.66  ? 6   DG  C N1    1 
ATOM   644 C  C2    . DG  C 3 6  ? 10.261  16.432  -2.708  1.00 90.96  ? 6   DG  C C2    1 
ATOM   645 N  N2    . DG  C 3 6  ? 11.072  16.080  -1.687  1.00 84.56  ? 6   DG  C N2    1 
ATOM   646 N  N3    . DG  C 3 6  ? 10.583  16.094  -3.965  1.00 85.33  ? 6   DG  C N3    1 
ATOM   647 C  C4    . DG  C 3 6  ? 9.657   16.527  -4.861  1.00 81.28  ? 6   DG  C C4    1 
ATOM   648 P  P     . DT  C 3 7  ? 12.170  12.255  -8.413  1.00 120.71 ? 7   DT  C P     1 
ATOM   649 O  OP1   . DT  C 3 7  ? 13.460  11.550  -8.596  1.00 107.93 ? 7   DT  C OP1   1 
ATOM   650 O  OP2   . DT  C 3 7  ? 10.981  11.841  -9.200  1.00 115.38 ? 7   DT  C OP2   1 
ATOM   651 O  "O5'" . DT  C 3 7  ? 11.816  12.220  -6.854  1.00 100.64 ? 7   DT  C "O5'" 1 
ATOM   652 C  "C5'" . DT  C 3 7  ? 12.829  12.477  -5.889  1.00 98.05  ? 7   DT  C "C5'" 1 
ATOM   653 C  "C4'" . DT  C 3 7  ? 12.454  11.883  -4.542  1.00 96.67  ? 7   DT  C "C4'" 1 
ATOM   654 O  "O4'" . DT  C 3 7  ? 11.423  12.699  -3.916  1.00 85.28  ? 7   DT  C "O4'" 1 
ATOM   655 C  "C3'" . DT  C 3 7  ? 11.874  10.469  -4.598  1.00 94.55  ? 7   DT  C "C3'" 1 
ATOM   656 O  "O3'" . DT  C 3 7  ? 12.217  9.769   -3.404  1.00 92.80  ? 7   DT  C "O3'" 1 
ATOM   657 C  "C2'" . DT  C 3 7  ? 10.375  10.763  -4.634  1.00 86.90  ? 7   DT  C "C2'" 1 
ATOM   658 C  "C1'" . DT  C 3 7  ? 10.322  11.878  -3.610  1.00 74.11  ? 7   DT  C "C1'" 1 
ATOM   659 N  N1    . DT  C 3 7  ? 9.095   12.695  -3.637  1.00 73.15  ? 7   DT  C N1    1 
ATOM   660 C  C2    . DT  C 3 7  ? 8.635   13.216  -2.458  1.00 74.13  ? 7   DT  C C2    1 
ATOM   661 O  O2    . DT  C 3 7  ? 9.190   13.027  -1.393  1.00 82.02  ? 7   DT  C O2    1 
ATOM   662 N  N3    . DT  C 3 7  ? 7.500   13.971  -2.561  1.00 71.58  ? 7   DT  C N3    1 
ATOM   663 C  C4    . DT  C 3 7  ? 6.787   14.251  -3.709  1.00 82.35  ? 7   DT  C C4    1 
ATOM   664 O  O4    . DT  C 3 7  ? 5.771   14.947  -3.701  1.00 91.41  ? 7   DT  C O4    1 
ATOM   665 C  C5    . DT  C 3 7  ? 7.319   13.676  -4.922  1.00 76.43  ? 7   DT  C C5    1 
ATOM   666 C  C7    . DT  C 3 7  ? 6.625   13.920  -6.229  1.00 77.26  ? 7   DT  C C7    1 
ATOM   667 C  C6    . DT  C 3 7  ? 8.442   12.932  -4.831  1.00 78.67  ? 7   DT  C C6    1 
ATOM   668 P  P     . DG  C 3 8  ? 13.419  8.698   -3.355  1.00 102.57 ? 8   DG  C P     1 
ATOM   669 O  OP1   . DG  C 3 8  ? 14.518  9.193   -4.211  1.00 97.37  ? 8   DG  C OP1   1 
ATOM   670 O  OP2   . DG  C 3 8  ? 12.854  7.351   -3.604  1.00 110.68 ? 8   DG  C OP2   1 
ATOM   671 O  "O5'" . DG  C 3 8  ? 13.839  8.742   -1.813  1.00 89.06  ? 8   DG  C "O5'" 1 
ATOM   672 C  "C5'" . DG  C 3 8  ? 13.291  9.780   -1.004  1.00 85.34  ? 8   DG  C "C5'" 1 
ATOM   673 C  "C4'" . DG  C 3 8  ? 13.289  9.424   0.471   1.00 84.86  ? 8   DG  C "C4'" 1 
ATOM   674 O  "O4'" . DG  C 3 8  ? 12.004  9.750   1.037   1.00 92.66  ? 8   DG  C "O4'" 1 
ATOM   675 C  "C3'" . DG  C 3 8  ? 13.462  7.963   0.793   1.00 85.84  ? 8   DG  C "C3'" 1 
ATOM   676 O  "O3'" . DG  C 3 8  ? 13.959  7.846   2.151   1.00 75.76  ? 8   DG  C "O3'" 1 
ATOM   677 C  "C2'" . DG  C 3 8  ? 12.030  7.419   0.607   1.00 82.89  ? 8   DG  C "C2'" 1 
ATOM   678 C  "C1'" . DG  C 3 8  ? 11.141  8.634   0.911   1.00 82.32  ? 8   DG  C "C1'" 1 
ATOM   679 N  N9    . DG  C 3 8  ? 10.159  8.942   -0.139  1.00 80.93  ? 8   DG  C N9    1 
ATOM   680 C  C8    . DG  C 3 8  ? 10.217  8.579   -1.465  1.00 77.42  ? 8   DG  C C8    1 
ATOM   681 N  N7    . DG  C 3 8  ? 9.205   9.012   -2.169  1.00 71.80  ? 8   DG  C N7    1 
ATOM   682 C  C5    . DG  C 3 8  ? 8.434   9.717   -1.259  1.00 69.75  ? 8   DG  C C5    1 
ATOM   683 C  C6    . DG  C 3 8  ? 7.219   10.413  -1.451  1.00 69.63  ? 8   DG  C C6    1 
ATOM   684 O  O6    . DG  C 3 8  ? 6.573   10.537  -2.500  1.00 73.18  ? 8   DG  C O6    1 
ATOM   685 N  N1    . DG  C 3 8  ? 6.757   10.995  -0.265  1.00 67.69  ? 8   DG  C N1    1 
ATOM   686 C  C2    . DG  C 3 8  ? 7.405   10.912  0.952   1.00 76.41  ? 8   DG  C C2    1 
ATOM   687 N  N2    . DG  C 3 8  ? 6.821   11.532  1.994   1.00 73.00  ? 8   DG  C N2    1 
ATOM   688 N  N3    . DG  C 3 8  ? 8.552   10.256  1.140   1.00 74.80  ? 8   DG  C N3    1 
ATOM   689 C  C4    . DG  C 3 8  ? 9.003   9.685   -0.004  1.00 70.50  ? 8   DG  C C4    1 
ATOM   690 P  P     . DG  C 3 9  ? 13.479  6.678   3.151   1.00 92.54  ? 9   DG  C P     1 
ATOM   691 O  OP1   . DG  C 3 9  ? 14.290  6.810   4.377   1.00 84.73  ? 9   DG  C OP1   1 
ATOM   692 O  OP2   . DG  C 3 9  ? 13.448  5.369   2.445   1.00 72.63  ? 9   DG  C OP2   1 
ATOM   693 O  "O5'" . DG  C 3 9  ? 12.002  7.112   3.552   1.00 80.18  ? 9   DG  C "O5'" 1 
ATOM   694 C  "C5'" . DG  C 3 9  ? 11.491  6.777   4.805   1.00 70.68  ? 9   DG  C "C5'" 1 
ATOM   695 C  "C4'" . DG  C 3 9  ? 9.989   6.755   4.741   1.00 67.72  ? 9   DG  C "C4'" 1 
ATOM   696 O  "O4'" . DG  C 3 9  ? 9.539   7.128   3.414   1.00 71.07  ? 9   DG  C "O4'" 1 
ATOM   697 C  "C3'" . DG  C 3 9  ? 9.363   5.384   5.012   1.00 76.26  ? 9   DG  C "C3'" 1 
ATOM   698 O  "O3'" . DG  C 3 9  ? 8.554   5.453   6.137   1.00 68.74  ? 9   DG  C "O3'" 1 
ATOM   699 C  "C2'" . DG  C 3 9  ? 8.517   5.108   3.762   1.00 75.47  ? 9   DG  C "C2'" 1 
ATOM   700 C  "C1'" . DG  C 3 9  ? 8.296   6.508   3.246   1.00 69.04  ? 9   DG  C "C1'" 1 
ATOM   701 N  N9    . DG  C 3 9  ? 7.877   6.547   1.857   1.00 68.83  ? 9   DG  C N9    1 
ATOM   702 C  C8    . DG  C 3 9  ? 8.453   5.903   0.789   1.00 69.11  ? 9   DG  C C8    1 
ATOM   703 N  N7    . DG  C 3 9  ? 7.822   6.106   -0.337  1.00 66.97  ? 9   DG  C N7    1 
ATOM   704 C  C5    . DG  C 3 9  ? 6.751   6.921   0.020   1.00 67.42  ? 9   DG  C C5    1 
ATOM   705 C  C6    . DG  C 3 9  ? 5.717   7.470   -0.770  1.00 63.47  ? 9   DG  C C6    1 
ATOM   706 O  O6    . DG  C 3 9  ? 5.535   7.345   -1.991  1.00 66.86  ? 9   DG  C O6    1 
ATOM   707 N  N1    . DG  C 3 9  ? 4.846   8.243   -0.012  1.00 55.77  ? 9   DG  C N1    1 
ATOM   708 C  C2    . DG  C 3 9  ? 4.954   8.453   1.340   1.00 63.81  ? 9   DG  C C2    1 
ATOM   709 N  N2    . DG  C 3 9  ? 4.021   9.220   1.908   1.00 61.99  ? 9   DG  C N2    1 
ATOM   710 N  N3    . DG  C 3 9  ? 5.911   7.942   2.089   1.00 72.48  ? 9   DG  C N3    1 
ATOM   711 C  C4    . DG  C 3 9  ? 6.772   7.191   1.365   1.00 69.46  ? 9   DG  C C4    1 
ATOM   712 P  P     . DG  D 4 1  ? -13.809 -8.545  -5.239  1.00 93.11  ? 10  DG  D P     1 
ATOM   713 O  OP1   . DG  D 4 1  ? -14.596 -8.657  -6.485  1.00 74.44  ? 10  DG  D OP1   1 
ATOM   714 O  OP2   . DG  D 4 1  ? -14.434 -7.937  -4.045  1.00 70.86  ? 10  DG  D OP2   1 
ATOM   715 O  "O5'" . DG  D 4 1  ? -12.494 -7.690  -5.534  1.00 83.53  ? 10  DG  D "O5'" 1 
ATOM   716 C  "C5'" . DG  D 4 1  ? -12.103 -7.426  -6.875  1.00 83.94  ? 10  DG  D "C5'" 1 
ATOM   717 C  "C4'" . DG  D 4 1  ? -10.655 -7.818  -7.101  1.00 85.27  ? 10  DG  D "C4'" 1 
ATOM   718 O  "O4'" . DG  D 4 1  ? -9.783  -6.949  -6.337  1.00 79.80  ? 10  DG  D "O4'" 1 
ATOM   719 C  "C3'" . DG  D 4 1  ? -10.303 -9.207  -6.634  1.00 83.89  ? 10  DG  D "C3'" 1 
ATOM   720 O  "O3'" . DG  D 4 1  ? -10.648 -10.154 -7.633  1.00 85.32  ? 10  DG  D "O3'" 1 
ATOM   721 C  "C2'" . DG  D 4 1  ? -8.792  -9.099  -6.454  1.00 79.42  ? 10  DG  D "C2'" 1 
ATOM   722 C  "C1'" . DG  D 4 1  ? -8.626  -7.664  -5.947  1.00 75.29  ? 10  DG  D "C1'" 1 
ATOM   723 N  N9    . DG  D 4 1  ? -8.496  -7.566  -4.498  1.00 74.86  ? 10  DG  D N9    1 
ATOM   724 C  C8    . DG  D 4 1  ? -9.427  -7.070  -3.624  1.00 72.49  ? 10  DG  D C8    1 
ATOM   725 N  N7    . DG  D 4 1  ? -9.042  -7.104  -2.381  1.00 69.03  ? 10  DG  D N7    1 
ATOM   726 C  C5    . DG  D 4 1  ? -7.773  -7.654  -2.433  1.00 69.49  ? 10  DG  D C5    1 
ATOM   727 C  C6    . DG  D 4 1  ? -6.871  -7.935  -1.389  1.00 71.29  ? 10  DG  D C6    1 
ATOM   728 O  O6    . DG  D 4 1  ? -7.027  -7.740  -0.183  1.00 74.68  ? 10  DG  D O6    1 
ATOM   729 N  N1    . DG  D 4 1  ? -5.690  -8.490  -1.860  1.00 72.19  ? 10  DG  D N1    1 
ATOM   730 C  C2    . DG  D 4 1  ? -5.414  -8.746  -3.184  1.00 80.31  ? 10  DG  D C2    1 
ATOM   731 N  N2    . DG  D 4 1  ? -4.210  -9.285  -3.446  1.00 88.02  ? 10  DG  D N2    1 
ATOM   732 N  N3    . DG  D 4 1  ? -6.258  -8.488  -4.181  1.00 78.84  ? 10  DG  D N3    1 
ATOM   733 C  C4    . DG  D 4 1  ? -7.416  -7.944  -3.729  1.00 75.58  ? 10  DG  D C4    1 
ATOM   734 P  P     . DG  D 4 2  ? -11.036 -11.655 -7.211  1.00 91.55  ? 11  DG  D P     1 
ATOM   735 O  OP1   . DG  D 4 2  ? -11.314 -12.396 -8.465  1.00 88.95  ? 11  DG  D OP1   1 
ATOM   736 O  OP2   . DG  D 4 2  ? -12.046 -11.561 -6.128  1.00 78.08  ? 11  DG  D OP2   1 
ATOM   737 O  "O5'" . DG  D 4 2  ? -9.678  -12.246 -6.599  1.00 77.36  ? 11  DG  D "O5'" 1 
ATOM   738 C  "C5'" . DG  D 4 2  ? -8.617  -12.604 -7.474  1.00 80.46  ? 11  DG  D "C5'" 1 
ATOM   739 C  "C4'" . DG  D 4 2  ? -7.319  -12.768 -6.714  1.00 82.83  ? 11  DG  D "C4'" 1 
ATOM   740 O  "O4'" . DG  D 4 2  ? -7.211  -11.716 -5.740  1.00 87.78  ? 11  DG  D "O4'" 1 
ATOM   741 C  "C3'" . DG  D 4 2  ? -7.204  -14.054 -5.917  1.00 84.88  ? 11  DG  D "C3'" 1 
ATOM   742 O  "O3'" . DG  D 4 2  ? -6.643  -15.075 -6.737  1.00 89.18  ? 11  DG  D "O3'" 1 
ATOM   743 C  "C2'" . DG  D 4 2  ? -6.252  -13.672 -4.785  1.00 84.53  ? 11  DG  D "C2'" 1 
ATOM   744 C  "C1'" . DG  D 4 2  ? -6.454  -12.166 -4.640  1.00 85.50  ? 11  DG  D "C1'" 1 
ATOM   745 N  N9    . DG  D 4 2  ? -7.151  -11.791 -3.421  1.00 80.73  ? 11  DG  D N9    1 
ATOM   746 C  C8    . DG  D 4 2  ? -8.425  -11.295 -3.311  1.00 77.05  ? 11  DG  D C8    1 
ATOM   747 N  N7    . DG  D 4 2  ? -8.776  -11.047 -2.078  1.00 77.09  ? 11  DG  D N7    1 
ATOM   748 C  C5    . DG  D 4 2  ? -7.662  -11.407 -1.330  1.00 71.66  ? 11  DG  D C5    1 
ATOM   749 C  C6    . DG  D 4 2  ? -7.448  -11.367 0.064   1.00 75.49  ? 11  DG  D C6    1 
ATOM   750 O  O6    . DG  D 4 2  ? -8.223  -10.989 0.952   1.00 82.42  ? 11  DG  D O6    1 
ATOM   751 N  N1    . DG  D 4 2  ? -6.181  -11.826 0.401   1.00 72.63  ? 11  DG  D N1    1 
ATOM   752 C  C2    . DG  D 4 2  ? -5.244  -12.265 -0.495  1.00 76.20  ? 11  DG  D C2    1 
ATOM   753 N  N2    . DG  D 4 2  ? -4.076  -12.667 0.010   1.00 75.03  ? 11  DG  D N2    1 
ATOM   754 N  N3    . DG  D 4 2  ? -5.433  -12.308 -1.802  1.00 75.15  ? 11  DG  D N3    1 
ATOM   755 C  C4    . DG  D 4 2  ? -6.658  -11.865 -2.145  1.00 73.03  ? 11  DG  D C4    1 
ATOM   756 P  P     . DT  D 4 3  ? -6.801  -16.626 -6.338  1.00 104.64 ? 12  DT  D P     1 
ATOM   757 O  OP1   . DT  D 4 3  ? -6.288  -17.408 -7.490  1.00 105.28 ? 12  DT  D OP1   1 
ATOM   758 O  OP2   . DT  D 4 3  ? -8.182  -16.839 -5.828  1.00 81.93  ? 12  DT  D OP2   1 
ATOM   759 O  "O5'" . DT  D 4 3  ? -5.781  -16.825 -5.123  1.00 89.52  ? 12  DT  D "O5'" 1 
ATOM   760 C  "C5'" . DT  D 4 3  ? -4.411  -16.513 -5.303  1.00 82.74  ? 12  DT  D "C5'" 1 
ATOM   761 C  "C4'" . DT  D 4 3  ? -3.669  -16.649 -3.994  1.00 90.70  ? 12  DT  D "C4'" 1 
ATOM   762 O  "O4'" . DT  D 4 3  ? -4.278  -15.788 -2.993  1.00 86.82  ? 12  DT  D "O4'" 1 
ATOM   763 C  "C3'" . DT  D 4 3  ? -3.679  -18.058 -3.398  1.00 92.45  ? 12  DT  D "C3'" 1 
ATOM   764 O  "O3'" . DT  D 4 3  ? -2.414  -18.353 -2.872  1.00 98.62  ? 12  DT  D "O3'" 1 
ATOM   765 C  "C2'" . DT  D 4 3  ? -4.713  -17.960 -2.291  1.00 78.98  ? 12  DT  D "C2'" 1 
ATOM   766 C  "C1'" . DT  D 4 3  ? -4.507  -16.534 -1.822  1.00 81.26  ? 12  DT  D "C1'" 1 
ATOM   767 N  N1    . DT  D 4 3  ? -5.690  -15.997 -1.160  1.00 77.71  ? 12  DT  D N1    1 
ATOM   768 C  C2    . DT  D 4 3  ? -5.612  -15.612 0.153   1.00 77.68  ? 12  DT  D C2    1 
ATOM   769 O  O2    . DT  D 4 3  ? -4.588  -15.664 0.808   1.00 85.99  ? 12  DT  D O2    1 
ATOM   770 N  N3    . DT  D 4 3  ? -6.777  -15.151 0.679   1.00 72.44  ? 12  DT  D N3    1 
ATOM   771 C  C4    . DT  D 4 3  ? -7.994  -15.036 0.037   1.00 77.11  ? 12  DT  D C4    1 
ATOM   772 O  O4    . DT  D 4 3  ? -8.991  -14.601 0.601   1.00 76.95  ? 12  DT  D O4    1 
ATOM   773 C  C5    . DT  D 4 3  ? -8.008  -15.472 -1.339  1.00 76.92  ? 12  DT  D C5    1 
ATOM   774 C  C7    . DT  D 4 3  ? -9.271  -15.410 -2.141  1.00 76.33  ? 12  DT  D C7    1 
ATOM   775 C  C6    . DT  D 4 3  ? -6.869  -15.933 -1.862  1.00 79.77  ? 12  DT  D C6    1 
ATOM   776 P  P     . DC  D 4 4  ? -2.016  -19.864 -2.524  1.00 100.68 ? 13  DC  D P     1 
ATOM   777 O  OP1   . DC  D 4 4  ? -0.732  -20.101 -3.216  1.00 102.49 ? 13  DC  D OP1   1 
ATOM   778 O  OP2   . DC  D 4 4  ? -3.179  -20.749 -2.787  1.00 94.59  ? 13  DC  D OP2   1 
ATOM   779 O  "O5'" . DC  D 4 4  ? -1.779  -19.828 -0.948  1.00 74.43  ? 13  DC  D "O5'" 1 
ATOM   780 C  "C5'" . DC  D 4 4  ? -1.164  -18.708 -0.377  1.00 78.74  ? 13  DC  D "C5'" 1 
ATOM   781 C  "C4'" . DC  D 4 4  ? -1.305  -18.738 1.126   1.00 85.78  ? 13  DC  D "C4'" 1 
ATOM   782 O  "O4'" . DC  D 4 4  ? -2.612  -18.247 1.511   1.00 90.58  ? 13  DC  D "O4'" 1 
ATOM   783 C  "C3'" . DC  D 4 4  ? -1.170  -20.117 1.752   1.00 94.89  ? 13  DC  D "C3'" 1 
ATOM   784 O  "O3'" . DC  D 4 4  ? -0.318  -20.022 2.872   1.00 100.02 ? 13  DC  D "O3'" 1 
ATOM   785 C  "C2'" . DC  D 4 4  ? -2.612  -20.480 2.146   1.00 89.89  ? 13  DC  D "C2'" 1 
ATOM   786 C  "C1'" . DC  D 4 4  ? -3.188  -19.115 2.460   1.00 85.19  ? 13  DC  D "C1'" 1 
ATOM   787 N  N1    . DC  D 4 4  ? -4.669  -19.011 2.311   1.00 81.86  ? 13  DC  D N1    1 
ATOM   788 C  C2    . DC  D 4 4  ? -5.447  -18.517 3.369   1.00 86.06  ? 13  DC  D C2    1 
ATOM   789 O  O2    . DC  D 4 4  ? -4.903  -18.206 4.436   1.00 87.58  ? 13  DC  D O2    1 
ATOM   790 N  N3    . DC  D 4 4  ? -6.783  -18.406 3.198   1.00 85.83  ? 13  DC  D N3    1 
ATOM   791 C  C4    . DC  D 4 4  ? -7.342  -18.748 2.039   1.00 85.22  ? 13  DC  D C4    1 
ATOM   792 N  N4    . DC  D 4 4  ? -8.663  -18.605 1.925   1.00 84.82  ? 13  DC  D N4    1 
ATOM   793 C  C5    . DC  D 4 4  ? -6.571  -19.238 0.946   1.00 81.50  ? 13  DC  D C5    1 
ATOM   794 C  C6    . DC  D 4 4  ? -5.250  -19.347 1.125   1.00 84.67  ? 13  DC  D C6    1 
ATOM   795 P  P     . DT  D 4 5  ? 0.218   -21.346 3.599   1.00 97.52  ? 14  DT  D P     1 
ATOM   796 O  OP1   . DT  D 4 5  ? 1.645   -21.126 3.924   1.00 105.97 ? 14  DT  D OP1   1 
ATOM   797 O  OP2   . DT  D 4 5  ? -0.167  -22.499 2.750   1.00 91.92  ? 14  DT  D OP2   1 
ATOM   798 O  "O5'" . DT  D 4 5  ? -0.612  -21.363 4.964   1.00 83.00  ? 14  DT  D "O5'" 1 
ATOM   799 C  "C5'" . DT  D 4 5  ? -0.981  -20.135 5.563   1.00 89.06  ? 14  DT  D "C5'" 1 
ATOM   800 C  "C4'" . DT  D 4 5  ? -1.643  -20.362 6.906   1.00 97.84  ? 14  DT  D "C4'" 1 
ATOM   801 O  "O4'" . DT  D 4 5  ? -3.082  -20.162 6.806   1.00 103.00 ? 14  DT  D "O4'" 1 
ATOM   802 C  "C3'" . DT  D 4 5  ? -1.462  -21.748 7.486   1.00 97.69  ? 14  DT  D "C3'" 1 
ATOM   803 O  "O3'" . DT  D 4 5  ? -1.393  -21.634 8.876   1.00 103.69 ? 14  DT  D "O3'" 1 
ATOM   804 C  "C2'" . DT  D 4 5  ? -2.739  -22.466 7.044   1.00 98.00  ? 14  DT  D "C2'" 1 
ATOM   805 C  "C1'" . DT  D 4 5  ? -3.766  -21.351 7.164   1.00 95.01  ? 14  DT  D "C1'" 1 
ATOM   806 N  N1    . DT  D 4 5  ? -4.944  -21.492 6.240   1.00 97.90  ? 14  DT  D N1    1 
ATOM   807 C  C2    . DT  D 4 5  ? -6.174  -20.999 6.631   1.00 91.29  ? 14  DT  D C2    1 
ATOM   808 O  O2    . DT  D 4 5  ? -6.370  -20.473 7.712   1.00 84.26  ? 14  DT  D O2    1 
ATOM   809 N  N3    . DT  D 4 5  ? -7.172  -21.160 5.707   1.00 90.40  ? 14  DT  D N3    1 
ATOM   810 C  C4    . DT  D 4 5  ? -7.069  -21.735 4.455   1.00 91.20  ? 14  DT  D C4    1 
ATOM   811 O  O4    . DT  D 4 5  ? -8.026  -21.829 3.692   1.00 92.15  ? 14  DT  D O4    1 
ATOM   812 C  C5    . DT  D 4 5  ? -5.761  -22.222 4.102   1.00 89.30  ? 14  DT  D C5    1 
ATOM   813 C  C7    . DT  D 4 5  ? -5.540  -22.864 2.764   1.00 87.53  ? 14  DT  D C7    1 
ATOM   814 C  C6    . DT  D 4 5  ? -4.768  -22.076 4.997   1.00 89.12  ? 14  DT  D C6    1 
ATOM   815 P  P     . DG  D 4 6  ? -0.820  -22.838 9.756   1.00 113.17 ? 15  DG  D P     1 
ATOM   816 O  OP1   . DG  D 4 6  ? 0.153   -22.249 10.706  1.00 116.73 ? 15  DG  D OP1   1 
ATOM   817 O  OP2   . DG  D 4 6  ? -0.417  -23.917 8.824   1.00 98.65  ? 15  DG  D OP2   1 
ATOM   818 O  "O5'" . DG  D 4 6  ? -2.087  -23.295 10.610  1.00 101.09 ? 15  DG  D "O5'" 1 
ATOM   819 C  "C5'" . DG  D 4 6  ? -2.640  -22.391 11.537  1.00 98.71  ? 15  DG  D "C5'" 1 
ATOM   820 C  "C4'" . DG  D 4 6  ? -4.068  -22.758 11.857  1.00 104.96 ? 15  DG  D "C4'" 1 
ATOM   821 O  "O4'" . DG  D 4 6  ? -4.871  -22.739 10.646  1.00 106.16 ? 15  DG  D "O4'" 1 
ATOM   822 C  "C3'" . DG  D 4 6  ? -4.255  -24.144 12.462  1.00 104.27 ? 15  DG  D "C3'" 1 
ATOM   823 O  "O3'" . DG  D 4 6  ? -5.125  -24.035 13.565  1.00 112.11 ? 15  DG  D "O3'" 1 
ATOM   824 C  "C2'" . DG  D 4 6  ? -4.889  -24.939 11.312  1.00 101.57 ? 15  DG  D "C2'" 1 
ATOM   825 C  "C1'" . DG  D 4 6  ? -5.717  -23.858 10.656  1.00 97.46  ? 15  DG  D "C1'" 1 
ATOM   826 N  N9    . DG  D 4 6  ? -6.126  -24.154 9.282   1.00 98.67  ? 15  DG  D N9    1 
ATOM   827 C  C8    . DG  D 4 6  ? -5.396  -24.813 8.320   1.00 95.68  ? 15  DG  D C8    1 
ATOM   828 N  N7    . DG  D 4 6  ? -6.020  -24.922 7.174   1.00 94.55  ? 15  DG  D N7    1 
ATOM   829 C  C5    . DG  D 4 6  ? -7.243  -24.287 7.388   1.00 100.81 ? 15  DG  D C5    1 
ATOM   830 C  C6    . DG  D 4 6  ? -8.338  -24.085 6.504   1.00 97.23  ? 15  DG  D C6    1 
ATOM   831 O  O6    . DG  D 4 6  ? -8.447  -24.440 5.323   1.00 97.07  ? 15  DG  D O6    1 
ATOM   832 N  N1    . DG  D 4 6  ? -9.383  -23.397 7.120   1.00 95.92  ? 15  DG  D N1    1 
ATOM   833 C  C2    . DG  D 4 6  ? -9.372  -22.955 8.423   1.00 100.55 ? 15  DG  D C2    1 
ATOM   834 N  N2    . DG  D 4 6  ? -10.471 -22.305 8.845   1.00 103.98 ? 15  DG  D N2    1 
ATOM   835 N  N3    . DG  D 4 6  ? -8.352  -23.138 9.262   1.00 98.15  ? 15  DG  D N3    1 
ATOM   836 C  C4    . DG  D 4 6  ? -7.326  -23.810 8.678   1.00 99.70  ? 15  DG  D C4    1 
ATOM   837 P  P     . DC  D 4 7  ? -4.976  -25.002 14.838  1.00 123.13 ? 16  DC  D P     1 
ATOM   838 O  OP1   . DC  D 4 7  ? -4.893  -24.150 16.047  1.00 124.31 ? 16  DC  D OP1   1 
ATOM   839 O  OP2   . DC  D 4 7  ? -3.858  -25.930 14.572  1.00 109.47 ? 16  DC  D OP2   1 
ATOM   840 O  "O5'" . DC  D 4 7  ? -6.383  -25.785 14.870  1.00 121.85 ? 16  DC  D "O5'" 1 
ATOM   841 C  "C5'" . DC  D 4 7  ? -6.911  -26.380 13.663  1.00 124.26 ? 16  DC  D "C5'" 1 
ATOM   842 C  "C4'" . DC  D 4 7  ? -8.257  -25.779 13.261  1.00 125.06 ? 16  DC  D "C4'" 1 
ATOM   843 O  "O4'" . DC  D 4 7  ? -8.299  -25.571 11.813  1.00 117.45 ? 16  DC  D "O4'" 1 
ATOM   844 C  "C3'" . DC  D 4 7  ? -9.475  -26.650 13.581  1.00 128.54 ? 16  DC  D "C3'" 1 
ATOM   845 O  "O3'" . DC  D 4 7  ? -10.574 -25.824 13.963  1.00 130.78 ? 16  DC  D "O3'" 1 
ATOM   846 C  "C2'" . DC  D 4 7  ? -9.741  -27.348 12.251  1.00 116.96 ? 16  DC  D "C2'" 1 
ATOM   847 C  "C1'" . DC  D 4 7  ? -9.437  -26.219 11.283  1.00 111.43 ? 16  DC  D "C1'" 1 
ATOM   848 N  N1    . DC  D 4 7  ? -9.143  -26.677 9.884   1.00 106.24 ? 16  DC  D N1    1 
ATOM   849 C  C2    . DC  D 4 7  ? -10.109 -26.507 8.881   1.00 107.68 ? 16  DC  D C2    1 
ATOM   850 O  O2    . DC  D 4 7  ? -11.191 -25.981 9.173   1.00 108.13 ? 16  DC  D O2    1 
ATOM   851 N  N3    . DC  D 4 7  ? -9.829  -26.926 7.618   1.00 105.45 ? 16  DC  D N3    1 
ATOM   852 C  C4    . DC  D 4 7  ? -8.650  -27.490 7.349   1.00 101.07 ? 16  DC  D C4    1 
ATOM   853 N  N4    . DC  D 4 7  ? -8.416  -27.887 6.094   1.00 96.28  ? 16  DC  D N4    1 
ATOM   854 C  C5    . DC  D 4 7  ? -7.659  -27.673 8.356   1.00 102.71 ? 16  DC  D C5    1 
ATOM   855 C  C6    . DC  D 4 7  ? -7.944  -27.258 9.597   1.00 105.41 ? 16  DC  D C6    1 
HETATM 856 AS AS    . CAC E 5 .  ? 4.809   -0.113  0.620   1.00 157.85 ? 101 CAC B AS    1 
# 
loop_
_pdbx_poly_seq_scheme.asym_id 
_pdbx_poly_seq_scheme.entity_id 
_pdbx_poly_seq_scheme.seq_id 
_pdbx_poly_seq_scheme.mon_id 
_pdbx_poly_seq_scheme.ndb_seq_num 
_pdbx_poly_seq_scheme.pdb_seq_num 
_pdbx_poly_seq_scheme.auth_seq_num 
_pdbx_poly_seq_scheme.pdb_mon_id 
_pdbx_poly_seq_scheme.auth_mon_id 
_pdbx_poly_seq_scheme.pdb_strand_id 
_pdbx_poly_seq_scheme.pdb_ins_code 
_pdbx_poly_seq_scheme.hetero 
A 1 1  DG 1  1  1  DG DG A . n 
A 1 2  DA 2  2  2  DA DA A . n 
A 1 3  DG 3  3  3  DG DG A . n 
A 1 4  DC 4  4  4  DC DC A . n 
A 1 5  DA 5  5  5  DA DA A . n 
A 1 6  DG 6  6  6  DG DG A . n 
A 1 7  DA 7  7  7  DA DA A . n 
A 1 8  DC 8  8  8  DC DC A . n 
A 1 9  DC 9  9  9  DC DC A . n 
A 1 10 DT 10 10 10 DT DT A . n 
A 1 11 DG 11 11 11 DG DG A . n 
A 1 12 DA 12 12 12 DA DA A . n 
A 1 13 DC 13 13 13 DC DC A . n 
A 1 14 DT 14 14 14 DT DT A . n 
A 1 15 DC 15 15 15 DC DC A . n 
A 1 16 DC 16 16 16 DC DC A . n 
A 1 17 DA 17 17 17 DA DA A . n 
A 1 18 DC 18 18 18 DC DC A . n 
A 1 19 DT 19 19 19 DT DT A . n 
A 1 20 DC 20 20 20 DC DC A . n 
A 1 21 DA 21 21 21 DA DA A . n 
B 2 1  DA 1  1  1  DA DA B . n 
B 2 2  DG 2  2  2  DG DG B . n 
B 2 3  DT 3  3  3  DT DT B . n 
B 2 4  DC 4  4  4  DC DC B . n 
B 2 5  DA 5  5  5  DA DA B . n 
C 3 1  DT 1  1  1  DT DT C . n 
C 3 2  DC 2  2  2  DC DC C . n 
C 3 3  DT 3  3  3  DT DT C . n 
C 3 4  DG 4  4  4  DG DG C . n 
C 3 5  DA 5  5  5  DA DA C . n 
C 3 6  DG 6  6  6  DG DG C . n 
C 3 7  DT 7  7  7  DT DT C . n 
C 3 8  DG 8  8  8  DG DG C . n 
C 3 9  DG 9  9  9  DG DG C . n 
D 4 1  DG 1  10 10 DG DG D . n 
D 4 2  DG 2  11 11 DG DG D . n 
D 4 3  DT 3  12 12 DT DT D . n 
D 4 4  DC 4  13 13 DC DC D . n 
D 4 5  DT 5  14 14 DT DT D . n 
D 4 6  DG 6  15 15 DG DG D . n 
D 4 7  DC 7  16 16 DC DC D . n 
# 
_pdbx_nonpoly_scheme.asym_id         E 
_pdbx_nonpoly_scheme.entity_id       5 
_pdbx_nonpoly_scheme.mon_id          CAC 
_pdbx_nonpoly_scheme.ndb_seq_num     1 
_pdbx_nonpoly_scheme.pdb_seq_num     101 
_pdbx_nonpoly_scheme.auth_seq_num    1 
_pdbx_nonpoly_scheme.pdb_mon_id      CAC 
_pdbx_nonpoly_scheme.auth_mon_id     AS 
_pdbx_nonpoly_scheme.pdb_strand_id   B 
_pdbx_nonpoly_scheme.pdb_ins_code    . 
# 
_pdbx_struct_assembly.id                   1 
_pdbx_struct_assembly.details              author_and_software_defined_assembly 
_pdbx_struct_assembly.method_details       PISA 
_pdbx_struct_assembly.oligomeric_details   tetrameric 
_pdbx_struct_assembly.oligomeric_count     4 
# 
_pdbx_struct_assembly_gen.assembly_id       1 
_pdbx_struct_assembly_gen.oper_expression   1 
_pdbx_struct_assembly_gen.asym_id_list      A,B,C,D,E 
# 
loop_
_pdbx_struct_assembly_prop.biol_id 
_pdbx_struct_assembly_prop.type 
_pdbx_struct_assembly_prop.value 
_pdbx_struct_assembly_prop.details 
1 'ABSA (A^2)' 2410 ? 
1 MORE         -8   ? 
1 'SSA (A^2)'  7740 ? 
# 
_pdbx_struct_oper_list.id                   1 
_pdbx_struct_oper_list.type                 'identity operation' 
_pdbx_struct_oper_list.name                 1_555 
_pdbx_struct_oper_list.symmetry_operation   x,y,z 
_pdbx_struct_oper_list.matrix[1][1]         1.0000000000 
_pdbx_struct_oper_list.matrix[1][2]         0.0000000000 
_pdbx_struct_oper_list.matrix[1][3]         0.0000000000 
_pdbx_struct_oper_list.vector[1]            0.0000000000 
_pdbx_struct_oper_list.matrix[2][1]         0.0000000000 
_pdbx_struct_oper_list.matrix[2][2]         1.0000000000 
_pdbx_struct_oper_list.matrix[2][3]         0.0000000000 
_pdbx_struct_oper_list.vector[2]            0.0000000000 
_pdbx_struct_oper_list.matrix[3][1]         0.0000000000 
_pdbx_struct_oper_list.matrix[3][2]         0.0000000000 
_pdbx_struct_oper_list.matrix[3][3]         1.0000000000 
_pdbx_struct_oper_list.vector[3]            0.0000000000 
# 
loop_
_pdbx_audit_revision_history.ordinal 
_pdbx_audit_revision_history.data_content_type 
_pdbx_audit_revision_history.major_revision 
_pdbx_audit_revision_history.minor_revision 
_pdbx_audit_revision_history.revision_date 
1 'Structure model' 1 0 2021-07-14 
2 'Structure model' 1 1 2022-07-06 
3 'Structure model' 1 2 2023-10-18 
# 
_pdbx_audit_revision_details.ordinal             1 
_pdbx_audit_revision_details.revision_ordinal    1 
_pdbx_audit_revision_details.data_content_type   'Structure model' 
_pdbx_audit_revision_details.provider            repository 
_pdbx_audit_revision_details.type                'Initial release' 
_pdbx_audit_revision_details.description         ? 
_pdbx_audit_revision_details.details             ? 
# 
loop_
_pdbx_audit_revision_group.ordinal 
_pdbx_audit_revision_group.revision_ordinal 
_pdbx_audit_revision_group.data_content_type 
_pdbx_audit_revision_group.group 
1 2 'Structure model' 'Database references'    
2 3 'Structure model' 'Data collection'        
3 3 'Structure model' 'Refinement description' 
# 
loop_
_pdbx_audit_revision_category.ordinal 
_pdbx_audit_revision_category.revision_ordinal 
_pdbx_audit_revision_category.data_content_type 
_pdbx_audit_revision_category.category 
1 2 'Structure model' citation                      
2 2 'Structure model' citation_author               
3 2 'Structure model' database_2                    
4 3 'Structure model' chem_comp_atom                
5 3 'Structure model' chem_comp_bond                
6 3 'Structure model' pdbx_initial_refinement_model 
# 
loop_
_pdbx_audit_revision_item.ordinal 
_pdbx_audit_revision_item.revision_ordinal 
_pdbx_audit_revision_item.data_content_type 
_pdbx_audit_revision_item.item 
1  2 'Structure model' '_citation.country'                   
2  2 'Structure model' '_citation.journal_abbrev'            
3  2 'Structure model' '_citation.journal_id_CSD'            
4  2 'Structure model' '_citation.journal_id_ISSN'           
5  2 'Structure model' '_citation.journal_volume'            
6  2 'Structure model' '_citation.page_first'                
7  2 'Structure model' '_citation.page_last'                 
8  2 'Structure model' '_citation.pdbx_database_id_DOI'      
9  2 'Structure model' '_citation.pdbx_database_id_PubMed'   
10 2 'Structure model' '_citation.title'                     
11 2 'Structure model' '_citation.year'                      
12 2 'Structure model' '_database_2.pdbx_DOI'                
13 2 'Structure model' '_database_2.pdbx_database_accession' 
# 
loop_
_software.citation_id 
_software.classification 
_software.compiler_name 
_software.compiler_version 
_software.contact_author 
_software.contact_author_email 
_software.date 
_software.description 
_software.dependencies 
_software.hardware 
_software.language 
_software.location 
_software.mods 
_software.name 
_software.os 
_software.os_version 
_software.type 
_software.version 
_software.pdbx_ordinal 
? 'data reduction'  ? ? ? ? ? ? ? ? ? ? ? HKL-2000    ? ? ? .           1 
? 'data scaling'    ? ? ? ? ? ? ? ? ? ? ? HKL-2000    ? ? ? .           2 
? refinement        ? ? ? ? ? ? ? ? ? ? ? PHENIX      ? ? ? 1.11.1_2575 3 
? 'data extraction' ? ? ? ? ? ? ? ? ? ? ? PDB_EXTRACT ? ? ? 3.25        4 
? phasing           ? ? ? ? ? ? ? ? ? ? ? PHASER      ? ? ? .           5 
# 
_pdbx_entry_details.entry_id                 6WSQ 
_pdbx_entry_details.has_ligand_of_interest   N 
_pdbx_entry_details.compound_details         ? 
_pdbx_entry_details.source_details           ? 
_pdbx_entry_details.nonpolymer_details       ? 
_pdbx_entry_details.sequence_details         ? 
# 
loop_
_pdbx_validate_rmsd_angle.id 
_pdbx_validate_rmsd_angle.PDB_model_num 
_pdbx_validate_rmsd_angle.auth_atom_id_1 
_pdbx_validate_rmsd_angle.auth_asym_id_1 
_pdbx_validate_rmsd_angle.auth_comp_id_1 
_pdbx_validate_rmsd_angle.auth_seq_id_1 
_pdbx_validate_rmsd_angle.PDB_ins_code_1 
_pdbx_validate_rmsd_angle.label_alt_id_1 
_pdbx_validate_rmsd_angle.auth_atom_id_2 
_pdbx_validate_rmsd_angle.auth_asym_id_2 
_pdbx_validate_rmsd_angle.auth_comp_id_2 
_pdbx_validate_rmsd_angle.auth_seq_id_2 
_pdbx_validate_rmsd_angle.PDB_ins_code_2 
_pdbx_validate_rmsd_angle.label_alt_id_2 
_pdbx_validate_rmsd_angle.auth_atom_id_3 
_pdbx_validate_rmsd_angle.auth_asym_id_3 
_pdbx_validate_rmsd_angle.auth_comp_id_3 
_pdbx_validate_rmsd_angle.auth_seq_id_3 
_pdbx_validate_rmsd_angle.PDB_ins_code_3 
_pdbx_validate_rmsd_angle.label_alt_id_3 
_pdbx_validate_rmsd_angle.angle_value 
_pdbx_validate_rmsd_angle.angle_target_value 
_pdbx_validate_rmsd_angle.angle_deviation 
_pdbx_validate_rmsd_angle.angle_standard_deviation 
_pdbx_validate_rmsd_angle.linker_flag 
1 1 "O4'" A DA 5  ? ? "C1'" A DA 5  ? ? N9 A DA 5  ? ? 110.40 108.30 2.10 0.30 N 
2 1 "O4'" A DC 8  ? ? "C1'" A DC 8  ? ? N1 A DC 8  ? ? 110.47 108.30 2.17 0.30 N 
3 1 "O4'" A DC 16 ? ? "C1'" A DC 16 ? ? N1 A DC 16 ? ? 110.29 108.30 1.99 0.30 N 
4 1 "O4'" C DC 2  ? ? "C1'" C DC 2  ? ? N1 C DC 2  ? ? 110.17 108.30 1.87 0.30 N 
5 1 "O4'" C DG 9  ? ? "C1'" C DG 9  ? ? N9 C DG 9  ? ? 111.04 108.30 2.74 0.30 N 
# 
loop_
_pdbx_unobs_or_zero_occ_atoms.id 
_pdbx_unobs_or_zero_occ_atoms.PDB_model_num 
_pdbx_unobs_or_zero_occ_atoms.polymer_flag 
_pdbx_unobs_or_zero_occ_atoms.occupancy_flag 
_pdbx_unobs_or_zero_occ_atoms.auth_asym_id 
_pdbx_unobs_or_zero_occ_atoms.auth_comp_id 
_pdbx_unobs_or_zero_occ_atoms.auth_seq_id 
_pdbx_unobs_or_zero_occ_atoms.PDB_ins_code 
_pdbx_unobs_or_zero_occ_atoms.auth_atom_id 
_pdbx_unobs_or_zero_occ_atoms.label_alt_id 
_pdbx_unobs_or_zero_occ_atoms.label_asym_id 
_pdbx_unobs_or_zero_occ_atoms.label_comp_id 
_pdbx_unobs_or_zero_occ_atoms.label_seq_id 
_pdbx_unobs_or_zero_occ_atoms.label_atom_id 
1 1 N 1 B CAC 101 ? O1 ? E CAC 1 O1 
2 1 N 1 B CAC 101 ? O2 ? E CAC 1 O2 
3 1 N 1 B CAC 101 ? C1 ? E CAC 1 C1 
4 1 N 1 B CAC 101 ? C2 ? E CAC 1 C2 
# 
loop_
_chem_comp_atom.comp_id 
_chem_comp_atom.atom_id 
_chem_comp_atom.type_symbol 
_chem_comp_atom.pdbx_aromatic_flag 
_chem_comp_atom.pdbx_stereo_config 
_chem_comp_atom.pdbx_ordinal 
CAC AS     AS N N 1   
CAC O1     O  N N 2   
CAC O2     O  N N 3   
CAC C1     C  N N 4   
CAC C2     C  N N 5   
CAC H11    H  N N 6   
CAC H12    H  N N 7   
CAC H13    H  N N 8   
CAC H21    H  N N 9   
CAC H22    H  N N 10  
CAC H23    H  N N 11  
DA  OP3    O  N N 12  
DA  P      P  N N 13  
DA  OP1    O  N N 14  
DA  OP2    O  N N 15  
DA  "O5'"  O  N N 16  
DA  "C5'"  C  N N 17  
DA  "C4'"  C  N R 18  
DA  "O4'"  O  N N 19  
DA  "C3'"  C  N S 20  
DA  "O3'"  O  N N 21  
DA  "C2'"  C  N N 22  
DA  "C1'"  C  N R 23  
DA  N9     N  Y N 24  
DA  C8     C  Y N 25  
DA  N7     N  Y N 26  
DA  C5     C  Y N 27  
DA  C6     C  Y N 28  
DA  N6     N  N N 29  
DA  N1     N  Y N 30  
DA  C2     C  Y N 31  
DA  N3     N  Y N 32  
DA  C4     C  Y N 33  
DA  HOP3   H  N N 34  
DA  HOP2   H  N N 35  
DA  "H5'"  H  N N 36  
DA  "H5''" H  N N 37  
DA  "H4'"  H  N N 38  
DA  "H3'"  H  N N 39  
DA  "HO3'" H  N N 40  
DA  "H2'"  H  N N 41  
DA  "H2''" H  N N 42  
DA  "H1'"  H  N N 43  
DA  H8     H  N N 44  
DA  H61    H  N N 45  
DA  H62    H  N N 46  
DA  H2     H  N N 47  
DC  OP3    O  N N 48  
DC  P      P  N N 49  
DC  OP1    O  N N 50  
DC  OP2    O  N N 51  
DC  "O5'"  O  N N 52  
DC  "C5'"  C  N N 53  
DC  "C4'"  C  N R 54  
DC  "O4'"  O  N N 55  
DC  "C3'"  C  N S 56  
DC  "O3'"  O  N N 57  
DC  "C2'"  C  N N 58  
DC  "C1'"  C  N R 59  
DC  N1     N  N N 60  
DC  C2     C  N N 61  
DC  O2     O  N N 62  
DC  N3     N  N N 63  
DC  C4     C  N N 64  
DC  N4     N  N N 65  
DC  C5     C  N N 66  
DC  C6     C  N N 67  
DC  HOP3   H  N N 68  
DC  HOP2   H  N N 69  
DC  "H5'"  H  N N 70  
DC  "H5''" H  N N 71  
DC  "H4'"  H  N N 72  
DC  "H3'"  H  N N 73  
DC  "HO3'" H  N N 74  
DC  "H2'"  H  N N 75  
DC  "H2''" H  N N 76  
DC  "H1'"  H  N N 77  
DC  H41    H  N N 78  
DC  H42    H  N N 79  
DC  H5     H  N N 80  
DC  H6     H  N N 81  
DG  OP3    O  N N 82  
DG  P      P  N N 83  
DG  OP1    O  N N 84  
DG  OP2    O  N N 85  
DG  "O5'"  O  N N 86  
DG  "C5'"  C  N N 87  
DG  "C4'"  C  N R 88  
DG  "O4'"  O  N N 89  
DG  "C3'"  C  N S 90  
DG  "O3'"  O  N N 91  
DG  "C2'"  C  N N 92  
DG  "C1'"  C  N R 93  
DG  N9     N  Y N 94  
DG  C8     C  Y N 95  
DG  N7     N  Y N 96  
DG  C5     C  Y N 97  
DG  C6     C  N N 98  
DG  O6     O  N N 99  
DG  N1     N  N N 100 
DG  C2     C  N N 101 
DG  N2     N  N N 102 
DG  N3     N  N N 103 
DG  C4     C  Y N 104 
DG  HOP3   H  N N 105 
DG  HOP2   H  N N 106 
DG  "H5'"  H  N N 107 
DG  "H5''" H  N N 108 
DG  "H4'"  H  N N 109 
DG  "H3'"  H  N N 110 
DG  "HO3'" H  N N 111 
DG  "H2'"  H  N N 112 
DG  "H2''" H  N N 113 
DG  "H1'"  H  N N 114 
DG  H8     H  N N 115 
DG  H1     H  N N 116 
DG  H21    H  N N 117 
DG  H22    H  N N 118 
DT  OP3    O  N N 119 
DT  P      P  N N 120 
DT  OP1    O  N N 121 
DT  OP2    O  N N 122 
DT  "O5'"  O  N N 123 
DT  "C5'"  C  N N 124 
DT  "C4'"  C  N R 125 
DT  "O4'"  O  N N 126 
DT  "C3'"  C  N S 127 
DT  "O3'"  O  N N 128 
DT  "C2'"  C  N N 129 
DT  "C1'"  C  N R 130 
DT  N1     N  N N 131 
DT  C2     C  N N 132 
DT  O2     O  N N 133 
DT  N3     N  N N 134 
DT  C4     C  N N 135 
DT  O4     O  N N 136 
DT  C5     C  N N 137 
DT  C7     C  N N 138 
DT  C6     C  N N 139 
DT  HOP3   H  N N 140 
DT  HOP2   H  N N 141 
DT  "H5'"  H  N N 142 
DT  "H5''" H  N N 143 
DT  "H4'"  H  N N 144 
DT  "H3'"  H  N N 145 
DT  "HO3'" H  N N 146 
DT  "H2'"  H  N N 147 
DT  "H2''" H  N N 148 
DT  "H1'"  H  N N 149 
DT  H3     H  N N 150 
DT  H71    H  N N 151 
DT  H72    H  N N 152 
DT  H73    H  N N 153 
DT  H6     H  N N 154 
# 
loop_
_chem_comp_bond.comp_id 
_chem_comp_bond.atom_id_1 
_chem_comp_bond.atom_id_2 
_chem_comp_bond.value_order 
_chem_comp_bond.pdbx_aromatic_flag 
_chem_comp_bond.pdbx_stereo_config 
_chem_comp_bond.pdbx_ordinal 
CAC AS    O1     doub N N 1   
CAC AS    O2     sing N N 2   
CAC AS    C1     sing N N 3   
CAC AS    C2     sing N N 4   
CAC C1    H11    sing N N 5   
CAC C1    H12    sing N N 6   
CAC C1    H13    sing N N 7   
CAC C2    H21    sing N N 8   
CAC C2    H22    sing N N 9   
CAC C2    H23    sing N N 10  
DA  OP3   P      sing N N 11  
DA  OP3   HOP3   sing N N 12  
DA  P     OP1    doub N N 13  
DA  P     OP2    sing N N 14  
DA  P     "O5'"  sing N N 15  
DA  OP2   HOP2   sing N N 16  
DA  "O5'" "C5'"  sing N N 17  
DA  "C5'" "C4'"  sing N N 18  
DA  "C5'" "H5'"  sing N N 19  
DA  "C5'" "H5''" sing N N 20  
DA  "C4'" "O4'"  sing N N 21  
DA  "C4'" "C3'"  sing N N 22  
DA  "C4'" "H4'"  sing N N 23  
DA  "O4'" "C1'"  sing N N 24  
DA  "C3'" "O3'"  sing N N 25  
DA  "C3'" "C2'"  sing N N 26  
DA  "C3'" "H3'"  sing N N 27  
DA  "O3'" "HO3'" sing N N 28  
DA  "C2'" "C1'"  sing N N 29  
DA  "C2'" "H2'"  sing N N 30  
DA  "C2'" "H2''" sing N N 31  
DA  "C1'" N9     sing N N 32  
DA  "C1'" "H1'"  sing N N 33  
DA  N9    C8     sing Y N 34  
DA  N9    C4     sing Y N 35  
DA  C8    N7     doub Y N 36  
DA  C8    H8     sing N N 37  
DA  N7    C5     sing Y N 38  
DA  C5    C6     sing Y N 39  
DA  C5    C4     doub Y N 40  
DA  C6    N6     sing N N 41  
DA  C6    N1     doub Y N 42  
DA  N6    H61    sing N N 43  
DA  N6    H62    sing N N 44  
DA  N1    C2     sing Y N 45  
DA  C2    N3     doub Y N 46  
DA  C2    H2     sing N N 47  
DA  N3    C4     sing Y N 48  
DC  OP3   P      sing N N 49  
DC  OP3   HOP3   sing N N 50  
DC  P     OP1    doub N N 51  
DC  P     OP2    sing N N 52  
DC  P     "O5'"  sing N N 53  
DC  OP2   HOP2   sing N N 54  
DC  "O5'" "C5'"  sing N N 55  
DC  "C5'" "C4'"  sing N N 56  
DC  "C5'" "H5'"  sing N N 57  
DC  "C5'" "H5''" sing N N 58  
DC  "C4'" "O4'"  sing N N 59  
DC  "C4'" "C3'"  sing N N 60  
DC  "C4'" "H4'"  sing N N 61  
DC  "O4'" "C1'"  sing N N 62  
DC  "C3'" "O3'"  sing N N 63  
DC  "C3'" "C2'"  sing N N 64  
DC  "C3'" "H3'"  sing N N 65  
DC  "O3'" "HO3'" sing N N 66  
DC  "C2'" "C1'"  sing N N 67  
DC  "C2'" "H2'"  sing N N 68  
DC  "C2'" "H2''" sing N N 69  
DC  "C1'" N1     sing N N 70  
DC  "C1'" "H1'"  sing N N 71  
DC  N1    C2     sing N N 72  
DC  N1    C6     sing N N 73  
DC  C2    O2     doub N N 74  
DC  C2    N3     sing N N 75  
DC  N3    C4     doub N N 76  
DC  C4    N4     sing N N 77  
DC  C4    C5     sing N N 78  
DC  N4    H41    sing N N 79  
DC  N4    H42    sing N N 80  
DC  C5    C6     doub N N 81  
DC  C5    H5     sing N N 82  
DC  C6    H6     sing N N 83  
DG  OP3   P      sing N N 84  
DG  OP3   HOP3   sing N N 85  
DG  P     OP1    doub N N 86  
DG  P     OP2    sing N N 87  
DG  P     "O5'"  sing N N 88  
DG  OP2   HOP2   sing N N 89  
DG  "O5'" "C5'"  sing N N 90  
DG  "C5'" "C4'"  sing N N 91  
DG  "C5'" "H5'"  sing N N 92  
DG  "C5'" "H5''" sing N N 93  
DG  "C4'" "O4'"  sing N N 94  
DG  "C4'" "C3'"  sing N N 95  
DG  "C4'" "H4'"  sing N N 96  
DG  "O4'" "C1'"  sing N N 97  
DG  "C3'" "O3'"  sing N N 98  
DG  "C3'" "C2'"  sing N N 99  
DG  "C3'" "H3'"  sing N N 100 
DG  "O3'" "HO3'" sing N N 101 
DG  "C2'" "C1'"  sing N N 102 
DG  "C2'" "H2'"  sing N N 103 
DG  "C2'" "H2''" sing N N 104 
DG  "C1'" N9     sing N N 105 
DG  "C1'" "H1'"  sing N N 106 
DG  N9    C8     sing Y N 107 
DG  N9    C4     sing Y N 108 
DG  C8    N7     doub Y N 109 
DG  C8    H8     sing N N 110 
DG  N7    C5     sing Y N 111 
DG  C5    C6     sing N N 112 
DG  C5    C4     doub Y N 113 
DG  C6    O6     doub N N 114 
DG  C6    N1     sing N N 115 
DG  N1    C2     sing N N 116 
DG  N1    H1     sing N N 117 
DG  C2    N2     sing N N 118 
DG  C2    N3     doub N N 119 
DG  N2    H21    sing N N 120 
DG  N2    H22    sing N N 121 
DG  N3    C4     sing N N 122 
DT  OP3   P      sing N N 123 
DT  OP3   HOP3   sing N N 124 
DT  P     OP1    doub N N 125 
DT  P     OP2    sing N N 126 
DT  P     "O5'"  sing N N 127 
DT  OP2   HOP2   sing N N 128 
DT  "O5'" "C5'"  sing N N 129 
DT  "C5'" "C4'"  sing N N 130 
DT  "C5'" "H5'"  sing N N 131 
DT  "C5'" "H5''" sing N N 132 
DT  "C4'" "O4'"  sing N N 133 
DT  "C4'" "C3'"  sing N N 134 
DT  "C4'" "H4'"  sing N N 135 
DT  "O4'" "C1'"  sing N N 136 
DT  "C3'" "O3'"  sing N N 137 
DT  "C3'" "C2'"  sing N N 138 
DT  "C3'" "H3'"  sing N N 139 
DT  "O3'" "HO3'" sing N N 140 
DT  "C2'" "C1'"  sing N N 141 
DT  "C2'" "H2'"  sing N N 142 
DT  "C2'" "H2''" sing N N 143 
DT  "C1'" N1     sing N N 144 
DT  "C1'" "H1'"  sing N N 145 
DT  N1    C2     sing N N 146 
DT  N1    C6     sing N N 147 
DT  C2    O2     doub N N 148 
DT  C2    N3     sing N N 149 
DT  N3    C4     sing N N 150 
DT  N3    H3     sing N N 151 
DT  C4    O4     doub N N 152 
DT  C4    C5     sing N N 153 
DT  C5    C7     sing N N 154 
DT  C5    C6     doub N N 155 
DT  C7    H71    sing N N 156 
DT  C7    H72    sing N N 157 
DT  C7    H73    sing N N 158 
DT  C6    H6     sing N N 159 
# 
loop_
_ndb_struct_conf_na.entry_id 
_ndb_struct_conf_na.feature 
6WSQ 'double helix'        
6WSQ 'a-form double helix' 
6WSQ 'b-form double helix' 
# 
loop_
_ndb_struct_na_base_pair.model_number 
_ndb_struct_na_base_pair.i_label_asym_id 
_ndb_struct_na_base_pair.i_label_comp_id 
_ndb_struct_na_base_pair.i_label_seq_id 
_ndb_struct_na_base_pair.i_symmetry 
_ndb_struct_na_base_pair.j_label_asym_id 
_ndb_struct_na_base_pair.j_label_comp_id 
_ndb_struct_na_base_pair.j_label_seq_id 
_ndb_struct_na_base_pair.j_symmetry 
_ndb_struct_na_base_pair.shear 
_ndb_struct_na_base_pair.stretch 
_ndb_struct_na_base_pair.stagger 
_ndb_struct_na_base_pair.buckle 
_ndb_struct_na_base_pair.propeller 
_ndb_struct_na_base_pair.opening 
_ndb_struct_na_base_pair.pair_number 
_ndb_struct_na_base_pair.pair_name 
_ndb_struct_na_base_pair.i_auth_asym_id 
_ndb_struct_na_base_pair.i_auth_seq_id 
_ndb_struct_na_base_pair.i_PDB_ins_code 
_ndb_struct_na_base_pair.j_auth_asym_id 
_ndb_struct_na_base_pair.j_auth_seq_id 
_ndb_struct_na_base_pair.j_PDB_ins_code 
_ndb_struct_na_base_pair.hbond_type_28 
_ndb_struct_na_base_pair.hbond_type_12 
1 A DG 3  1_555 D DC 7 1_555 -0.170 -0.120 0.405  -0.871 -3.167  0.448  1  A_DG3:DC16_D A 3  ? D 16 ? 19 1 
1 A DC 4  1_555 D DG 6 1_555 0.137  -0.027 0.201  -1.249 -3.891  -0.834 2  A_DC4:DG15_D A 4  ? D 15 ? 19 1 
1 A DA 5  1_555 D DT 5 1_555 0.219  -0.141 0.569  12.051 -6.656  -5.287 3  A_DA5:DT14_D A 5  ? D 14 ? 20 1 
1 A DG 6  1_555 D DC 4 1_555 -0.098 -0.207 0.678  11.560 -16.051 -2.131 4  A_DG6:DC13_D A 6  ? D 13 ? 19 1 
1 A DA 7  1_555 D DT 3 1_555 -0.051 -0.272 -0.135 0.820  -13.713 0.473  5  A_DA7:DT12_D A 7  ? D 12 ? 20 1 
1 A DC 8  1_555 D DG 2 1_555 0.212  -0.235 0.242  3.441  -10.759 1.526  6  A_DC8:DG11_D A 8  ? D 11 ? 19 1 
1 A DC 9  1_555 D DG 1 1_555 0.173  -0.166 0.036  -3.491 -4.260  -2.443 7  A_DC9:DG10_D A 9  ? D 10 ? 19 1 
1 A DT 10 1_555 B DA 5 1_555 -0.080 -0.194 0.278  -8.533 0.249   2.424  8  A_DT10:DA5_B A 10 ? B 5  ? 20 1 
1 A DG 11 1_555 B DC 4 1_555 -0.179 -0.181 0.408  3.787  -4.415  -0.417 9  A_DG11:DC4_B A 11 ? B 4  ? 19 1 
1 A DA 12 1_555 B DT 3 1_555 0.199  -0.253 0.685  4.229  -7.272  -6.150 10 A_DA12:DT3_B A 12 ? B 3  ? 20 1 
1 A DC 13 1_555 B DG 2 1_555 0.067  -0.319 0.775  -4.239 -11.154 -4.284 11 A_DC13:DG2_B A 13 ? B 2  ? 19 1 
1 A DT 14 1_555 B DA 1 1_555 -0.234 -0.149 0.435  -1.765 -6.540  -4.609 12 A_DT14:DA1_B A 14 ? B 1  ? 20 1 
1 A DC 15 1_555 C DG 9 1_555 0.180  -0.218 0.223  -3.192 -7.527  0.211  13 A_DC15:DG9_C A 15 ? C 9  ? 19 1 
1 A DC 16 1_555 C DG 8 1_555 0.170  -0.073 0.194  3.203  -2.250  -0.075 14 A_DC16:DG8_C A 16 ? C 8  ? 19 1 
1 A DA 17 1_555 C DT 7 1_555 -0.196 -0.370 0.595  -2.745 -4.916  -2.077 15 A_DA17:DT7_C A 17 ? C 7  ? 20 1 
1 A DC 18 1_555 C DG 6 1_555 0.119  -0.159 0.398  0.076  -4.913  -3.004 16 A_DC18:DG6_C A 18 ? C 6  ? 19 1 
1 A DT 19 1_555 C DA 5 1_555 -0.093 -0.165 0.375  -1.535 -4.543  3.337  17 A_DT19:DA5_C A 19 ? C 5  ? 20 1 
1 A DC 20 1_555 C DG 4 1_555 0.256  -0.107 0.270  4.640  -1.944  1.568  18 A_DC20:DG4_C A 20 ? C 4  ? 19 1 
1 A DA 21 1_555 C DT 3 1_555 0.186  -0.137 0.400  3.641  -8.379  -0.044 19 A_DA21:DT3_C A 21 ? C 3  ? 20 1 
# 
loop_
_ndb_struct_na_base_pair_step.model_number 
_ndb_struct_na_base_pair_step.i_label_asym_id_1 
_ndb_struct_na_base_pair_step.i_label_comp_id_1 
_ndb_struct_na_base_pair_step.i_label_seq_id_1 
_ndb_struct_na_base_pair_step.i_symmetry_1 
_ndb_struct_na_base_pair_step.j_label_asym_id_1 
_ndb_struct_na_base_pair_step.j_label_comp_id_1 
_ndb_struct_na_base_pair_step.j_label_seq_id_1 
_ndb_struct_na_base_pair_step.j_symmetry_1 
_ndb_struct_na_base_pair_step.i_label_asym_id_2 
_ndb_struct_na_base_pair_step.i_label_comp_id_2 
_ndb_struct_na_base_pair_step.i_label_seq_id_2 
_ndb_struct_na_base_pair_step.i_symmetry_2 
_ndb_struct_na_base_pair_step.j_label_asym_id_2 
_ndb_struct_na_base_pair_step.j_label_comp_id_2 
_ndb_struct_na_base_pair_step.j_label_seq_id_2 
_ndb_struct_na_base_pair_step.j_symmetry_2 
_ndb_struct_na_base_pair_step.shift 
_ndb_struct_na_base_pair_step.slide 
_ndb_struct_na_base_pair_step.rise 
_ndb_struct_na_base_pair_step.tilt 
_ndb_struct_na_base_pair_step.roll 
_ndb_struct_na_base_pair_step.twist 
_ndb_struct_na_base_pair_step.x_displacement 
_ndb_struct_na_base_pair_step.y_displacement 
_ndb_struct_na_base_pair_step.helical_rise 
_ndb_struct_na_base_pair_step.inclination 
_ndb_struct_na_base_pair_step.tip 
_ndb_struct_na_base_pair_step.helical_twist 
_ndb_struct_na_base_pair_step.step_number 
_ndb_struct_na_base_pair_step.step_name 
_ndb_struct_na_base_pair_step.i_auth_asym_id_1 
_ndb_struct_na_base_pair_step.i_auth_seq_id_1 
_ndb_struct_na_base_pair_step.i_PDB_ins_code_1 
_ndb_struct_na_base_pair_step.j_auth_asym_id_1 
_ndb_struct_na_base_pair_step.j_auth_seq_id_1 
_ndb_struct_na_base_pair_step.j_PDB_ins_code_1 
_ndb_struct_na_base_pair_step.i_auth_asym_id_2 
_ndb_struct_na_base_pair_step.i_auth_seq_id_2 
_ndb_struct_na_base_pair_step.i_PDB_ins_code_2 
_ndb_struct_na_base_pair_step.j_auth_asym_id_2 
_ndb_struct_na_base_pair_step.j_auth_seq_id_2 
_ndb_struct_na_base_pair_step.j_PDB_ins_code_2 
1 A DG 3  1_555 D DC 7 1_555 A DC 4  1_555 D DG 6 1_555 -1.126 -0.845 3.244 -1.303 4.113  28.709 -2.575 1.965  3.142 8.237  2.608  
29.025 1  AA_DG3DC4:DG15DC16_DD A 3  ? D 16 ? A 4  ? D 15 ? 
1 A DC 4  1_555 D DG 6 1_555 A DA 5  1_555 D DT 5 1_555 -0.599 0.827  3.051 -2.801 4.343  31.068 0.746  0.602  3.175 8.038  5.185  
31.485 2  AA_DC4DA5:DT14DG15_DD A 4  ? D 15 ? A 5  ? D 14 ? 
1 A DA 5  1_555 D DT 5 1_555 A DG 6  1_555 D DC 4 1_555 0.210  -0.009 3.283 -4.021 -1.523 34.518 0.217  -0.965 3.237 -2.554 6.743  
34.776 3  AA_DA5DG6:DC13DT14_DD A 5  ? D 14 ? A 6  ? D 13 ? 
1 A DG 6  1_555 D DC 4 1_555 A DA 7  1_555 D DT 3 1_555 0.169  -0.557 3.536 0.647  -3.575 39.747 -0.367 -0.167 3.573 -5.245 -0.949 
39.906 4  AA_DG6DA7:DT12DC13_DD A 6  ? D 13 ? A 7  ? D 12 ? 
1 A DA 7  1_555 D DT 3 1_555 A DC 8  1_555 D DG 2 1_555 0.521  -1.021 3.262 -8.312 -3.000 33.271 -1.262 -2.170 3.123 -5.127 14.208 
34.392 5  AA_DA7DC8:DG11DT12_DD A 7  ? D 12 ? A 8  ? D 11 ? 
1 A DC 8  1_555 D DG 2 1_555 A DC 9  1_555 D DG 1 1_555 -0.720 -1.553 3.429 -1.987 0.928  32.860 -2.905 0.915  3.422 1.639  3.507  
32.931 6  AA_DC8DC9:DG10DG11_DD A 8  ? D 11 ? A 9  ? D 10 ? 
1 A DC 9  1_555 D DG 1 1_555 A DT 10 1_555 B DA 5 1_555 -0.596 -1.299 3.441 -0.171 1.446  28.244 -3.009 1.178  3.375 2.960  0.351  
28.280 7  AA_DC9DT10:DA5DG10_BD A 9  ? D 10 ? A 10 ? B 5  ? 
1 A DT 10 1_555 B DA 5 1_555 A DG 11 1_555 B DC 4 1_555 -0.822 0.897  3.149 -3.282 0.813  30.819 1.524  0.919  3.239 1.523  6.152  
30.999 8  AA_DT10DG11:DC4DA5_BB A 10 ? B 5  ? A 11 ? B 4  ? 
1 A DG 11 1_555 B DC 4 1_555 A DA 12 1_555 B DT 3 1_555 0.131  -0.394 3.201 -4.003 -0.052 35.713 -0.632 -0.771 3.169 -0.085 6.502  
35.930 9  AA_DG11DA12:DT3DC4_BB A 11 ? B 4  ? A 12 ? B 3  ? 
1 A DA 12 1_555 B DT 3 1_555 A DC 13 1_555 B DG 2 1_555 0.815  -1.310 3.398 -2.094 -0.486 31.253 -2.332 -1.917 3.357 -0.900 3.882  
31.325 10 AA_DA12DC13:DG2DT3_BB A 12 ? B 3  ? A 13 ? B 2  ? 
1 A DC 13 1_555 B DG 2 1_555 A DT 14 1_555 B DA 1 1_555 -0.473 -1.351 3.113 1.666  -2.161 37.622 -1.822 0.938  3.159 -3.346 -2.580 
37.717 11 AA_DC13DT14:DA1DG2_BB A 13 ? B 2  ? A 14 ? B 1  ? 
1 A DT 14 1_555 B DA 1 1_555 A DC 15 1_555 C DG 9 1_555 -0.413 -1.043 3.131 1.253  0.747  32.085 -2.014 0.961  3.088 1.351  -2.266 
32.117 12 AA_DT14DC15:DG9DA1_CB A 14 ? B 1  ? A 15 ? C 9  ? 
1 A DC 15 1_555 C DG 9 1_555 A DC 16 1_555 C DG 8 1_555 -0.529 0.254  3.283 0.783  4.444  26.252 -0.623 1.354  3.263 9.693  -1.708 
26.630 13 AA_DC15DC16:DG8DG9_CC A 15 ? C 9  ? A 16 ? C 8  ? 
1 A DC 16 1_555 C DG 8 1_555 A DA 17 1_555 C DT 7 1_555 0.432  1.896  3.453 -0.956 -5.891 46.180 2.905  -0.629 3.192 -7.473 1.213  
46.543 14 AA_DC16DA17:DT7DG8_CC A 16 ? C 8  ? A 17 ? C 7  ? 
1 A DA 17 1_555 C DT 7 1_555 A DC 18 1_555 C DG 6 1_555 0.001  -0.693 3.271 -0.937 2.373  31.369 -1.717 -0.175 3.210 4.380  1.729  
31.470 15 AA_DA17DC18:DG6DT7_CC A 17 ? C 7  ? A 18 ? C 6  ? 
1 A DC 18 1_555 C DG 6 1_555 A DT 19 1_555 C DA 5 1_555 0.109  -0.619 3.372 2.638  0.054  31.365 -1.152 0.308  3.369 0.099  -4.869 
31.473 16 AA_DC18DT19:DA5DG6_CC A 18 ? C 6  ? A 19 ? C 5  ? 
1 A DT 19 1_555 C DA 5 1_555 A DC 20 1_555 C DG 4 1_555 0.339  0.073  3.307 3.549  4.317  37.760 -0.443 -0.062 3.313 6.626  -5.447 
38.156 17 AA_DT19DC20:DG4DA5_CC A 19 ? C 5  ? A 20 ? C 4  ? 
1 A DC 20 1_555 C DG 4 1_555 A DA 21 1_555 C DT 3 1_555 -0.001 1.491  3.416 -1.441 1.241  39.617 2.045  -0.176 3.457 1.830  2.124  
39.661 18 AA_DC20DA21:DT3DG4_CC A 20 ? C 4  ? A 21 ? C 3  ? 
# 
loop_
_pdbx_audit_support.funding_organization 
_pdbx_audit_support.country 
_pdbx_audit_support.grant_number 
_pdbx_audit_support.ordinal 
'National Science Foundation (NSF, United States)'                                         'United States' 1360635     1 
'National Institutes of Health/National Institute of General Medical Sciences (NIH/NIGMS)' 'United States' R01GM104960 2 
'National Science Foundation (NSF, United States)'                                         'United States' NSF2004250  3 
# 
_pdbx_entity_nonpoly.entity_id   5 
_pdbx_entity_nonpoly.name        'CACODYLATE ION' 
_pdbx_entity_nonpoly.comp_id     CAC 
# 
_pdbx_initial_refinement_model.id               1 
_pdbx_initial_refinement_model.entity_id_list   ? 
_pdbx_initial_refinement_model.type             'experimental model' 
_pdbx_initial_refinement_model.source_name      PDB 
_pdbx_initial_refinement_model.accession_code   5KEK 
_pdbx_initial_refinement_model.details          ? 
# 
_pdbx_struct_assembly_auth_evidence.id                     1 
_pdbx_struct_assembly_auth_evidence.assembly_id            1 
_pdbx_struct_assembly_auth_evidence.experimental_support   none 
_pdbx_struct_assembly_auth_evidence.details                ? 
# 
